data_1F8A
# 
_entry.id   1F8A 
# 
_audit_conform.dict_name       mmcif_pdbx.dic 
_audit_conform.dict_version    5.397 
_audit_conform.dict_location   http://mmcif.pdb.org/dictionaries/ascii/mmcif_pdbx.dic 
# 
loop_
_database_2.database_id 
_database_2.database_code 
_database_2.pdbx_database_accession 
_database_2.pdbx_DOI 
PDB   1F8A         pdb_00001f8a 10.2210/pdb1f8a/pdb 
RCSB  RCSB011365   ?            ?                   
WWPDB D_1000011365 ?            ?                   
# 
loop_
_pdbx_audit_revision_history.ordinal 
_pdbx_audit_revision_history.data_content_type 
_pdbx_audit_revision_history.major_revision 
_pdbx_audit_revision_history.minor_revision 
_pdbx_audit_revision_history.revision_date 
1 'Structure model' 1 0 2000-08-23 
2 'Structure model' 1 1 2008-04-27 
3 'Structure model' 1 2 2011-07-13 
4 'Structure model' 1 3 2013-05-22 
5 'Structure model' 1 4 2024-10-16 
# 
_pdbx_audit_revision_details.ordinal             1 
_pdbx_audit_revision_details.revision_ordinal    1 
_pdbx_audit_revision_details.data_content_type   'Structure model' 
_pdbx_audit_revision_details.provider            repository 
_pdbx_audit_revision_details.type                'Initial release' 
_pdbx_audit_revision_details.description         ? 
_pdbx_audit_revision_details.details             ? 
# 
loop_
_pdbx_audit_revision_group.ordinal 
_pdbx_audit_revision_group.revision_ordinal 
_pdbx_audit_revision_group.data_content_type 
_pdbx_audit_revision_group.group 
1 2 'Structure model' 'Version format compliance' 
2 3 'Structure model' 'Version format compliance' 
3 4 'Structure model' 'Derived calculations'      
4 5 'Structure model' 'Data collection'           
5 5 'Structure model' 'Database references'       
6 5 'Structure model' 'Derived calculations'      
7 5 'Structure model' 'Structure summary'         
# 
loop_
_pdbx_audit_revision_category.ordinal 
_pdbx_audit_revision_category.revision_ordinal 
_pdbx_audit_revision_category.data_content_type 
_pdbx_audit_revision_category.category 
1 5 'Structure model' chem_comp_atom            
2 5 'Structure model' chem_comp_bond            
3 5 'Structure model' database_2                
4 5 'Structure model' pdbx_entry_details        
5 5 'Structure model' pdbx_modification_feature 
6 5 'Structure model' struct_conn               
7 5 'Structure model' struct_ref_seq_dif        
# 
loop_
_pdbx_audit_revision_item.ordinal 
_pdbx_audit_revision_item.revision_ordinal 
_pdbx_audit_revision_item.data_content_type 
_pdbx_audit_revision_item.item 
1 5 'Structure model' '_database_2.pdbx_DOI'                
2 5 'Structure model' '_database_2.pdbx_database_accession' 
3 5 'Structure model' '_struct_conn.pdbx_leaving_atom_flag' 
4 5 'Structure model' '_struct_ref_seq_dif.details'         
# 
_pdbx_database_status.status_code                     REL 
_pdbx_database_status.entry_id                        1F8A 
_pdbx_database_status.recvd_initial_deposition_date   2000-06-29 
_pdbx_database_status.deposit_site                    RCSB 
_pdbx_database_status.process_site                    RCSB 
_pdbx_database_status.status_code_sf                  REL 
_pdbx_database_status.SG_entry                        . 
_pdbx_database_status.status_code_mr                  ? 
_pdbx_database_status.status_code_cs                  ? 
_pdbx_database_status.methods_development_category    ? 
_pdbx_database_status.pdb_format_compatible           Y 
_pdbx_database_status.status_code_nmr_data            ? 
# 
_pdbx_database_related.db_name        PDB 
_pdbx_database_related.db_id          1PIN 
_pdbx_database_related.details        '1PIN contains the same protein but not complexed' 
_pdbx_database_related.content_type   unspecified 
# 
loop_
_audit_author.name 
_audit_author.pdbx_ordinal 
'Verdecia, M.A.' 1 
'Bowman, M.E.'   2 
'Lu, K.P.'       3 
'Hunter, T.'     4 
'Noel, J.P.'     5 
# 
_citation.id                        primary 
_citation.title                     'Structural basis for phosphoserine-proline recognition by group IV WW domains.' 
_citation.journal_abbrev            Nat.Struct.Biol. 
_citation.journal_volume            7 
_citation.page_first                639 
_citation.page_last                 643 
_citation.year                      2000 
_citation.journal_id_ASTM           NSBIEW 
_citation.country                   US 
_citation.journal_id_ISSN           1072-8368 
_citation.journal_id_CSD            2024 
_citation.book_publisher            ? 
_citation.pdbx_database_id_PubMed   10932246 
_citation.pdbx_database_id_DOI      10.1038/77929 
# 
loop_
_citation_author.citation_id 
_citation_author.name 
_citation_author.ordinal 
_citation_author.identifier_ORCID 
primary 'Verdecia, M.A.' 1 ? 
primary 'Bowman, M.E.'   2 ? 
primary 'Lu, K.P.'       3 ? 
primary 'Hunter, T.'     4 ? 
primary 'Noel, J.P.'     5 ? 
# 
loop_
_entity.id 
_entity.type 
_entity.src_method 
_entity.pdbx_description 
_entity.formula_weight 
_entity.pdbx_number_of_molecules 
_entity.pdbx_ec 
_entity.pdbx_mutation 
_entity.pdbx_fragment 
_entity.details 
1 polymer man 'PEPTIDYL-PROLYL CIS-TRANS ISOMERASE NIMA-INTERACTING 1' 18610.641 1   5.2.1.8 ? ? ? 
2 polymer syn 'Y(SEP)PT(SEP)S PEPTIDE'                                 897.714   1   ?       ? ? ? 
3 water   nat water                                                    18.015    152 ?       ? ? ? 
# 
_entity_name_com.entity_id   1 
_entity_name_com.name        PIN1 
# 
loop_
_entity_poly.entity_id 
_entity_poly.type 
_entity_poly.nstd_linkage 
_entity_poly.nstd_monomer 
_entity_poly.pdbx_seq_one_letter_code 
_entity_poly.pdbx_seq_one_letter_code_can 
_entity_poly.pdbx_strand_id 
_entity_poly.pdbx_target_identifier 
1 'polypeptide(L)' no no  
;GSHGMADEEKLPPGWEKRMSRSSGRVYYFNHITNASQWERPSGNSSSGGKNGQGEPARVRCSHLLVKHSQSRRPSSWRQE
KITRTKEEALELINGYIQKIKSGEEDFESLASQFSDCSSAKARGDLGAFSRGQMQKPFEDASFALRTGEMSGPVFTDSGI
HIILRTE
;
;GSHGMADEEKLPPGWEKRMSRSSGRVYYFNHITNASQWERPSGNSSSGGKNGQGEPARVRCSHLLVKHSQSRRPSSWRQE
KITRTKEEALELINGYIQKIKSGEEDFESLASQFSDCSSAKARGDLGAFSRGQMQKPFEDASFALRTGEMSGPVFTDSGI
HIILRTE
;
B ? 
2 'polypeptide(L)' no yes 'Y(SEP)PT(SEP)PS' YSPTSPS C ? 
# 
_pdbx_entity_nonpoly.entity_id   3 
_pdbx_entity_nonpoly.name        water 
_pdbx_entity_nonpoly.comp_id     HOH 
# 
loop_
_entity_poly_seq.entity_id 
_entity_poly_seq.num 
_entity_poly_seq.mon_id 
_entity_poly_seq.hetero 
1 1   GLY n 
1 2   SER n 
1 3   HIS n 
1 4   GLY n 
1 5   MET n 
1 6   ALA n 
1 7   ASP n 
1 8   GLU n 
1 9   GLU n 
1 10  LYS n 
1 11  LEU n 
1 12  PRO n 
1 13  PRO n 
1 14  GLY n 
1 15  TRP n 
1 16  GLU n 
1 17  LYS n 
1 18  ARG n 
1 19  MET n 
1 20  SER n 
1 21  ARG n 
1 22  SER n 
1 23  SER n 
1 24  GLY n 
1 25  ARG n 
1 26  VAL n 
1 27  TYR n 
1 28  TYR n 
1 29  PHE n 
1 30  ASN n 
1 31  HIS n 
1 32  ILE n 
1 33  THR n 
1 34  ASN n 
1 35  ALA n 
1 36  SER n 
1 37  GLN n 
1 38  TRP n 
1 39  GLU n 
1 40  ARG n 
1 41  PRO n 
1 42  SER n 
1 43  GLY n 
1 44  ASN n 
1 45  SER n 
1 46  SER n 
1 47  SER n 
1 48  GLY n 
1 49  GLY n 
1 50  LYS n 
1 51  ASN n 
1 52  GLY n 
1 53  GLN n 
1 54  GLY n 
1 55  GLU n 
1 56  PRO n 
1 57  ALA n 
1 58  ARG n 
1 59  VAL n 
1 60  ARG n 
1 61  CYS n 
1 62  SER n 
1 63  HIS n 
1 64  LEU n 
1 65  LEU n 
1 66  VAL n 
1 67  LYS n 
1 68  HIS n 
1 69  SER n 
1 70  GLN n 
1 71  SER n 
1 72  ARG n 
1 73  ARG n 
1 74  PRO n 
1 75  SER n 
1 76  SER n 
1 77  TRP n 
1 78  ARG n 
1 79  GLN n 
1 80  GLU n 
1 81  LYS n 
1 82  ILE n 
1 83  THR n 
1 84  ARG n 
1 85  THR n 
1 86  LYS n 
1 87  GLU n 
1 88  GLU n 
1 89  ALA n 
1 90  LEU n 
1 91  GLU n 
1 92  LEU n 
1 93  ILE n 
1 94  ASN n 
1 95  GLY n 
1 96  TYR n 
1 97  ILE n 
1 98  GLN n 
1 99  LYS n 
1 100 ILE n 
1 101 LYS n 
1 102 SER n 
1 103 GLY n 
1 104 GLU n 
1 105 GLU n 
1 106 ASP n 
1 107 PHE n 
1 108 GLU n 
1 109 SER n 
1 110 LEU n 
1 111 ALA n 
1 112 SER n 
1 113 GLN n 
1 114 PHE n 
1 115 SER n 
1 116 ASP n 
1 117 CYS n 
1 118 SER n 
1 119 SER n 
1 120 ALA n 
1 121 LYS n 
1 122 ALA n 
1 123 ARG n 
1 124 GLY n 
1 125 ASP n 
1 126 LEU n 
1 127 GLY n 
1 128 ALA n 
1 129 PHE n 
1 130 SER n 
1 131 ARG n 
1 132 GLY n 
1 133 GLN n 
1 134 MET n 
1 135 GLN n 
1 136 LYS n 
1 137 PRO n 
1 138 PHE n 
1 139 GLU n 
1 140 ASP n 
1 141 ALA n 
1 142 SER n 
1 143 PHE n 
1 144 ALA n 
1 145 LEU n 
1 146 ARG n 
1 147 THR n 
1 148 GLY n 
1 149 GLU n 
1 150 MET n 
1 151 SER n 
1 152 GLY n 
1 153 PRO n 
1 154 VAL n 
1 155 PHE n 
1 156 THR n 
1 157 ASP n 
1 158 SER n 
1 159 GLY n 
1 160 ILE n 
1 161 HIS n 
1 162 ILE n 
1 163 ILE n 
1 164 LEU n 
1 165 ARG n 
1 166 THR n 
1 167 GLU n 
2 1   TYR n 
2 2   SEP n 
2 3   PRO n 
2 4   THR n 
2 5   SEP n 
2 6   PRO n 
2 7   SER n 
# 
_entity_src_gen.entity_id                          1 
_entity_src_gen.pdbx_src_id                        1 
_entity_src_gen.pdbx_alt_source_flag               sample 
_entity_src_gen.pdbx_seq_type                      ? 
_entity_src_gen.pdbx_beg_seq_num                   ? 
_entity_src_gen.pdbx_end_seq_num                   ? 
_entity_src_gen.gene_src_common_name               human 
_entity_src_gen.gene_src_genus                     Homo 
_entity_src_gen.pdbx_gene_src_gene                 ? 
_entity_src_gen.gene_src_species                   ? 
_entity_src_gen.gene_src_strain                    ? 
_entity_src_gen.gene_src_tissue                    ? 
_entity_src_gen.gene_src_tissue_fraction           ? 
_entity_src_gen.gene_src_details                   ? 
_entity_src_gen.pdbx_gene_src_fragment             ? 
_entity_src_gen.pdbx_gene_src_scientific_name      'Homo sapiens' 
_entity_src_gen.pdbx_gene_src_ncbi_taxonomy_id     9606 
_entity_src_gen.pdbx_gene_src_variant              ? 
_entity_src_gen.pdbx_gene_src_cell_line            ? 
_entity_src_gen.pdbx_gene_src_atcc                 ? 
_entity_src_gen.pdbx_gene_src_organ                ? 
_entity_src_gen.pdbx_gene_src_organelle            ? 
_entity_src_gen.pdbx_gene_src_cell                 ? 
_entity_src_gen.pdbx_gene_src_cellular_location    ? 
_entity_src_gen.host_org_common_name               ? 
_entity_src_gen.pdbx_host_org_scientific_name      'Escherichia coli' 
_entity_src_gen.pdbx_host_org_ncbi_taxonomy_id     562 
_entity_src_gen.host_org_genus                     Escherichia 
_entity_src_gen.pdbx_host_org_gene                 ? 
_entity_src_gen.pdbx_host_org_organ                ? 
_entity_src_gen.host_org_species                   ? 
_entity_src_gen.pdbx_host_org_tissue               ? 
_entity_src_gen.pdbx_host_org_tissue_fraction      ? 
_entity_src_gen.pdbx_host_org_strain               ? 
_entity_src_gen.pdbx_host_org_variant              ? 
_entity_src_gen.pdbx_host_org_cell_line            ? 
_entity_src_gen.pdbx_host_org_atcc                 ? 
_entity_src_gen.pdbx_host_org_culture_collection   ? 
_entity_src_gen.pdbx_host_org_cell                 ? 
_entity_src_gen.pdbx_host_org_organelle            ? 
_entity_src_gen.pdbx_host_org_cellular_location    ? 
_entity_src_gen.pdbx_host_org_vector_type          ? 
_entity_src_gen.pdbx_host_org_vector               ? 
_entity_src_gen.host_org_details                   ? 
_entity_src_gen.expression_system_id               ? 
_entity_src_gen.plasmid_name                       ? 
_entity_src_gen.plasmid_details                    ? 
_entity_src_gen.pdbx_description                   ? 
# 
_pdbx_entity_src_syn.entity_id              2 
_pdbx_entity_src_syn.pdbx_src_id            1 
_pdbx_entity_src_syn.pdbx_alt_source_flag   sample 
_pdbx_entity_src_syn.pdbx_beg_seq_num       ? 
_pdbx_entity_src_syn.pdbx_end_seq_num       ? 
_pdbx_entity_src_syn.organism_scientific    ? 
_pdbx_entity_src_syn.organism_common_name   ? 
_pdbx_entity_src_syn.ncbi_taxonomy_id       ? 
_pdbx_entity_src_syn.details                'SOLID-PHASE PEPTIDE SYNTHESIS' 
# 
loop_
_chem_comp.id 
_chem_comp.type 
_chem_comp.mon_nstd_flag 
_chem_comp.name 
_chem_comp.pdbx_synonyms 
_chem_comp.formula 
_chem_comp.formula_weight 
ALA 'L-peptide linking' y ALANINE         ?               'C3 H7 N O2'     89.093  
ARG 'L-peptide linking' y ARGININE        ?               'C6 H15 N4 O2 1' 175.209 
ASN 'L-peptide linking' y ASPARAGINE      ?               'C4 H8 N2 O3'    132.118 
ASP 'L-peptide linking' y 'ASPARTIC ACID' ?               'C4 H7 N O4'     133.103 
CYS 'L-peptide linking' y CYSTEINE        ?               'C3 H7 N O2 S'   121.158 
GLN 'L-peptide linking' y GLUTAMINE       ?               'C5 H10 N2 O3'   146.144 
GLU 'L-peptide linking' y 'GLUTAMIC ACID' ?               'C5 H9 N O4'     147.129 
GLY 'peptide linking'   y GLYCINE         ?               'C2 H5 N O2'     75.067  
HIS 'L-peptide linking' y HISTIDINE       ?               'C6 H10 N3 O2 1' 156.162 
HOH non-polymer         . WATER           ?               'H2 O'           18.015  
ILE 'L-peptide linking' y ISOLEUCINE      ?               'C6 H13 N O2'    131.173 
LEU 'L-peptide linking' y LEUCINE         ?               'C6 H13 N O2'    131.173 
LYS 'L-peptide linking' y LYSINE          ?               'C6 H15 N2 O2 1' 147.195 
MET 'L-peptide linking' y METHIONINE      ?               'C5 H11 N O2 S'  149.211 
PHE 'L-peptide linking' y PHENYLALANINE   ?               'C9 H11 N O2'    165.189 
PRO 'L-peptide linking' y PROLINE         ?               'C5 H9 N O2'     115.130 
SEP 'L-peptide linking' n PHOSPHOSERINE   PHOSPHONOSERINE 'C3 H8 N O6 P'   185.072 
SER 'L-peptide linking' y SERINE          ?               'C3 H7 N O3'     105.093 
THR 'L-peptide linking' y THREONINE       ?               'C4 H9 N O3'     119.119 
TRP 'L-peptide linking' y TRYPTOPHAN      ?               'C11 H12 N2 O2'  204.225 
TYR 'L-peptide linking' y TYROSINE        ?               'C9 H11 N O3'    181.189 
VAL 'L-peptide linking' y VALINE          ?               'C5 H11 N O2'    117.146 
# 
loop_
_pdbx_poly_seq_scheme.asym_id 
_pdbx_poly_seq_scheme.entity_id 
_pdbx_poly_seq_scheme.seq_id 
_pdbx_poly_seq_scheme.mon_id 
_pdbx_poly_seq_scheme.ndb_seq_num 
_pdbx_poly_seq_scheme.pdb_seq_num 
_pdbx_poly_seq_scheme.auth_seq_num 
_pdbx_poly_seq_scheme.pdb_mon_id 
_pdbx_poly_seq_scheme.auth_mon_id 
_pdbx_poly_seq_scheme.pdb_strand_id 
_pdbx_poly_seq_scheme.pdb_ins_code 
_pdbx_poly_seq_scheme.hetero 
A 1 1   GLY 1   1   1   GLY GLY B . n 
A 1 2   SER 2   2   2   SER SER B . n 
A 1 3   HIS 3   3   3   HIS HIS B . n 
A 1 4   GLY 4   4   4   GLY GLY B . n 
A 1 5   MET 5   5   5   MET MET B . n 
A 1 6   ALA 6   6   6   ALA ALA B . n 
A 1 7   ASP 7   7   7   ASP ASP B . n 
A 1 8   GLU 8   8   8   GLU GLU B . n 
A 1 9   GLU 9   9   9   GLU GLU B . n 
A 1 10  LYS 10  10  10  LYS LYS B . n 
A 1 11  LEU 11  11  11  LEU LEU B . n 
A 1 12  PRO 12  12  12  PRO PRO B . n 
A 1 13  PRO 13  13  13  PRO PRO B . n 
A 1 14  GLY 14  14  14  GLY GLY B . n 
A 1 15  TRP 15  15  15  TRP TRP B . n 
A 1 16  GLU 16  16  16  GLU GLU B . n 
A 1 17  LYS 17  17  17  LYS LYS B . n 
A 1 18  ARG 18  18  18  ARG ARG B . n 
A 1 19  MET 19  19  19  MET MET B . n 
A 1 20  SER 20  20  20  SER SER B . n 
A 1 21  ARG 21  21  21  ARG ARG B . n 
A 1 22  SER 22  22  22  SER SER B . n 
A 1 23  SER 23  23  23  SER SER B . n 
A 1 24  GLY 24  24  24  GLY GLY B . n 
A 1 25  ARG 25  25  25  ARG ARG B . n 
A 1 26  VAL 26  26  26  VAL VAL B . n 
A 1 27  TYR 27  27  27  TYR TYR B . n 
A 1 28  TYR 28  28  28  TYR TYR B . n 
A 1 29  PHE 29  29  29  PHE PHE B . n 
A 1 30  ASN 30  30  30  ASN ASN B . n 
A 1 31  HIS 31  31  31  HIS HIS B . n 
A 1 32  ILE 32  32  32  ILE ILE B . n 
A 1 33  THR 33  33  33  THR THR B . n 
A 1 34  ASN 34  34  34  ASN ASN B . n 
A 1 35  ALA 35  35  35  ALA ALA B . n 
A 1 36  SER 36  36  36  SER SER B . n 
A 1 37  GLN 37  37  37  GLN GLN B . n 
A 1 38  TRP 38  38  38  TRP TRP B . n 
A 1 39  GLU 39  39  39  GLU GLU B . n 
A 1 40  ARG 40  40  40  ARG ARG B . n 
A 1 41  PRO 41  41  41  PRO PRO B . n 
A 1 42  SER 42  42  42  SER SER B . n 
A 1 43  GLY 43  43  ?   ?   ?   B . n 
A 1 44  ASN 44  44  ?   ?   ?   B . n 
A 1 45  SER 45  45  ?   ?   ?   B . n 
A 1 46  SER 46  46  ?   ?   ?   B . n 
A 1 47  SER 47  47  ?   ?   ?   B . n 
A 1 48  GLY 48  48  ?   ?   ?   B . n 
A 1 49  GLY 49  49  ?   ?   ?   B . n 
A 1 50  LYS 50  50  ?   ?   ?   B . n 
A 1 51  ASN 51  51  ?   ?   ?   B . n 
A 1 52  GLY 52  52  ?   ?   ?   B . n 
A 1 53  GLN 53  53  ?   ?   ?   B . n 
A 1 54  GLY 54  54  ?   ?   ?   B . n 
A 1 55  GLU 55  55  55  GLU GLU B . n 
A 1 56  PRO 56  56  56  PRO PRO B . n 
A 1 57  ALA 57  57  57  ALA ALA B . n 
A 1 58  ARG 58  58  58  ARG ARG B . n 
A 1 59  VAL 59  59  59  VAL VAL B . n 
A 1 60  ARG 60  60  60  ARG ARG B . n 
A 1 61  CYS 61  61  61  CYS CYS B . n 
A 1 62  SER 62  62  62  SER SER B . n 
A 1 63  HIS 63  63  63  HIS HIS B . n 
A 1 64  LEU 64  64  64  LEU LEU B . n 
A 1 65  LEU 65  65  65  LEU LEU B . n 
A 1 66  VAL 66  66  66  VAL VAL B . n 
A 1 67  LYS 67  67  67  LYS LYS B . n 
A 1 68  HIS 68  68  68  HIS HIS B . n 
A 1 69  SER 69  69  69  SER SER B . n 
A 1 70  GLN 70  70  70  GLN GLN B . n 
A 1 71  SER 71  71  71  SER SER B . n 
A 1 72  ARG 72  72  72  ARG ARG B . n 
A 1 73  ARG 73  73  73  ARG ARG B . n 
A 1 74  PRO 74  74  74  PRO PRO B . n 
A 1 75  SER 75  75  75  SER SER B . n 
A 1 76  SER 76  76  76  SER SER B . n 
A 1 77  TRP 77  77  77  TRP TRP B . n 
A 1 78  ARG 78  78  78  ARG ARG B . n 
A 1 79  GLN 79  79  79  GLN GLN B . n 
A 1 80  GLU 80  80  80  GLU GLU B . n 
A 1 81  LYS 81  81  81  LYS LYS B . n 
A 1 82  ILE 82  82  82  ILE ILE B . n 
A 1 83  THR 83  83  83  THR THR B . n 
A 1 84  ARG 84  84  84  ARG ARG B . n 
A 1 85  THR 85  85  85  THR THR B . n 
A 1 86  LYS 86  86  86  LYS LYS B . n 
A 1 87  GLU 87  87  87  GLU GLU B . n 
A 1 88  GLU 88  88  88  GLU GLU B . n 
A 1 89  ALA 89  89  89  ALA ALA B . n 
A 1 90  LEU 90  90  90  LEU LEU B . n 
A 1 91  GLU 91  91  91  GLU GLU B . n 
A 1 92  LEU 92  92  92  LEU LEU B . n 
A 1 93  ILE 93  93  93  ILE ILE B . n 
A 1 94  ASN 94  94  94  ASN ASN B . n 
A 1 95  GLY 95  95  95  GLY GLY B . n 
A 1 96  TYR 96  96  96  TYR TYR B . n 
A 1 97  ILE 97  97  97  ILE ILE B . n 
A 1 98  GLN 98  98  98  GLN GLN B . n 
A 1 99  LYS 99  99  99  LYS LYS B . n 
A 1 100 ILE 100 100 100 ILE ILE B . n 
A 1 101 LYS 101 101 101 LYS LYS B . n 
A 1 102 SER 102 102 102 SER SER B . n 
A 1 103 GLY 103 103 103 GLY GLY B . n 
A 1 104 GLU 104 104 104 GLU GLU B . n 
A 1 105 GLU 105 105 105 GLU GLU B . n 
A 1 106 ASP 106 106 106 ASP ASP B . n 
A 1 107 PHE 107 107 107 PHE PHE B . n 
A 1 108 GLU 108 108 108 GLU GLU B . n 
A 1 109 SER 109 109 109 SER SER B . n 
A 1 110 LEU 110 110 110 LEU LEU B . n 
A 1 111 ALA 111 111 111 ALA ALA B . n 
A 1 112 SER 112 112 112 SER SER B . n 
A 1 113 GLN 113 113 113 GLN GLN B . n 
A 1 114 PHE 114 114 114 PHE PHE B . n 
A 1 115 SER 115 115 115 SER SER B . n 
A 1 116 ASP 116 116 116 ASP ASP B . n 
A 1 117 CYS 117 117 117 CYS CYS B . n 
A 1 118 SER 118 118 118 SER SER B . n 
A 1 119 SER 119 119 119 SER SER B . n 
A 1 120 ALA 120 120 120 ALA ALA B . n 
A 1 121 LYS 121 121 121 LYS LYS B . n 
A 1 122 ALA 122 122 122 ALA ALA B . n 
A 1 123 ARG 123 123 123 ARG ARG B . n 
A 1 124 GLY 124 124 124 GLY GLY B . n 
A 1 125 ASP 125 125 125 ASP ASP B . n 
A 1 126 LEU 126 126 126 LEU LEU B . n 
A 1 127 GLY 127 127 127 GLY GLY B . n 
A 1 128 ALA 128 128 128 ALA ALA B . n 
A 1 129 PHE 129 129 129 PHE PHE B . n 
A 1 130 SER 130 130 130 SER SER B . n 
A 1 131 ARG 131 131 131 ARG ARG B . n 
A 1 132 GLY 132 132 132 GLY GLY B . n 
A 1 133 GLN 133 133 133 GLN GLN B . n 
A 1 134 MET 134 134 134 MET MET B . n 
A 1 135 GLN 135 135 135 GLN GLN B . n 
A 1 136 LYS 136 136 136 LYS LYS B . n 
A 1 137 PRO 137 137 137 PRO PRO B . n 
A 1 138 PHE 138 138 138 PHE PHE B . n 
A 1 139 GLU 139 139 139 GLU GLU B . n 
A 1 140 ASP 140 140 140 ASP ASP B . n 
A 1 141 ALA 141 141 141 ALA ALA B . n 
A 1 142 SER 142 142 142 SER SER B . n 
A 1 143 PHE 143 143 143 PHE PHE B . n 
A 1 144 ALA 144 144 144 ALA ALA B . n 
A 1 145 LEU 145 145 145 LEU LEU B . n 
A 1 146 ARG 146 146 146 ARG ARG B . n 
A 1 147 THR 147 147 147 THR THR B . n 
A 1 148 GLY 148 148 148 GLY GLY B . n 
A 1 149 GLU 149 149 149 GLU GLU B . n 
A 1 150 MET 150 150 150 MET MET B . n 
A 1 151 SER 151 151 151 SER SER B . n 
A 1 152 GLY 152 152 152 GLY GLY B . n 
A 1 153 PRO 153 153 153 PRO PRO B . n 
A 1 154 VAL 154 154 154 VAL VAL B . n 
A 1 155 PHE 155 155 155 PHE PHE B . n 
A 1 156 THR 156 156 156 THR THR B . n 
A 1 157 ASP 157 157 157 ASP ASP B . n 
A 1 158 SER 158 158 158 SER SER B . n 
A 1 159 GLY 159 159 159 GLY GLY B . n 
A 1 160 ILE 160 160 160 ILE ILE B . n 
A 1 161 HIS 161 161 161 HIS HIS B . n 
A 1 162 ILE 162 162 162 ILE ILE B . n 
A 1 163 ILE 163 163 163 ILE ILE B . n 
A 1 164 LEU 164 164 164 LEU LEU B . n 
A 1 165 ARG 165 165 165 ARG ARG B . n 
A 1 166 THR 166 166 166 THR THR B . n 
A 1 167 GLU 167 167 167 GLU GLU B . n 
B 2 1   TYR 1   170 170 TYR TYR C . n 
B 2 2   SEP 2   171 171 SEP SEP C . n 
B 2 3   PRO 3   172 172 PRO PRO C . n 
B 2 4   THR 4   173 173 THR THR C . n 
B 2 5   SEP 5   174 174 SEP SEP C . n 
B 2 6   PRO 6   175 175 PRO PRO C . n 
B 2 7   SER 7   176 176 SER SER C . n 
# 
loop_
_pdbx_nonpoly_scheme.asym_id 
_pdbx_nonpoly_scheme.entity_id 
_pdbx_nonpoly_scheme.mon_id 
_pdbx_nonpoly_scheme.ndb_seq_num 
_pdbx_nonpoly_scheme.pdb_seq_num 
_pdbx_nonpoly_scheme.auth_seq_num 
_pdbx_nonpoly_scheme.pdb_mon_id 
_pdbx_nonpoly_scheme.auth_mon_id 
_pdbx_nonpoly_scheme.pdb_strand_id 
_pdbx_nonpoly_scheme.pdb_ins_code 
C 3 HOH 1   200 200 HOH WAT B . 
C 3 HOH 2   201 201 HOH WAT B . 
C 3 HOH 3   202 202 HOH WAT B . 
C 3 HOH 4   203 203 HOH WAT B . 
C 3 HOH 5   204 204 HOH WAT B . 
C 3 HOH 6   205 205 HOH WAT B . 
C 3 HOH 7   206 206 HOH WAT B . 
C 3 HOH 8   207 207 HOH WAT B . 
C 3 HOH 9   208 208 HOH WAT B . 
C 3 HOH 10  209 209 HOH WAT B . 
C 3 HOH 11  210 210 HOH WAT B . 
C 3 HOH 12  211 211 HOH WAT B . 
C 3 HOH 13  212 212 HOH WAT B . 
C 3 HOH 14  213 213 HOH WAT B . 
C 3 HOH 15  214 214 HOH WAT B . 
C 3 HOH 16  215 215 HOH WAT B . 
C 3 HOH 17  216 216 HOH WAT B . 
C 3 HOH 18  217 217 HOH WAT B . 
C 3 HOH 19  218 218 HOH WAT B . 
C 3 HOH 20  219 219 HOH WAT B . 
C 3 HOH 21  220 220 HOH WAT B . 
C 3 HOH 22  221 221 HOH WAT B . 
C 3 HOH 23  222 222 HOH WAT B . 
C 3 HOH 24  223 223 HOH WAT B . 
C 3 HOH 25  224 224 HOH WAT B . 
C 3 HOH 26  225 225 HOH WAT B . 
C 3 HOH 27  226 226 HOH WAT B . 
C 3 HOH 28  227 227 HOH WAT B . 
C 3 HOH 29  228 228 HOH WAT B . 
C 3 HOH 30  229 229 HOH WAT B . 
C 3 HOH 31  230 230 HOH WAT B . 
C 3 HOH 32  231 231 HOH WAT B . 
C 3 HOH 33  232 232 HOH WAT B . 
C 3 HOH 34  233 233 HOH WAT B . 
C 3 HOH 35  234 234 HOH WAT B . 
C 3 HOH 36  235 235 HOH WAT B . 
C 3 HOH 37  236 236 HOH WAT B . 
C 3 HOH 38  237 237 HOH WAT B . 
C 3 HOH 39  238 238 HOH WAT B . 
C 3 HOH 40  239 239 HOH WAT B . 
C 3 HOH 41  240 240 HOH WAT B . 
C 3 HOH 42  241 241 HOH WAT B . 
C 3 HOH 43  242 242 HOH WAT B . 
C 3 HOH 44  243 243 HOH WAT B . 
C 3 HOH 45  244 244 HOH WAT B . 
C 3 HOH 46  245 245 HOH WAT B . 
C 3 HOH 47  246 246 HOH WAT B . 
C 3 HOH 48  247 247 HOH WAT B . 
C 3 HOH 49  248 248 HOH WAT B . 
C 3 HOH 50  249 249 HOH WAT B . 
C 3 HOH 51  250 250 HOH WAT B . 
C 3 HOH 52  251 251 HOH WAT B . 
C 3 HOH 53  252 252 HOH WAT B . 
C 3 HOH 54  253 253 HOH WAT B . 
C 3 HOH 55  254 254 HOH WAT B . 
C 3 HOH 56  255 255 HOH WAT B . 
C 3 HOH 57  256 256 HOH WAT B . 
C 3 HOH 58  257 257 HOH WAT B . 
C 3 HOH 59  258 258 HOH WAT B . 
C 3 HOH 60  259 259 HOH WAT B . 
C 3 HOH 61  260 260 HOH WAT B . 
C 3 HOH 62  261 261 HOH WAT B . 
C 3 HOH 63  262 262 HOH WAT B . 
C 3 HOH 64  263 263 HOH WAT B . 
C 3 HOH 65  264 264 HOH WAT B . 
C 3 HOH 66  265 265 HOH WAT B . 
C 3 HOH 67  266 266 HOH WAT B . 
C 3 HOH 68  267 267 HOH WAT B . 
C 3 HOH 69  268 268 HOH WAT B . 
C 3 HOH 70  269 269 HOH WAT B . 
C 3 HOH 71  270 270 HOH WAT B . 
C 3 HOH 72  271 271 HOH WAT B . 
C 3 HOH 73  272 272 HOH WAT B . 
C 3 HOH 74  273 273 HOH WAT B . 
C 3 HOH 75  274 274 HOH WAT B . 
C 3 HOH 76  276 276 HOH WAT B . 
C 3 HOH 77  277 277 HOH WAT B . 
C 3 HOH 78  278 278 HOH WAT B . 
C 3 HOH 79  279 279 HOH WAT B . 
C 3 HOH 80  280 280 HOH WAT B . 
C 3 HOH 81  281 281 HOH WAT B . 
C 3 HOH 82  282 282 HOH WAT B . 
C 3 HOH 83  283 283 HOH WAT B . 
C 3 HOH 84  284 284 HOH WAT B . 
C 3 HOH 85  285 285 HOH WAT B . 
C 3 HOH 86  286 286 HOH WAT B . 
C 3 HOH 87  287 287 HOH WAT B . 
C 3 HOH 88  288 288 HOH WAT B . 
C 3 HOH 89  289 289 HOH WAT B . 
C 3 HOH 90  290 290 HOH WAT B . 
C 3 HOH 91  291 291 HOH WAT B . 
C 3 HOH 92  292 292 HOH WAT B . 
C 3 HOH 93  293 293 HOH WAT B . 
C 3 HOH 94  295 295 HOH WAT B . 
C 3 HOH 95  296 296 HOH WAT B . 
C 3 HOH 96  297 297 HOH WAT B . 
C 3 HOH 97  298 298 HOH WAT B . 
C 3 HOH 98  299 299 HOH WAT B . 
C 3 HOH 99  300 300 HOH WAT B . 
C 3 HOH 100 301 301 HOH WAT B . 
C 3 HOH 101 302 302 HOH WAT B . 
C 3 HOH 102 303 303 HOH WAT B . 
C 3 HOH 103 304 304 HOH WAT B . 
C 3 HOH 104 305 305 HOH WAT B . 
C 3 HOH 105 306 306 HOH WAT B . 
C 3 HOH 106 307 307 HOH WAT B . 
C 3 HOH 107 308 308 HOH WAT B . 
C 3 HOH 108 309 309 HOH WAT B . 
C 3 HOH 109 310 310 HOH WAT B . 
C 3 HOH 110 311 311 HOH WAT B . 
C 3 HOH 111 312 312 HOH WAT B . 
C 3 HOH 112 313 313 HOH WAT B . 
C 3 HOH 113 314 314 HOH WAT B . 
C 3 HOH 114 315 315 HOH WAT B . 
C 3 HOH 115 318 318 HOH WAT B . 
C 3 HOH 116 320 320 HOH WAT B . 
C 3 HOH 117 321 321 HOH WAT B . 
C 3 HOH 118 322 322 HOH WAT B . 
C 3 HOH 119 323 323 HOH WAT B . 
C 3 HOH 120 325 325 HOH WAT B . 
C 3 HOH 121 326 326 HOH WAT B . 
C 3 HOH 122 327 327 HOH WAT B . 
C 3 HOH 123 328 328 HOH WAT B . 
C 3 HOH 124 329 329 HOH WAT B . 
C 3 HOH 125 330 330 HOH WAT B . 
C 3 HOH 126 331 331 HOH WAT B . 
C 3 HOH 127 332 332 HOH WAT B . 
C 3 HOH 128 333 333 HOH WAT B . 
C 3 HOH 129 334 334 HOH WAT B . 
C 3 HOH 130 335 335 HOH WAT B . 
C 3 HOH 131 336 336 HOH WAT B . 
C 3 HOH 132 337 337 HOH WAT B . 
C 3 HOH 133 338 338 HOH WAT B . 
C 3 HOH 134 339 339 HOH WAT B . 
C 3 HOH 135 340 340 HOH WAT B . 
C 3 HOH 136 341 341 HOH WAT B . 
C 3 HOH 137 342 342 HOH WAT B . 
C 3 HOH 138 343 343 HOH WAT B . 
C 3 HOH 139 344 344 HOH WAT B . 
C 3 HOH 140 345 345 HOH WAT B . 
C 3 HOH 141 347 347 HOH WAT B . 
C 3 HOH 142 348 348 HOH WAT B . 
C 3 HOH 143 349 349 HOH WAT B . 
C 3 HOH 144 350 350 HOH WAT B . 
C 3 HOH 145 351 351 HOH WAT B . 
D 3 HOH 1   275 275 HOH WAT C . 
D 3 HOH 2   294 294 HOH WAT C . 
D 3 HOH 3   316 316 HOH WAT C . 
D 3 HOH 4   317 317 HOH WAT C . 
D 3 HOH 5   319 319 HOH WAT C . 
D 3 HOH 6   324 324 HOH WAT C . 
D 3 HOH 7   346 346 HOH WAT C . 
# 
loop_
_software.name 
_software.classification 
_software.version 
_software.citation_id 
_software.pdbx_ordinal 
AMoRE     phasing          .   ? 1 
CNS       refinement       1.0 ? 2 
DENZO     'data reduction' .   ? 3 
SCALEPACK 'data scaling'   .   ? 4 
# 
_cell.entry_id           1F8A 
_cell.length_a           35.270 
_cell.length_b           43.903 
_cell.length_c           124.659 
_cell.angle_alpha        90.00 
_cell.angle_beta         90.00 
_cell.angle_gamma        90.00 
_cell.Z_PDB              4 
_cell.pdbx_unique_axis   ? 
_cell.length_a_esd       ? 
_cell.length_b_esd       ? 
_cell.length_c_esd       ? 
_cell.angle_alpha_esd    ? 
_cell.angle_beta_esd     ? 
_cell.angle_gamma_esd    ? 
# 
_symmetry.entry_id                         1F8A 
_symmetry.space_group_name_H-M             'P 21 21 21' 
_symmetry.pdbx_full_space_group_name_H-M   ? 
_symmetry.cell_setting                     ? 
_symmetry.Int_Tables_number                19 
_symmetry.space_group_name_Hall            ? 
# 
_exptl.entry_id          1F8A 
_exptl.method            'X-RAY DIFFRACTION' 
_exptl.crystals_number   1 
# 
_exptl_crystal.id                    1 
_exptl_crystal.density_meas          ? 
_exptl_crystal.density_percent_sol   50.25 
_exptl_crystal.density_Matthews      2.47 
_exptl_crystal.description           ? 
_exptl_crystal.F_000                 ? 
_exptl_crystal.preparation           ? 
# 
_exptl_crystal_grow.crystal_id      1 
_exptl_crystal_grow.method          'VAPOR DIFFUSION, HANGING DROP' 
_exptl_crystal_grow.pH              7.0 
_exptl_crystal_grow.temp            298.0 
_exptl_crystal_grow.temp_details    ? 
_exptl_crystal_grow.pdbx_details    
'100 mM MOPSO-Na+, 28% PEG 8000, 2 mM DTT, pH 7.0, VAPOR DIFFUSION, HANGING DROP, temperature 298.0K' 
_exptl_crystal_grow.pdbx_pH_range   . 
# 
_diffrn.id                     1 
_diffrn.ambient_temp           100 
_diffrn.ambient_temp_details   ? 
_diffrn.crystal_id             1 
# 
_diffrn_detector.diffrn_id              1 
_diffrn_detector.detector               'IMAGE PLATE' 
_diffrn_detector.type                   'MACSCIENCE DIP100S' 
_diffrn_detector.pdbx_collection_date   1999-04-15 
_diffrn_detector.details                ? 
# 
_diffrn_radiation.diffrn_id                        1 
_diffrn_radiation.wavelength_id                    1 
_diffrn_radiation.monochromator                    ? 
_diffrn_radiation.pdbx_monochromatic_or_laue_m_l   M 
_diffrn_radiation.pdbx_diffrn_protocol             'SINGLE WAVELENGTH' 
_diffrn_radiation.pdbx_scattering_type             x-ray 
# 
_diffrn_radiation_wavelength.id           1 
_diffrn_radiation_wavelength.wavelength   0.98 
_diffrn_radiation_wavelength.wt           1.0 
# 
_diffrn_source.diffrn_id                   1 
_diffrn_source.source                      SYNCHROTRON 
_diffrn_source.type                        'SSRL BEAMLINE BL9-1' 
_diffrn_source.pdbx_wavelength             0.98 
_diffrn_source.pdbx_synchrotron_site       SSRL 
_diffrn_source.pdbx_synchrotron_beamline   BL9-1 
_diffrn_source.pdbx_wavelength_list        ? 
# 
_reflns.entry_id                     1F8A 
_reflns.observed_criterion_sigma_I   2.0 
_reflns.observed_criterion_sigma_F   ? 
_reflns.d_resolution_low             62.02 
_reflns.d_resolution_high            1.84 
_reflns.number_obs                   293095 
_reflns.number_all                   ? 
_reflns.percent_possible_obs         97.3 
_reflns.pdbx_Rmerge_I_obs            0.0620000 
_reflns.pdbx_Rsym_value              ? 
_reflns.pdbx_netI_over_sigmaI        21.5 
_reflns.B_iso_Wilson_estimate        17.4 
_reflns.pdbx_redundancy              ? 
_reflns.R_free_details               ? 
_reflns.limit_h_max                  ? 
_reflns.limit_h_min                  ? 
_reflns.limit_k_max                  ? 
_reflns.limit_k_min                  ? 
_reflns.limit_l_max                  ? 
_reflns.limit_l_min                  ? 
_reflns.observed_criterion_F_max     ? 
_reflns.observed_criterion_F_min     ? 
_reflns.pdbx_ordinal                 1 
_reflns.pdbx_diffrn_id               1 
_reflns.pdbx_chi_squared             ? 
_reflns.pdbx_scaling_rejects         ? 
# 
_reflns_shell.d_res_high             1.84 
_reflns_shell.d_res_low              1.9 
_reflns_shell.percent_possible_obs   ? 
_reflns_shell.percent_possible_all   98.2 
_reflns_shell.Rmerge_I_obs           0.3370000 
_reflns_shell.meanI_over_sigI_obs    ? 
_reflns_shell.pdbx_Rsym_value        ? 
_reflns_shell.pdbx_redundancy        ? 
_reflns_shell.number_unique_all      17107 
_reflns_shell.pdbx_ordinal           1 
_reflns_shell.pdbx_diffrn_id         1 
_reflns_shell.number_measured_all    ? 
_reflns_shell.number_measured_obs    ? 
_reflns_shell.number_unique_obs      ? 
_reflns_shell.pdbx_chi_squared       ? 
# 
_refine.entry_id                                 1F8A 
_refine.ls_number_reflns_obs                     17107 
_refine.ls_number_reflns_all                     ? 
_refine.pdbx_ls_sigma_I                          2.0 
_refine.pdbx_ls_sigma_F                          .0 
_refine.pdbx_data_cutoff_high_absF               1085629.02 
_refine.pdbx_data_cutoff_low_absF                .00 
_refine.ls_d_res_low                             41.41 
_refine.ls_d_res_high                            1.84 
_refine.ls_percent_reflns_obs                    97.5 
_refine.ls_R_factor_obs                          0.2310000 
_refine.ls_R_factor_all                          ? 
_refine.ls_R_factor_R_work                       0.2310000 
_refine.ls_R_factor_R_free                       0.2710000 
_refine.ls_R_factor_R_free_error                 .009 
_refine.ls_R_factor_R_free_error_details         ? 
_refine.ls_percent_reflns_R_free                 5.1 
_refine.ls_number_reflns_R_free                  866 
_refine.ls_number_parameters                     ? 
_refine.ls_number_restraints                     ? 
_refine.occupancy_min                            ? 
_refine.occupancy_max                            ? 
_refine.B_iso_mean                               27.3 
_refine.aniso_B[1][1]                            2.03 
_refine.aniso_B[2][2]                            3.30 
_refine.aniso_B[3][3]                            -5.32 
_refine.aniso_B[1][2]                            .00 
_refine.aniso_B[1][3]                            .00 
_refine.aniso_B[2][3]                            .00 
_refine.solvent_model_details                    'FLAT MODEL' 
_refine.solvent_model_param_ksol                 .3734 
_refine.solvent_model_param_bsol                 36.00 
_refine.pdbx_ls_cross_valid_method               THROUGHOUT 
_refine.details                                  ? 
_refine.pdbx_starting_model                      ? 
_refine.pdbx_method_to_determine_struct          ? 
_refine.pdbx_isotropic_thermal_model             RESTRAINED 
_refine.pdbx_stereochemistry_target_values       'Engh & Huber' 
_refine.pdbx_stereochem_target_val_spec_case     ? 
_refine.pdbx_R_Free_selection_details            RANDOM 
_refine.pdbx_overall_ESU_R_Free                  ? 
_refine.overall_SU_B                             ? 
_refine.ls_redundancy_reflns_obs                 ? 
_refine.B_iso_min                                ? 
_refine.B_iso_max                                ? 
_refine.overall_SU_ML                            ? 
_refine.pdbx_overall_ESU_R                       ? 
_refine.pdbx_data_cutoff_high_rms_absF           ? 
_refine.pdbx_refine_id                           'X-RAY DIFFRACTION' 
_refine.pdbx_diffrn_id                           1 
_refine.pdbx_overall_phase_error                 ? 
_refine.correlation_coeff_Fo_to_Fc               ? 
_refine.correlation_coeff_Fo_to_Fc_free          ? 
_refine.pdbx_solvent_vdw_probe_radii             ? 
_refine.pdbx_solvent_ion_probe_radii             ? 
_refine.pdbx_solvent_shrinkage_radii             ? 
_refine.overall_SU_R_Cruickshank_DPI             ? 
_refine.overall_SU_R_free                        ? 
_refine.ls_wR_factor_R_free                      ? 
_refine.ls_wR_factor_R_work                      ? 
_refine.overall_FOM_free_R_set                   ? 
_refine.overall_FOM_work_R_set                   ? 
_refine.pdbx_TLS_residual_ADP_flag               ? 
_refine.pdbx_overall_SU_R_free_Cruickshank_DPI   ? 
_refine.pdbx_overall_SU_R_Blow_DPI               ? 
_refine.pdbx_overall_SU_R_free_Blow_DPI          ? 
# 
_refine_analyze.entry_id                        1F8A 
_refine_analyze.Luzzati_coordinate_error_obs    .23 
_refine_analyze.Luzzati_sigma_a_obs             .11 
_refine_analyze.Luzzati_d_res_low_obs           5.00 
_refine_analyze.Luzzati_coordinate_error_free   .28 
_refine_analyze.Luzzati_sigma_a_free            .12 
_refine_analyze.Luzzati_d_res_low_free          ? 
_refine_analyze.number_disordered_residues      ? 
_refine_analyze.occupancy_sum_hydrogen          ? 
_refine_analyze.occupancy_sum_non_hydrogen      ? 
_refine_analyze.pdbx_Luzzati_d_res_high_obs     ? 
_refine_analyze.pdbx_refine_id                  'X-RAY DIFFRACTION' 
# 
_refine_hist.pdbx_refine_id                   'X-RAY DIFFRACTION' 
_refine_hist.cycle_id                         LAST 
_refine_hist.pdbx_number_atoms_protein        1294 
_refine_hist.pdbx_number_atoms_nucleic_acid   0 
_refine_hist.pdbx_number_atoms_ligand         0 
_refine_hist.number_atoms_solvent             152 
_refine_hist.number_atoms_total               1446 
_refine_hist.d_res_high                       1.84 
_refine_hist.d_res_low                        41.41 
# 
loop_
_refine_ls_restr.type 
_refine_ls_restr.dev_ideal 
_refine_ls_restr.dev_ideal_target 
_refine_ls_restr.weight 
_refine_ls_restr.number 
_refine_ls_restr.pdbx_refine_id 
_refine_ls_restr.pdbx_restraint_function 
c_bond_d           .029 ?    ? ? 'X-RAY DIFFRACTION' ? 
c_angle_deg        2.6  ?    ? ? 'X-RAY DIFFRACTION' ? 
c_dihedral_angle_d 25.1 ?    ? ? 'X-RAY DIFFRACTION' ? 
c_improper_angle_d 1.48 ?    ? ? 'X-RAY DIFFRACTION' ? 
c_mcbond_it        .85  1.50 ? ? 'X-RAY DIFFRACTION' ? 
c_mcangle_it       1.55 2.00 ? ? 'X-RAY DIFFRACTION' ? 
c_scbond_it        1.44 2.00 ? ? 'X-RAY DIFFRACTION' ? 
c_scangle_it       2.04 2.50 ? ? 'X-RAY DIFFRACTION' ? 
# 
_refine_ls_shell.pdbx_total_number_of_bins_used   6 
_refine_ls_shell.d_res_high                       1.84 
_refine_ls_shell.d_res_low                        1.96 
_refine_ls_shell.number_reflns_R_work             2555 
_refine_ls_shell.R_factor_R_work                  0.2390000 
_refine_ls_shell.percent_reflns_obs               94.6 
_refine_ls_shell.R_factor_R_free                  0.2900000 
_refine_ls_shell.R_factor_R_free_error            .024 
_refine_ls_shell.percent_reflns_R_free            5.4 
_refine_ls_shell.number_reflns_R_free             147 
_refine_ls_shell.redundancy_reflns_obs            ? 
_refine_ls_shell.number_reflns_all                ? 
_refine_ls_shell.number_reflns_obs                ? 
_refine_ls_shell.pdbx_refine_id                   'X-RAY DIFFRACTION' 
_refine_ls_shell.R_factor_all                     ? 
# 
loop_
_pdbx_xplor_file.serial_no 
_pdbx_xplor_file.param_file 
_pdbx_xplor_file.topol_file 
_pdbx_xplor_file.pdbx_refine_id 
1 PROTEIN_REP.PARAM PROTEIN.TOP   'X-RAY DIFFRACTION' 
2 ION.PARAM         ION.TOP       'X-RAY DIFFRACTION' 
3 WATER_REP.PARAM   WATER_REP.TOP 'X-RAY DIFFRACTION' 
# 
_struct.entry_id                  1F8A 
_struct.title                     'STRUCTURAL BASIS FOR THE PHOSPHOSERINE-PROLINE RECOGNITION BY GROUP IV WW DOMAINS' 
_struct.pdbx_model_details        ? 
_struct.pdbx_CASP_flag            ? 
_struct.pdbx_model_type_details   ? 
# 
_struct_keywords.entry_id        1F8A 
_struct_keywords.pdbx_keywords   ISOMERASE 
_struct_keywords.text            'Peptidyl-Proline Isomerase, WW domain, phosphoserine binding, ISOMERASE' 
# 
loop_
_struct_asym.id 
_struct_asym.pdbx_blank_PDB_chainid_flag 
_struct_asym.pdbx_modified 
_struct_asym.entity_id 
_struct_asym.details 
A N N 1 ? 
B N N 2 ? 
C N N 3 ? 
D N N 3 ? 
# 
loop_
_struct_ref.id 
_struct_ref.db_name 
_struct_ref.db_code 
_struct_ref.pdbx_db_accession 
_struct_ref.entity_id 
_struct_ref.pdbx_seq_one_letter_code 
_struct_ref.pdbx_align_begin 
_struct_ref.pdbx_db_isoform 
1 UNP PIN1_HUMAN Q13526 1 
;MADEEKLPPGWEKRMSRSSGRVYYFNHITNASQWERPSGNSSSGGKNGQGEPARVRCSHLLVKHSQSRRPSSWRQEKITR
TKEEALELINGYIQKIKSGEEDFESLASQFSDCSSAKARGDLGAFSRGQMQKPFEDASFALRTGEMSGPVFTDSGIHIIL
RTE
;
1 ? 
2 PDB 1F8A       1F8A   2 ? ? ? 
# 
loop_
_struct_ref_seq.align_id 
_struct_ref_seq.ref_id 
_struct_ref_seq.pdbx_PDB_id_code 
_struct_ref_seq.pdbx_strand_id 
_struct_ref_seq.seq_align_beg 
_struct_ref_seq.pdbx_seq_align_beg_ins_code 
_struct_ref_seq.seq_align_end 
_struct_ref_seq.pdbx_seq_align_end_ins_code 
_struct_ref_seq.pdbx_db_accession 
_struct_ref_seq.db_align_beg 
_struct_ref_seq.pdbx_db_align_beg_ins_code 
_struct_ref_seq.db_align_end 
_struct_ref_seq.pdbx_db_align_end_ins_code 
_struct_ref_seq.pdbx_auth_seq_align_beg 
_struct_ref_seq.pdbx_auth_seq_align_end 
1 1 1F8A B 5 ? 167 ? Q13526 1   ? 163 ? 5   167 
2 2 1F8A C 1 ? 7   ? 1F8A   170 ? 176 ? 170 176 
# 
loop_
_struct_ref_seq_dif.align_id 
_struct_ref_seq_dif.pdbx_pdb_id_code 
_struct_ref_seq_dif.mon_id 
_struct_ref_seq_dif.pdbx_pdb_strand_id 
_struct_ref_seq_dif.seq_num 
_struct_ref_seq_dif.pdbx_pdb_ins_code 
_struct_ref_seq_dif.pdbx_seq_db_name 
_struct_ref_seq_dif.pdbx_seq_db_accession_code 
_struct_ref_seq_dif.db_mon_id 
_struct_ref_seq_dif.pdbx_seq_db_seq_num 
_struct_ref_seq_dif.details 
_struct_ref_seq_dif.pdbx_auth_seq_num 
_struct_ref_seq_dif.pdbx_ordinal 
1 1F8A GLY B 1 ? UNP Q13526 ? ? 'cloning artifact' 1 1 
1 1F8A SER B 2 ? UNP Q13526 ? ? 'cloning artifact' 2 2 
1 1F8A HIS B 3 ? UNP Q13526 ? ? 'cloning artifact' 3 3 
1 1F8A GLY B 4 ? UNP Q13526 ? ? 'cloning artifact' 4 4 
# 
_pdbx_struct_assembly.id                   1 
_pdbx_struct_assembly.details              author_and_software_defined_assembly 
_pdbx_struct_assembly.method_details       PISA 
_pdbx_struct_assembly.oligomeric_details   dimeric 
_pdbx_struct_assembly.oligomeric_count     2 
# 
loop_
_pdbx_struct_assembly_prop.biol_id 
_pdbx_struct_assembly_prop.type 
_pdbx_struct_assembly_prop.value 
_pdbx_struct_assembly_prop.details 
1 'ABSA (A^2)' 1010 ? 
1 MORE         -8   ? 
1 'SSA (A^2)'  9870 ? 
# 
_pdbx_struct_assembly_gen.assembly_id       1 
_pdbx_struct_assembly_gen.oper_expression   1 
_pdbx_struct_assembly_gen.asym_id_list      A,B,C,D 
# 
_pdbx_struct_oper_list.id                   1 
_pdbx_struct_oper_list.type                 'identity operation' 
_pdbx_struct_oper_list.name                 1_555 
_pdbx_struct_oper_list.symmetry_operation   x,y,z 
_pdbx_struct_oper_list.matrix[1][1]         1.0000000000 
_pdbx_struct_oper_list.matrix[1][2]         0.0000000000 
_pdbx_struct_oper_list.matrix[1][3]         0.0000000000 
_pdbx_struct_oper_list.vector[1]            0.0000000000 
_pdbx_struct_oper_list.matrix[2][1]         0.0000000000 
_pdbx_struct_oper_list.matrix[2][2]         1.0000000000 
_pdbx_struct_oper_list.matrix[2][3]         0.0000000000 
_pdbx_struct_oper_list.vector[2]            0.0000000000 
_pdbx_struct_oper_list.matrix[3][1]         0.0000000000 
_pdbx_struct_oper_list.matrix[3][2]         0.0000000000 
_pdbx_struct_oper_list.matrix[3][3]         1.0000000000 
_pdbx_struct_oper_list.vector[3]            0.0000000000 
# 
_struct_biol.id                    1 
_struct_biol.details               'The biological assembly is a monomer of Pin1 bound to the phosphorylated peptide' 
_struct_biol.pdbx_parent_biol_id   ? 
# 
loop_
_struct_conf.conf_type_id 
_struct_conf.id 
_struct_conf.pdbx_PDB_helix_id 
_struct_conf.beg_label_comp_id 
_struct_conf.beg_label_asym_id 
_struct_conf.beg_label_seq_id 
_struct_conf.pdbx_beg_PDB_ins_code 
_struct_conf.end_label_comp_id 
_struct_conf.end_label_asym_id 
_struct_conf.end_label_seq_id 
_struct_conf.pdbx_end_PDB_ins_code 
_struct_conf.beg_auth_comp_id 
_struct_conf.beg_auth_asym_id 
_struct_conf.beg_auth_seq_id 
_struct_conf.end_auth_comp_id 
_struct_conf.end_auth_asym_id 
_struct_conf.end_auth_seq_id 
_struct_conf.pdbx_PDB_helix_class 
_struct_conf.details 
_struct_conf.pdbx_PDB_helix_length 
HELX_P HELX_P1 1 THR A 85  ? SER A 102 ? THR B 85  SER B 102 1 ? 18 
HELX_P HELX_P2 2 ASP A 106 ? SER A 115 ? ASP B 106 SER B 115 1 ? 10 
HELX_P HELX_P3 3 CYS A 117 ? ARG A 123 ? CYS B 117 ARG B 123 5 ? 7  
HELX_P HELX_P4 4 GLN A 135 ? LEU A 145 ? GLN B 135 LEU B 145 1 ? 11 
# 
_struct_conf_type.id          HELX_P 
_struct_conf_type.criteria    ? 
_struct_conf_type.reference   ? 
# 
loop_
_struct_conn.id 
_struct_conn.conn_type_id 
_struct_conn.pdbx_leaving_atom_flag 
_struct_conn.pdbx_PDB_id 
_struct_conn.ptnr1_label_asym_id 
_struct_conn.ptnr1_label_comp_id 
_struct_conn.ptnr1_label_seq_id 
_struct_conn.ptnr1_label_atom_id 
_struct_conn.pdbx_ptnr1_label_alt_id 
_struct_conn.pdbx_ptnr1_PDB_ins_code 
_struct_conn.pdbx_ptnr1_standard_comp_id 
_struct_conn.ptnr1_symmetry 
_struct_conn.ptnr2_label_asym_id 
_struct_conn.ptnr2_label_comp_id 
_struct_conn.ptnr2_label_seq_id 
_struct_conn.ptnr2_label_atom_id 
_struct_conn.pdbx_ptnr2_label_alt_id 
_struct_conn.pdbx_ptnr2_PDB_ins_code 
_struct_conn.ptnr1_auth_asym_id 
_struct_conn.ptnr1_auth_comp_id 
_struct_conn.ptnr1_auth_seq_id 
_struct_conn.ptnr2_auth_asym_id 
_struct_conn.ptnr2_auth_comp_id 
_struct_conn.ptnr2_auth_seq_id 
_struct_conn.ptnr2_symmetry 
_struct_conn.pdbx_ptnr3_label_atom_id 
_struct_conn.pdbx_ptnr3_label_seq_id 
_struct_conn.pdbx_ptnr3_label_comp_id 
_struct_conn.pdbx_ptnr3_label_asym_id 
_struct_conn.pdbx_ptnr3_label_alt_id 
_struct_conn.pdbx_ptnr3_PDB_ins_code 
_struct_conn.details 
_struct_conn.pdbx_dist_value 
_struct_conn.pdbx_value_order 
_struct_conn.pdbx_role 
covale1 covale both ? B TYR 1 C ? ? ? 1_555 B SEP 2 N ? ? C TYR 170 C SEP 171 1_555 ? ? ? ? ? ? ? 1.309 ? ? 
covale2 covale both ? B SEP 2 C ? ? ? 1_555 B PRO 3 N ? ? C SEP 171 C PRO 172 1_555 ? ? ? ? ? ? ? 1.475 ? ? 
covale3 covale both ? B THR 4 C ? ? ? 1_555 B SEP 5 N ? ? C THR 173 C SEP 174 1_555 ? ? ? ? ? ? ? 1.326 ? ? 
covale4 covale both ? B SEP 5 C ? ? ? 1_555 B PRO 6 N ? ? C SEP 174 C PRO 175 1_555 ? ? ? ? ? ? ? 1.340 ? ? 
# 
_struct_conn_type.id          covale 
_struct_conn_type.criteria    ? 
_struct_conn_type.reference   ? 
# 
loop_
_pdbx_modification_feature.ordinal 
_pdbx_modification_feature.label_comp_id 
_pdbx_modification_feature.label_asym_id 
_pdbx_modification_feature.label_seq_id 
_pdbx_modification_feature.label_alt_id 
_pdbx_modification_feature.modified_residue_label_comp_id 
_pdbx_modification_feature.modified_residue_label_asym_id 
_pdbx_modification_feature.modified_residue_label_seq_id 
_pdbx_modification_feature.modified_residue_label_alt_id 
_pdbx_modification_feature.auth_comp_id 
_pdbx_modification_feature.auth_asym_id 
_pdbx_modification_feature.auth_seq_id 
_pdbx_modification_feature.PDB_ins_code 
_pdbx_modification_feature.symmetry 
_pdbx_modification_feature.modified_residue_auth_comp_id 
_pdbx_modification_feature.modified_residue_auth_asym_id 
_pdbx_modification_feature.modified_residue_auth_seq_id 
_pdbx_modification_feature.modified_residue_PDB_ins_code 
_pdbx_modification_feature.modified_residue_symmetry 
_pdbx_modification_feature.comp_id_linking_atom 
_pdbx_modification_feature.modified_residue_id_linking_atom 
_pdbx_modification_feature.modified_residue_id 
_pdbx_modification_feature.ref_pcm_id 
_pdbx_modification_feature.ref_comp_id 
_pdbx_modification_feature.type 
_pdbx_modification_feature.category 
1 SEP B 2 ? . . . . SEP C 171 ? 1_555 . . . . . . . SER 1 SEP Phosphorylation 'Named protein modification' 
2 SEP B 5 ? . . . . SEP C 174 ? 1_555 . . . . . . . SER 1 SEP Phosphorylation 'Named protein modification' 
# 
loop_
_struct_sheet.id 
_struct_sheet.type 
_struct_sheet.number_strands 
_struct_sheet.details 
A ? 3 ? 
B ? 4 ? 
# 
loop_
_struct_sheet_order.sheet_id 
_struct_sheet_order.range_id_1 
_struct_sheet_order.range_id_2 
_struct_sheet_order.offset 
_struct_sheet_order.sense 
A 1 2 ? anti-parallel 
A 2 3 ? anti-parallel 
B 1 2 ? anti-parallel 
B 2 3 ? anti-parallel 
B 3 4 ? anti-parallel 
# 
loop_
_struct_sheet_range.sheet_id 
_struct_sheet_range.id 
_struct_sheet_range.beg_label_comp_id 
_struct_sheet_range.beg_label_asym_id 
_struct_sheet_range.beg_label_seq_id 
_struct_sheet_range.pdbx_beg_PDB_ins_code 
_struct_sheet_range.end_label_comp_id 
_struct_sheet_range.end_label_asym_id 
_struct_sheet_range.end_label_seq_id 
_struct_sheet_range.pdbx_end_PDB_ins_code 
_struct_sheet_range.beg_auth_comp_id 
_struct_sheet_range.beg_auth_asym_id 
_struct_sheet_range.beg_auth_seq_id 
_struct_sheet_range.end_auth_comp_id 
_struct_sheet_range.end_auth_asym_id 
_struct_sheet_range.end_auth_seq_id 
A 1 TRP A 15  ? MET A 19  ? TRP B 15  MET B 19  
A 2 VAL A 26  ? ASN A 30  ? VAL B 26  ASN B 30  
A 3 SER A 36  ? GLN A 37  ? SER B 36  GLN B 37  
B 1 ASP A 125 ? PHE A 129 ? ASP B 125 PHE B 129 
B 2 VAL A 59  ? VAL A 66  ? VAL B 59  VAL B 66  
B 3 GLY A 159 ? GLU A 167 ? GLY B 159 GLU B 167 
B 4 VAL A 154 ? THR A 156 ? VAL B 154 THR B 156 
# 
loop_
_pdbx_struct_sheet_hbond.sheet_id 
_pdbx_struct_sheet_hbond.range_id_1 
_pdbx_struct_sheet_hbond.range_id_2 
_pdbx_struct_sheet_hbond.range_1_label_atom_id 
_pdbx_struct_sheet_hbond.range_1_label_comp_id 
_pdbx_struct_sheet_hbond.range_1_label_asym_id 
_pdbx_struct_sheet_hbond.range_1_label_seq_id 
_pdbx_struct_sheet_hbond.range_1_PDB_ins_code 
_pdbx_struct_sheet_hbond.range_1_auth_atom_id 
_pdbx_struct_sheet_hbond.range_1_auth_comp_id 
_pdbx_struct_sheet_hbond.range_1_auth_asym_id 
_pdbx_struct_sheet_hbond.range_1_auth_seq_id 
_pdbx_struct_sheet_hbond.range_2_label_atom_id 
_pdbx_struct_sheet_hbond.range_2_label_comp_id 
_pdbx_struct_sheet_hbond.range_2_label_asym_id 
_pdbx_struct_sheet_hbond.range_2_label_seq_id 
_pdbx_struct_sheet_hbond.range_2_PDB_ins_code 
_pdbx_struct_sheet_hbond.range_2_auth_atom_id 
_pdbx_struct_sheet_hbond.range_2_auth_comp_id 
_pdbx_struct_sheet_hbond.range_2_auth_asym_id 
_pdbx_struct_sheet_hbond.range_2_auth_seq_id 
A 1 2 N ARG A 18  ? N ARG B 18  O TYR A 27  ? O TYR B 27  
A 2 3 N TYR A 28  ? N TYR B 28  O GLN A 37  ? O GLN B 37  
B 1 2 N PHE A 129 ? N PHE B 129 O VAL A 59  ? O VAL B 59  
B 2 3 N VAL A 66  ? N VAL B 66  O ILE A 160 ? O ILE B 160 
B 3 4 N HIS A 161 ? N HIS B 161 O VAL A 154 ? O VAL B 154 
# 
_pdbx_entry_details.entry_id                   1F8A 
_pdbx_entry_details.compound_details           ? 
_pdbx_entry_details.source_details             ? 
_pdbx_entry_details.nonpolymer_details         ? 
_pdbx_entry_details.sequence_details           ? 
_pdbx_entry_details.has_ligand_of_interest     ? 
_pdbx_entry_details.has_protein_modification   Y 
# 
_pdbx_validate_rmsd_bond.id                        1 
_pdbx_validate_rmsd_bond.PDB_model_num             1 
_pdbx_validate_rmsd_bond.auth_atom_id_1            C 
_pdbx_validate_rmsd_bond.auth_asym_id_1            C 
_pdbx_validate_rmsd_bond.auth_comp_id_1            SEP 
_pdbx_validate_rmsd_bond.auth_seq_id_1             171 
_pdbx_validate_rmsd_bond.PDB_ins_code_1            ? 
_pdbx_validate_rmsd_bond.label_alt_id_1            ? 
_pdbx_validate_rmsd_bond.auth_atom_id_2            N 
_pdbx_validate_rmsd_bond.auth_asym_id_2            C 
_pdbx_validate_rmsd_bond.auth_comp_id_2            PRO 
_pdbx_validate_rmsd_bond.auth_seq_id_2             172 
_pdbx_validate_rmsd_bond.PDB_ins_code_2            ? 
_pdbx_validate_rmsd_bond.label_alt_id_2            ? 
_pdbx_validate_rmsd_bond.bond_value                1.475 
_pdbx_validate_rmsd_bond.bond_target_value         1.338 
_pdbx_validate_rmsd_bond.bond_deviation            0.137 
_pdbx_validate_rmsd_bond.bond_standard_deviation   0.019 
_pdbx_validate_rmsd_bond.linker_flag               Y 
# 
loop_
_pdbx_validate_rmsd_angle.id 
_pdbx_validate_rmsd_angle.PDB_model_num 
_pdbx_validate_rmsd_angle.auth_atom_id_1 
_pdbx_validate_rmsd_angle.auth_asym_id_1 
_pdbx_validate_rmsd_angle.auth_comp_id_1 
_pdbx_validate_rmsd_angle.auth_seq_id_1 
_pdbx_validate_rmsd_angle.PDB_ins_code_1 
_pdbx_validate_rmsd_angle.label_alt_id_1 
_pdbx_validate_rmsd_angle.auth_atom_id_2 
_pdbx_validate_rmsd_angle.auth_asym_id_2 
_pdbx_validate_rmsd_angle.auth_comp_id_2 
_pdbx_validate_rmsd_angle.auth_seq_id_2 
_pdbx_validate_rmsd_angle.PDB_ins_code_2 
_pdbx_validate_rmsd_angle.label_alt_id_2 
_pdbx_validate_rmsd_angle.auth_atom_id_3 
_pdbx_validate_rmsd_angle.auth_asym_id_3 
_pdbx_validate_rmsd_angle.auth_comp_id_3 
_pdbx_validate_rmsd_angle.auth_seq_id_3 
_pdbx_validate_rmsd_angle.PDB_ins_code_3 
_pdbx_validate_rmsd_angle.label_alt_id_3 
_pdbx_validate_rmsd_angle.angle_value 
_pdbx_validate_rmsd_angle.angle_target_value 
_pdbx_validate_rmsd_angle.angle_deviation 
_pdbx_validate_rmsd_angle.angle_standard_deviation 
_pdbx_validate_rmsd_angle.linker_flag 
1 1 N  B GLU 9   ? ? CA B GLU 9   ? ? C  B GLU 9   ? ? 136.67 111.00 25.67  2.70 N 
2 1 CA C TYR 170 ? ? C  C TYR 170 ? ? N  C SEP 171 ? ? 91.47  117.20 -25.73 2.20 Y 
3 1 O  C TYR 170 ? ? C  C TYR 170 ? ? N  C SEP 171 ? ? 149.12 122.70 26.42  1.60 Y 
4 1 C  C TYR 170 ? ? N  C SEP 171 ? ? CA C SEP 171 ? ? 87.51  121.70 -34.19 2.50 Y 
# 
loop_
_pdbx_validate_torsion.id 
_pdbx_validate_torsion.PDB_model_num 
_pdbx_validate_torsion.auth_comp_id 
_pdbx_validate_torsion.auth_asym_id 
_pdbx_validate_torsion.auth_seq_id 
_pdbx_validate_torsion.PDB_ins_code 
_pdbx_validate_torsion.label_alt_id 
_pdbx_validate_torsion.phi 
_pdbx_validate_torsion.psi 
1 1 GLU B 9  ? ? 28.83   -178.62 
2 1 LYS B 10 ? ? -128.97 -91.18  
3 1 LEU B 11 ? ? 73.36   104.61  
4 1 ARG B 72 ? ? -165.33 68.16   
# 
loop_
_pdbx_struct_mod_residue.id 
_pdbx_struct_mod_residue.label_asym_id 
_pdbx_struct_mod_residue.label_comp_id 
_pdbx_struct_mod_residue.label_seq_id 
_pdbx_struct_mod_residue.auth_asym_id 
_pdbx_struct_mod_residue.auth_comp_id 
_pdbx_struct_mod_residue.auth_seq_id 
_pdbx_struct_mod_residue.PDB_ins_code 
_pdbx_struct_mod_residue.parent_comp_id 
_pdbx_struct_mod_residue.details 
1 B SEP 2 C SEP 171 ? SER PHOSPHOSERINE 
2 B SEP 5 C SEP 174 ? SER PHOSPHOSERINE 
# 
loop_
_pdbx_unobs_or_zero_occ_residues.id 
_pdbx_unobs_or_zero_occ_residues.PDB_model_num 
_pdbx_unobs_or_zero_occ_residues.polymer_flag 
_pdbx_unobs_or_zero_occ_residues.occupancy_flag 
_pdbx_unobs_or_zero_occ_residues.auth_asym_id 
_pdbx_unobs_or_zero_occ_residues.auth_comp_id 
_pdbx_unobs_or_zero_occ_residues.auth_seq_id 
_pdbx_unobs_or_zero_occ_residues.PDB_ins_code 
_pdbx_unobs_or_zero_occ_residues.label_asym_id 
_pdbx_unobs_or_zero_occ_residues.label_comp_id 
_pdbx_unobs_or_zero_occ_residues.label_seq_id 
1  1 Y 1 B GLY 43 ? A GLY 43 
2  1 Y 1 B ASN 44 ? A ASN 44 
3  1 Y 1 B SER 45 ? A SER 45 
4  1 Y 1 B SER 46 ? A SER 46 
5  1 Y 1 B SER 47 ? A SER 47 
6  1 Y 1 B GLY 48 ? A GLY 48 
7  1 Y 1 B GLY 49 ? A GLY 49 
8  1 Y 1 B LYS 50 ? A LYS 50 
9  1 Y 1 B ASN 51 ? A ASN 51 
10 1 Y 1 B GLY 52 ? A GLY 52 
11 1 Y 1 B GLN 53 ? A GLN 53 
12 1 Y 1 B GLY 54 ? A GLY 54 
# 
loop_
_chem_comp_atom.comp_id 
_chem_comp_atom.atom_id 
_chem_comp_atom.type_symbol 
_chem_comp_atom.pdbx_aromatic_flag 
_chem_comp_atom.pdbx_stereo_config 
_chem_comp_atom.pdbx_ordinal 
ALA N    N N N 1   
ALA CA   C N S 2   
ALA C    C N N 3   
ALA O    O N N 4   
ALA CB   C N N 5   
ALA OXT  O N N 6   
ALA H    H N N 7   
ALA H2   H N N 8   
ALA HA   H N N 9   
ALA HB1  H N N 10  
ALA HB2  H N N 11  
ALA HB3  H N N 12  
ALA HXT  H N N 13  
ARG N    N N N 14  
ARG CA   C N S 15  
ARG C    C N N 16  
ARG O    O N N 17  
ARG CB   C N N 18  
ARG CG   C N N 19  
ARG CD   C N N 20  
ARG NE   N N N 21  
ARG CZ   C N N 22  
ARG NH1  N N N 23  
ARG NH2  N N N 24  
ARG OXT  O N N 25  
ARG H    H N N 26  
ARG H2   H N N 27  
ARG HA   H N N 28  
ARG HB2  H N N 29  
ARG HB3  H N N 30  
ARG HG2  H N N 31  
ARG HG3  H N N 32  
ARG HD2  H N N 33  
ARG HD3  H N N 34  
ARG HE   H N N 35  
ARG HH11 H N N 36  
ARG HH12 H N N 37  
ARG HH21 H N N 38  
ARG HH22 H N N 39  
ARG HXT  H N N 40  
ASN N    N N N 41  
ASN CA   C N S 42  
ASN C    C N N 43  
ASN O    O N N 44  
ASN CB   C N N 45  
ASN CG   C N N 46  
ASN OD1  O N N 47  
ASN ND2  N N N 48  
ASN OXT  O N N 49  
ASN H    H N N 50  
ASN H2   H N N 51  
ASN HA   H N N 52  
ASN HB2  H N N 53  
ASN HB3  H N N 54  
ASN HD21 H N N 55  
ASN HD22 H N N 56  
ASN HXT  H N N 57  
ASP N    N N N 58  
ASP CA   C N S 59  
ASP C    C N N 60  
ASP O    O N N 61  
ASP CB   C N N 62  
ASP CG   C N N 63  
ASP OD1  O N N 64  
ASP OD2  O N N 65  
ASP OXT  O N N 66  
ASP H    H N N 67  
ASP H2   H N N 68  
ASP HA   H N N 69  
ASP HB2  H N N 70  
ASP HB3  H N N 71  
ASP HD2  H N N 72  
ASP HXT  H N N 73  
CYS N    N N N 74  
CYS CA   C N R 75  
CYS C    C N N 76  
CYS O    O N N 77  
CYS CB   C N N 78  
CYS SG   S N N 79  
CYS OXT  O N N 80  
CYS H    H N N 81  
CYS H2   H N N 82  
CYS HA   H N N 83  
CYS HB2  H N N 84  
CYS HB3  H N N 85  
CYS HG   H N N 86  
CYS HXT  H N N 87  
GLN N    N N N 88  
GLN CA   C N S 89  
GLN C    C N N 90  
GLN O    O N N 91  
GLN CB   C N N 92  
GLN CG   C N N 93  
GLN CD   C N N 94  
GLN OE1  O N N 95  
GLN NE2  N N N 96  
GLN OXT  O N N 97  
GLN H    H N N 98  
GLN H2   H N N 99  
GLN HA   H N N 100 
GLN HB2  H N N 101 
GLN HB3  H N N 102 
GLN HG2  H N N 103 
GLN HG3  H N N 104 
GLN HE21 H N N 105 
GLN HE22 H N N 106 
GLN HXT  H N N 107 
GLU N    N N N 108 
GLU CA   C N S 109 
GLU C    C N N 110 
GLU O    O N N 111 
GLU CB   C N N 112 
GLU CG   C N N 113 
GLU CD   C N N 114 
GLU OE1  O N N 115 
GLU OE2  O N N 116 
GLU OXT  O N N 117 
GLU H    H N N 118 
GLU H2   H N N 119 
GLU HA   H N N 120 
GLU HB2  H N N 121 
GLU HB3  H N N 122 
GLU HG2  H N N 123 
GLU HG3  H N N 124 
GLU HE2  H N N 125 
GLU HXT  H N N 126 
GLY N    N N N 127 
GLY CA   C N N 128 
GLY C    C N N 129 
GLY O    O N N 130 
GLY OXT  O N N 131 
GLY H    H N N 132 
GLY H2   H N N 133 
GLY HA2  H N N 134 
GLY HA3  H N N 135 
GLY HXT  H N N 136 
HIS N    N N N 137 
HIS CA   C N S 138 
HIS C    C N N 139 
HIS O    O N N 140 
HIS CB   C N N 141 
HIS CG   C Y N 142 
HIS ND1  N Y N 143 
HIS CD2  C Y N 144 
HIS CE1  C Y N 145 
HIS NE2  N Y N 146 
HIS OXT  O N N 147 
HIS H    H N N 148 
HIS H2   H N N 149 
HIS HA   H N N 150 
HIS HB2  H N N 151 
HIS HB3  H N N 152 
HIS HD1  H N N 153 
HIS HD2  H N N 154 
HIS HE1  H N N 155 
HIS HE2  H N N 156 
HIS HXT  H N N 157 
HOH O    O N N 158 
HOH H1   H N N 159 
HOH H2   H N N 160 
ILE N    N N N 161 
ILE CA   C N S 162 
ILE C    C N N 163 
ILE O    O N N 164 
ILE CB   C N S 165 
ILE CG1  C N N 166 
ILE CG2  C N N 167 
ILE CD1  C N N 168 
ILE OXT  O N N 169 
ILE H    H N N 170 
ILE H2   H N N 171 
ILE HA   H N N 172 
ILE HB   H N N 173 
ILE HG12 H N N 174 
ILE HG13 H N N 175 
ILE HG21 H N N 176 
ILE HG22 H N N 177 
ILE HG23 H N N 178 
ILE HD11 H N N 179 
ILE HD12 H N N 180 
ILE HD13 H N N 181 
ILE HXT  H N N 182 
LEU N    N N N 183 
LEU CA   C N S 184 
LEU C    C N N 185 
LEU O    O N N 186 
LEU CB   C N N 187 
LEU CG   C N N 188 
LEU CD1  C N N 189 
LEU CD2  C N N 190 
LEU OXT  O N N 191 
LEU H    H N N 192 
LEU H2   H N N 193 
LEU HA   H N N 194 
LEU HB2  H N N 195 
LEU HB3  H N N 196 
LEU HG   H N N 197 
LEU HD11 H N N 198 
LEU HD12 H N N 199 
LEU HD13 H N N 200 
LEU HD21 H N N 201 
LEU HD22 H N N 202 
LEU HD23 H N N 203 
LEU HXT  H N N 204 
LYS N    N N N 205 
LYS CA   C N S 206 
LYS C    C N N 207 
LYS O    O N N 208 
LYS CB   C N N 209 
LYS CG   C N N 210 
LYS CD   C N N 211 
LYS CE   C N N 212 
LYS NZ   N N N 213 
LYS OXT  O N N 214 
LYS H    H N N 215 
LYS H2   H N N 216 
LYS HA   H N N 217 
LYS HB2  H N N 218 
LYS HB3  H N N 219 
LYS HG2  H N N 220 
LYS HG3  H N N 221 
LYS HD2  H N N 222 
LYS HD3  H N N 223 
LYS HE2  H N N 224 
LYS HE3  H N N 225 
LYS HZ1  H N N 226 
LYS HZ2  H N N 227 
LYS HZ3  H N N 228 
LYS HXT  H N N 229 
MET N    N N N 230 
MET CA   C N S 231 
MET C    C N N 232 
MET O    O N N 233 
MET CB   C N N 234 
MET CG   C N N 235 
MET SD   S N N 236 
MET CE   C N N 237 
MET OXT  O N N 238 
MET H    H N N 239 
MET H2   H N N 240 
MET HA   H N N 241 
MET HB2  H N N 242 
MET HB3  H N N 243 
MET HG2  H N N 244 
MET HG3  H N N 245 
MET HE1  H N N 246 
MET HE2  H N N 247 
MET HE3  H N N 248 
MET HXT  H N N 249 
PHE N    N N N 250 
PHE CA   C N S 251 
PHE C    C N N 252 
PHE O    O N N 253 
PHE CB   C N N 254 
PHE CG   C Y N 255 
PHE CD1  C Y N 256 
PHE CD2  C Y N 257 
PHE CE1  C Y N 258 
PHE CE2  C Y N 259 
PHE CZ   C Y N 260 
PHE OXT  O N N 261 
PHE H    H N N 262 
PHE H2   H N N 263 
PHE HA   H N N 264 
PHE HB2  H N N 265 
PHE HB3  H N N 266 
PHE HD1  H N N 267 
PHE HD2  H N N 268 
PHE HE1  H N N 269 
PHE HE2  H N N 270 
PHE HZ   H N N 271 
PHE HXT  H N N 272 
PRO N    N N N 273 
PRO CA   C N S 274 
PRO C    C N N 275 
PRO O    O N N 276 
PRO CB   C N N 277 
PRO CG   C N N 278 
PRO CD   C N N 279 
PRO OXT  O N N 280 
PRO H    H N N 281 
PRO HA   H N N 282 
PRO HB2  H N N 283 
PRO HB3  H N N 284 
PRO HG2  H N N 285 
PRO HG3  H N N 286 
PRO HD2  H N N 287 
PRO HD3  H N N 288 
PRO HXT  H N N 289 
SEP N    N N N 290 
SEP CA   C N S 291 
SEP CB   C N N 292 
SEP OG   O N N 293 
SEP C    C N N 294 
SEP O    O N N 295 
SEP OXT  O N N 296 
SEP P    P N N 297 
SEP O1P  O N N 298 
SEP O2P  O N N 299 
SEP O3P  O N N 300 
SEP H    H N N 301 
SEP H2   H N N 302 
SEP HA   H N N 303 
SEP HB2  H N N 304 
SEP HB3  H N N 305 
SEP HXT  H N N 306 
SEP HOP2 H N N 307 
SEP HOP3 H N N 308 
SER N    N N N 309 
SER CA   C N S 310 
SER C    C N N 311 
SER O    O N N 312 
SER CB   C N N 313 
SER OG   O N N 314 
SER OXT  O N N 315 
SER H    H N N 316 
SER H2   H N N 317 
SER HA   H N N 318 
SER HB2  H N N 319 
SER HB3  H N N 320 
SER HG   H N N 321 
SER HXT  H N N 322 
THR N    N N N 323 
THR CA   C N S 324 
THR C    C N N 325 
THR O    O N N 326 
THR CB   C N R 327 
THR OG1  O N N 328 
THR CG2  C N N 329 
THR OXT  O N N 330 
THR H    H N N 331 
THR H2   H N N 332 
THR HA   H N N 333 
THR HB   H N N 334 
THR HG1  H N N 335 
THR HG21 H N N 336 
THR HG22 H N N 337 
THR HG23 H N N 338 
THR HXT  H N N 339 
TRP N    N N N 340 
TRP CA   C N S 341 
TRP C    C N N 342 
TRP O    O N N 343 
TRP CB   C N N 344 
TRP CG   C Y N 345 
TRP CD1  C Y N 346 
TRP CD2  C Y N 347 
TRP NE1  N Y N 348 
TRP CE2  C Y N 349 
TRP CE3  C Y N 350 
TRP CZ2  C Y N 351 
TRP CZ3  C Y N 352 
TRP CH2  C Y N 353 
TRP OXT  O N N 354 
TRP H    H N N 355 
TRP H2   H N N 356 
TRP HA   H N N 357 
TRP HB2  H N N 358 
TRP HB3  H N N 359 
TRP HD1  H N N 360 
TRP HE1  H N N 361 
TRP HE3  H N N 362 
TRP HZ2  H N N 363 
TRP HZ3  H N N 364 
TRP HH2  H N N 365 
TRP HXT  H N N 366 
TYR N    N N N 367 
TYR CA   C N S 368 
TYR C    C N N 369 
TYR O    O N N 370 
TYR CB   C N N 371 
TYR CG   C Y N 372 
TYR CD1  C Y N 373 
TYR CD2  C Y N 374 
TYR CE1  C Y N 375 
TYR CE2  C Y N 376 
TYR CZ   C Y N 377 
TYR OH   O N N 378 
TYR OXT  O N N 379 
TYR H    H N N 380 
TYR H2   H N N 381 
TYR HA   H N N 382 
TYR HB2  H N N 383 
TYR HB3  H N N 384 
TYR HD1  H N N 385 
TYR HD2  H N N 386 
TYR HE1  H N N 387 
TYR HE2  H N N 388 
TYR HH   H N N 389 
TYR HXT  H N N 390 
VAL N    N N N 391 
VAL CA   C N S 392 
VAL C    C N N 393 
VAL O    O N N 394 
VAL CB   C N N 395 
VAL CG1  C N N 396 
VAL CG2  C N N 397 
VAL OXT  O N N 398 
VAL H    H N N 399 
VAL H2   H N N 400 
VAL HA   H N N 401 
VAL HB   H N N 402 
VAL HG11 H N N 403 
VAL HG12 H N N 404 
VAL HG13 H N N 405 
VAL HG21 H N N 406 
VAL HG22 H N N 407 
VAL HG23 H N N 408 
VAL HXT  H N N 409 
# 
loop_
_chem_comp_bond.comp_id 
_chem_comp_bond.atom_id_1 
_chem_comp_bond.atom_id_2 
_chem_comp_bond.value_order 
_chem_comp_bond.pdbx_aromatic_flag 
_chem_comp_bond.pdbx_stereo_config 
_chem_comp_bond.pdbx_ordinal 
ALA N   CA   sing N N 1   
ALA N   H    sing N N 2   
ALA N   H2   sing N N 3   
ALA CA  C    sing N N 4   
ALA CA  CB   sing N N 5   
ALA CA  HA   sing N N 6   
ALA C   O    doub N N 7   
ALA C   OXT  sing N N 8   
ALA CB  HB1  sing N N 9   
ALA CB  HB2  sing N N 10  
ALA CB  HB3  sing N N 11  
ALA OXT HXT  sing N N 12  
ARG N   CA   sing N N 13  
ARG N   H    sing N N 14  
ARG N   H2   sing N N 15  
ARG CA  C    sing N N 16  
ARG CA  CB   sing N N 17  
ARG CA  HA   sing N N 18  
ARG C   O    doub N N 19  
ARG C   OXT  sing N N 20  
ARG CB  CG   sing N N 21  
ARG CB  HB2  sing N N 22  
ARG CB  HB3  sing N N 23  
ARG CG  CD   sing N N 24  
ARG CG  HG2  sing N N 25  
ARG CG  HG3  sing N N 26  
ARG CD  NE   sing N N 27  
ARG CD  HD2  sing N N 28  
ARG CD  HD3  sing N N 29  
ARG NE  CZ   sing N N 30  
ARG NE  HE   sing N N 31  
ARG CZ  NH1  sing N N 32  
ARG CZ  NH2  doub N N 33  
ARG NH1 HH11 sing N N 34  
ARG NH1 HH12 sing N N 35  
ARG NH2 HH21 sing N N 36  
ARG NH2 HH22 sing N N 37  
ARG OXT HXT  sing N N 38  
ASN N   CA   sing N N 39  
ASN N   H    sing N N 40  
ASN N   H2   sing N N 41  
ASN CA  C    sing N N 42  
ASN CA  CB   sing N N 43  
ASN CA  HA   sing N N 44  
ASN C   O    doub N N 45  
ASN C   OXT  sing N N 46  
ASN CB  CG   sing N N 47  
ASN CB  HB2  sing N N 48  
ASN CB  HB3  sing N N 49  
ASN CG  OD1  doub N N 50  
ASN CG  ND2  sing N N 51  
ASN ND2 HD21 sing N N 52  
ASN ND2 HD22 sing N N 53  
ASN OXT HXT  sing N N 54  
ASP N   CA   sing N N 55  
ASP N   H    sing N N 56  
ASP N   H2   sing N N 57  
ASP CA  C    sing N N 58  
ASP CA  CB   sing N N 59  
ASP CA  HA   sing N N 60  
ASP C   O    doub N N 61  
ASP C   OXT  sing N N 62  
ASP CB  CG   sing N N 63  
ASP CB  HB2  sing N N 64  
ASP CB  HB3  sing N N 65  
ASP CG  OD1  doub N N 66  
ASP CG  OD2  sing N N 67  
ASP OD2 HD2  sing N N 68  
ASP OXT HXT  sing N N 69  
CYS N   CA   sing N N 70  
CYS N   H    sing N N 71  
CYS N   H2   sing N N 72  
CYS CA  C    sing N N 73  
CYS CA  CB   sing N N 74  
CYS CA  HA   sing N N 75  
CYS C   O    doub N N 76  
CYS C   OXT  sing N N 77  
CYS CB  SG   sing N N 78  
CYS CB  HB2  sing N N 79  
CYS CB  HB3  sing N N 80  
CYS SG  HG   sing N N 81  
CYS OXT HXT  sing N N 82  
GLN N   CA   sing N N 83  
GLN N   H    sing N N 84  
GLN N   H2   sing N N 85  
GLN CA  C    sing N N 86  
GLN CA  CB   sing N N 87  
GLN CA  HA   sing N N 88  
GLN C   O    doub N N 89  
GLN C   OXT  sing N N 90  
GLN CB  CG   sing N N 91  
GLN CB  HB2  sing N N 92  
GLN CB  HB3  sing N N 93  
GLN CG  CD   sing N N 94  
GLN CG  HG2  sing N N 95  
GLN CG  HG3  sing N N 96  
GLN CD  OE1  doub N N 97  
GLN CD  NE2  sing N N 98  
GLN NE2 HE21 sing N N 99  
GLN NE2 HE22 sing N N 100 
GLN OXT HXT  sing N N 101 
GLU N   CA   sing N N 102 
GLU N   H    sing N N 103 
GLU N   H2   sing N N 104 
GLU CA  C    sing N N 105 
GLU CA  CB   sing N N 106 
GLU CA  HA   sing N N 107 
GLU C   O    doub N N 108 
GLU C   OXT  sing N N 109 
GLU CB  CG   sing N N 110 
GLU CB  HB2  sing N N 111 
GLU CB  HB3  sing N N 112 
GLU CG  CD   sing N N 113 
GLU CG  HG2  sing N N 114 
GLU CG  HG3  sing N N 115 
GLU CD  OE1  doub N N 116 
GLU CD  OE2  sing N N 117 
GLU OE2 HE2  sing N N 118 
GLU OXT HXT  sing N N 119 
GLY N   CA   sing N N 120 
GLY N   H    sing N N 121 
GLY N   H2   sing N N 122 
GLY CA  C    sing N N 123 
GLY CA  HA2  sing N N 124 
GLY CA  HA3  sing N N 125 
GLY C   O    doub N N 126 
GLY C   OXT  sing N N 127 
GLY OXT HXT  sing N N 128 
HIS N   CA   sing N N 129 
HIS N   H    sing N N 130 
HIS N   H2   sing N N 131 
HIS CA  C    sing N N 132 
HIS CA  CB   sing N N 133 
HIS CA  HA   sing N N 134 
HIS C   O    doub N N 135 
HIS C   OXT  sing N N 136 
HIS CB  CG   sing N N 137 
HIS CB  HB2  sing N N 138 
HIS CB  HB3  sing N N 139 
HIS CG  ND1  sing Y N 140 
HIS CG  CD2  doub Y N 141 
HIS ND1 CE1  doub Y N 142 
HIS ND1 HD1  sing N N 143 
HIS CD2 NE2  sing Y N 144 
HIS CD2 HD2  sing N N 145 
HIS CE1 NE2  sing Y N 146 
HIS CE1 HE1  sing N N 147 
HIS NE2 HE2  sing N N 148 
HIS OXT HXT  sing N N 149 
HOH O   H1   sing N N 150 
HOH O   H2   sing N N 151 
ILE N   CA   sing N N 152 
ILE N   H    sing N N 153 
ILE N   H2   sing N N 154 
ILE CA  C    sing N N 155 
ILE CA  CB   sing N N 156 
ILE CA  HA   sing N N 157 
ILE C   O    doub N N 158 
ILE C   OXT  sing N N 159 
ILE CB  CG1  sing N N 160 
ILE CB  CG2  sing N N 161 
ILE CB  HB   sing N N 162 
ILE CG1 CD1  sing N N 163 
ILE CG1 HG12 sing N N 164 
ILE CG1 HG13 sing N N 165 
ILE CG2 HG21 sing N N 166 
ILE CG2 HG22 sing N N 167 
ILE CG2 HG23 sing N N 168 
ILE CD1 HD11 sing N N 169 
ILE CD1 HD12 sing N N 170 
ILE CD1 HD13 sing N N 171 
ILE OXT HXT  sing N N 172 
LEU N   CA   sing N N 173 
LEU N   H    sing N N 174 
LEU N   H2   sing N N 175 
LEU CA  C    sing N N 176 
LEU CA  CB   sing N N 177 
LEU CA  HA   sing N N 178 
LEU C   O    doub N N 179 
LEU C   OXT  sing N N 180 
LEU CB  CG   sing N N 181 
LEU CB  HB2  sing N N 182 
LEU CB  HB3  sing N N 183 
LEU CG  CD1  sing N N 184 
LEU CG  CD2  sing N N 185 
LEU CG  HG   sing N N 186 
LEU CD1 HD11 sing N N 187 
LEU CD1 HD12 sing N N 188 
LEU CD1 HD13 sing N N 189 
LEU CD2 HD21 sing N N 190 
LEU CD2 HD22 sing N N 191 
LEU CD2 HD23 sing N N 192 
LEU OXT HXT  sing N N 193 
LYS N   CA   sing N N 194 
LYS N   H    sing N N 195 
LYS N   H2   sing N N 196 
LYS CA  C    sing N N 197 
LYS CA  CB   sing N N 198 
LYS CA  HA   sing N N 199 
LYS C   O    doub N N 200 
LYS C   OXT  sing N N 201 
LYS CB  CG   sing N N 202 
LYS CB  HB2  sing N N 203 
LYS CB  HB3  sing N N 204 
LYS CG  CD   sing N N 205 
LYS CG  HG2  sing N N 206 
LYS CG  HG3  sing N N 207 
LYS CD  CE   sing N N 208 
LYS CD  HD2  sing N N 209 
LYS CD  HD3  sing N N 210 
LYS CE  NZ   sing N N 211 
LYS CE  HE2  sing N N 212 
LYS CE  HE3  sing N N 213 
LYS NZ  HZ1  sing N N 214 
LYS NZ  HZ2  sing N N 215 
LYS NZ  HZ3  sing N N 216 
LYS OXT HXT  sing N N 217 
MET N   CA   sing N N 218 
MET N   H    sing N N 219 
MET N   H2   sing N N 220 
MET CA  C    sing N N 221 
MET CA  CB   sing N N 222 
MET CA  HA   sing N N 223 
MET C   O    doub N N 224 
MET C   OXT  sing N N 225 
MET CB  CG   sing N N 226 
MET CB  HB2  sing N N 227 
MET CB  HB3  sing N N 228 
MET CG  SD   sing N N 229 
MET CG  HG2  sing N N 230 
MET CG  HG3  sing N N 231 
MET SD  CE   sing N N 232 
MET CE  HE1  sing N N 233 
MET CE  HE2  sing N N 234 
MET CE  HE3  sing N N 235 
MET OXT HXT  sing N N 236 
PHE N   CA   sing N N 237 
PHE N   H    sing N N 238 
PHE N   H2   sing N N 239 
PHE CA  C    sing N N 240 
PHE CA  CB   sing N N 241 
PHE CA  HA   sing N N 242 
PHE C   O    doub N N 243 
PHE C   OXT  sing N N 244 
PHE CB  CG   sing N N 245 
PHE CB  HB2  sing N N 246 
PHE CB  HB3  sing N N 247 
PHE CG  CD1  doub Y N 248 
PHE CG  CD2  sing Y N 249 
PHE CD1 CE1  sing Y N 250 
PHE CD1 HD1  sing N N 251 
PHE CD2 CE2  doub Y N 252 
PHE CD2 HD2  sing N N 253 
PHE CE1 CZ   doub Y N 254 
PHE CE1 HE1  sing N N 255 
PHE CE2 CZ   sing Y N 256 
PHE CE2 HE2  sing N N 257 
PHE CZ  HZ   sing N N 258 
PHE OXT HXT  sing N N 259 
PRO N   CA   sing N N 260 
PRO N   CD   sing N N 261 
PRO N   H    sing N N 262 
PRO CA  C    sing N N 263 
PRO CA  CB   sing N N 264 
PRO CA  HA   sing N N 265 
PRO C   O    doub N N 266 
PRO C   OXT  sing N N 267 
PRO CB  CG   sing N N 268 
PRO CB  HB2  sing N N 269 
PRO CB  HB3  sing N N 270 
PRO CG  CD   sing N N 271 
PRO CG  HG2  sing N N 272 
PRO CG  HG3  sing N N 273 
PRO CD  HD2  sing N N 274 
PRO CD  HD3  sing N N 275 
PRO OXT HXT  sing N N 276 
SEP N   CA   sing N N 277 
SEP N   H    sing N N 278 
SEP N   H2   sing N N 279 
SEP CA  CB   sing N N 280 
SEP CA  C    sing N N 281 
SEP CA  HA   sing N N 282 
SEP CB  OG   sing N N 283 
SEP CB  HB2  sing N N 284 
SEP CB  HB3  sing N N 285 
SEP OG  P    sing N N 286 
SEP C   O    doub N N 287 
SEP C   OXT  sing N N 288 
SEP OXT HXT  sing N N 289 
SEP P   O1P  doub N N 290 
SEP P   O2P  sing N N 291 
SEP P   O3P  sing N N 292 
SEP O2P HOP2 sing N N 293 
SEP O3P HOP3 sing N N 294 
SER N   CA   sing N N 295 
SER N   H    sing N N 296 
SER N   H2   sing N N 297 
SER CA  C    sing N N 298 
SER CA  CB   sing N N 299 
SER CA  HA   sing N N 300 
SER C   O    doub N N 301 
SER C   OXT  sing N N 302 
SER CB  OG   sing N N 303 
SER CB  HB2  sing N N 304 
SER CB  HB3  sing N N 305 
SER OG  HG   sing N N 306 
SER OXT HXT  sing N N 307 
THR N   CA   sing N N 308 
THR N   H    sing N N 309 
THR N   H2   sing N N 310 
THR CA  C    sing N N 311 
THR CA  CB   sing N N 312 
THR CA  HA   sing N N 313 
THR C   O    doub N N 314 
THR C   OXT  sing N N 315 
THR CB  OG1  sing N N 316 
THR CB  CG2  sing N N 317 
THR CB  HB   sing N N 318 
THR OG1 HG1  sing N N 319 
THR CG2 HG21 sing N N 320 
THR CG2 HG22 sing N N 321 
THR CG2 HG23 sing N N 322 
THR OXT HXT  sing N N 323 
TRP N   CA   sing N N 324 
TRP N   H    sing N N 325 
TRP N   H2   sing N N 326 
TRP CA  C    sing N N 327 
TRP CA  CB   sing N N 328 
TRP CA  HA   sing N N 329 
TRP C   O    doub N N 330 
TRP C   OXT  sing N N 331 
TRP CB  CG   sing N N 332 
TRP CB  HB2  sing N N 333 
TRP CB  HB3  sing N N 334 
TRP CG  CD1  doub Y N 335 
TRP CG  CD2  sing Y N 336 
TRP CD1 NE1  sing Y N 337 
TRP CD1 HD1  sing N N 338 
TRP CD2 CE2  doub Y N 339 
TRP CD2 CE3  sing Y N 340 
TRP NE1 CE2  sing Y N 341 
TRP NE1 HE1  sing N N 342 
TRP CE2 CZ2  sing Y N 343 
TRP CE3 CZ3  doub Y N 344 
TRP CE3 HE3  sing N N 345 
TRP CZ2 CH2  doub Y N 346 
TRP CZ2 HZ2  sing N N 347 
TRP CZ3 CH2  sing Y N 348 
TRP CZ3 HZ3  sing N N 349 
TRP CH2 HH2  sing N N 350 
TRP OXT HXT  sing N N 351 
TYR N   CA   sing N N 352 
TYR N   H    sing N N 353 
TYR N   H2   sing N N 354 
TYR CA  C    sing N N 355 
TYR CA  CB   sing N N 356 
TYR CA  HA   sing N N 357 
TYR C   O    doub N N 358 
TYR C   OXT  sing N N 359 
TYR CB  CG   sing N N 360 
TYR CB  HB2  sing N N 361 
TYR CB  HB3  sing N N 362 
TYR CG  CD1  doub Y N 363 
TYR CG  CD2  sing Y N 364 
TYR CD1 CE1  sing Y N 365 
TYR CD1 HD1  sing N N 366 
TYR CD2 CE2  doub Y N 367 
TYR CD2 HD2  sing N N 368 
TYR CE1 CZ   doub Y N 369 
TYR CE1 HE1  sing N N 370 
TYR CE2 CZ   sing Y N 371 
TYR CE2 HE2  sing N N 372 
TYR CZ  OH   sing N N 373 
TYR OH  HH   sing N N 374 
TYR OXT HXT  sing N N 375 
VAL N   CA   sing N N 376 
VAL N   H    sing N N 377 
VAL N   H2   sing N N 378 
VAL CA  C    sing N N 379 
VAL CA  CB   sing N N 380 
VAL CA  HA   sing N N 381 
VAL C   O    doub N N 382 
VAL C   OXT  sing N N 383 
VAL CB  CG1  sing N N 384 
VAL CB  CG2  sing N N 385 
VAL CB  HB   sing N N 386 
VAL CG1 HG11 sing N N 387 
VAL CG1 HG12 sing N N 388 
VAL CG1 HG13 sing N N 389 
VAL CG2 HG21 sing N N 390 
VAL CG2 HG22 sing N N 391 
VAL CG2 HG23 sing N N 392 
VAL OXT HXT  sing N N 393 
# 
_atom_sites.entry_id                    1F8A 
_atom_sites.fract_transf_matrix[1][1]   0.01939173 
_atom_sites.fract_transf_matrix[1][2]   0.01629303 
_atom_sites.fract_transf_matrix[1][3]   0.01274326 
_atom_sites.fract_transf_matrix[2][1]   -0.00788126 
_atom_sites.fract_transf_matrix[2][2]   -0.00653361 
_atom_sites.fract_transf_matrix[2][3]   0.02034673 
_atom_sites.fract_transf_matrix[3][1]   0.00515221 
_atom_sites.fract_transf_matrix[3][2]   -0.00614872 
_atom_sites.fract_transf_matrix[3][3]   0.00002126 
_atom_sites.fract_transf_vector[1]      0.046083 
_atom_sites.fract_transf_vector[2]      0.189761 
_atom_sites.fract_transf_vector[3]      0.366247 
# 
loop_
_atom_type.symbol 
C 
N 
O 
P 
S 
# 
loop_
_atom_site.group_PDB 
_atom_site.id 
_atom_site.type_symbol 
_atom_site.label_atom_id 
_atom_site.label_alt_id 
_atom_site.label_comp_id 
_atom_site.label_asym_id 
_atom_site.label_entity_id 
_atom_site.label_seq_id 
_atom_site.pdbx_PDB_ins_code 
_atom_site.Cartn_x 
_atom_site.Cartn_y 
_atom_site.Cartn_z 
_atom_site.occupancy 
_atom_site.B_iso_or_equiv 
_atom_site.pdbx_formal_charge 
_atom_site.auth_seq_id 
_atom_site.auth_comp_id 
_atom_site.auth_asym_id 
_atom_site.auth_atom_id 
_atom_site.pdbx_PDB_model_num 
ATOM   1    N N   . GLY A 1 1   ? 17.663  -24.250 -2.937  1.00 36.20 ? 1   GLY B N   1 
ATOM   2    C CA  . GLY A 1 1   ? 18.933  -23.506 -3.027  1.00 36.14 ? 1   GLY B CA  1 
ATOM   3    C C   . GLY A 1 1   ? 20.022  -24.294 -2.363  1.00 35.27 ? 1   GLY B C   1 
ATOM   4    O O   . GLY A 1 1   ? 21.108  -24.454 -2.910  1.00 37.20 ? 1   GLY B O   1 
ATOM   5    N N   . SER A 1 2   ? 19.714  -24.798 -1.183  1.00 34.02 ? 2   SER B N   1 
ATOM   6    C CA  . SER A 1 2   ? 20.673  -25.591 -0.462  1.00 32.11 ? 2   SER B CA  1 
ATOM   7    C C   . SER A 1 2   ? 20.460  -27.010 -0.987  1.00 30.60 ? 2   SER B C   1 
ATOM   8    O O   . SER A 1 2   ? 19.381  -27.327 -1.476  1.00 29.70 ? 2   SER B O   1 
ATOM   9    C CB  . SER A 1 2   ? 20.399  -25.499 1.042   1.00 32.25 ? 2   SER B CB  1 
ATOM   10   O OG  . SER A 1 2   ? 19.115  -25.989 1.407   1.00 33.93 ? 2   SER B OG  1 
ATOM   11   N N   . HIS A 1 3   ? 21.476  -27.857 -0.887  1.00 28.93 ? 3   HIS B N   1 
ATOM   12   C CA  . HIS A 1 3   ? 21.397  -29.227 -1.375  1.00 27.32 ? 3   HIS B CA  1 
ATOM   13   C C   . HIS A 1 3   ? 20.123  -29.967 -0.955  1.00 26.51 ? 3   HIS B C   1 
ATOM   14   O O   . HIS A 1 3   ? 19.569  -30.723 -1.741  1.00 26.07 ? 3   HIS B O   1 
ATOM   15   C CB  . HIS A 1 3   ? 22.650  -29.989 -0.920  1.00 26.63 ? 3   HIS B CB  1 
ATOM   16   C CG  . HIS A 1 3   ? 22.675  -31.428 -1.326  1.00 26.27 ? 3   HIS B CG  1 
ATOM   17   N ND1 . HIS A 1 3   ? 22.146  -32.427 -0.534  1.00 26.64 ? 3   HIS B ND1 1 
ATOM   18   C CD2 . HIS A 1 3   ? 23.154  -32.039 -2.432  1.00 26.57 ? 3   HIS B CD2 1 
ATOM   19   C CE1 . HIS A 1 3   ? 22.308  -33.594 -1.143  1.00 26.24 ? 3   HIS B CE1 1 
ATOM   20   N NE2 . HIS A 1 3   ? 22.916  -33.382 -2.292  1.00 26.09 ? 3   HIS B NE2 1 
ATOM   21   N N   . GLY A 1 4   ? 19.646  -29.719 0.261   1.00 25.85 ? 4   GLY B N   1 
ATOM   22   C CA  . GLY A 1 4   ? 18.453  -30.402 0.742   1.00 26.02 ? 4   GLY B CA  1 
ATOM   23   C C   . GLY A 1 4   ? 17.125  -29.696 0.524   1.00 26.27 ? 4   GLY B C   1 
ATOM   24   O O   . GLY A 1 4   ? 16.165  -29.941 1.252   1.00 26.38 ? 4   GLY B O   1 
ATOM   25   N N   . MET A 1 5   ? 17.059  -28.822 -0.475  1.00 26.23 ? 5   MET B N   1 
ATOM   26   C CA  . MET A 1 5   ? 15.828  -28.089 -0.753  1.00 27.83 ? 5   MET B CA  1 
ATOM   27   C C   . MET A 1 5   ? 15.575  -27.991 -2.244  1.00 27.22 ? 5   MET B C   1 
ATOM   28   O O   . MET A 1 5   ? 16.504  -28.080 -3.046  1.00 26.70 ? 5   MET B O   1 
ATOM   29   C CB  . MET A 1 5   ? 15.908  -26.678 -0.167  1.00 30.17 ? 5   MET B CB  1 
ATOM   30   C CG  . MET A 1 5   ? 16.466  -26.655 1.231   1.00 34.15 ? 5   MET B CG  1 
ATOM   31   S SD  . MET A 1 5   ? 15.507  -25.742 2.409   1.00 40.96 ? 5   MET B SD  1 
ATOM   32   C CE  . MET A 1 5   ? 14.215  -26.872 2.677   1.00 37.97 ? 5   MET B CE  1 
ATOM   33   N N   . ALA A 1 6   ? 14.310  -27.811 -2.612  1.00 27.24 ? 6   ALA B N   1 
ATOM   34   C CA  . ALA A 1 6   ? 13.952  -27.682 -4.015  1.00 28.14 ? 6   ALA B CA  1 
ATOM   35   C C   . ALA A 1 6   ? 14.571  -26.386 -4.498  1.00 29.20 ? 6   ALA B C   1 
ATOM   36   O O   . ALA A 1 6   ? 14.751  -25.448 -3.715  1.00 27.56 ? 6   ALA B O   1 
ATOM   37   C CB  . ALA A 1 6   ? 12.438  -27.627 -4.174  1.00 27.09 ? 6   ALA B CB  1 
ATOM   38   N N   . ASP A 1 7   ? 14.921  -26.335 -5.778  1.00 30.83 ? 7   ASP B N   1 
ATOM   39   C CA  . ASP A 1 7   ? 15.501  -25.119 -6.325  1.00 34.00 ? 7   ASP B CA  1 
ATOM   40   C C   . ASP A 1 7   ? 14.419  -24.179 -6.717  1.00 36.56 ? 7   ASP B C   1 
ATOM   41   O O   . ASP A 1 7   ? 13.237  -24.510 -6.659  1.00 36.89 ? 7   ASP B O   1 
ATOM   42   C CB  . ASP A 1 7   ? 16.329  -25.378 -7.567  1.00 33.76 ? 7   ASP B CB  1 
ATOM   43   C CG  . ASP A 1 7   ? 17.715  -25.807 -7.244  1.00 33.25 ? 7   ASP B CG  1 
ATOM   44   O OD1 . ASP A 1 7   ? 18.213  -25.425 -6.165  1.00 33.64 ? 7   ASP B OD1 1 
ATOM   45   O OD2 . ASP A 1 7   ? 18.306  -26.519 -8.073  1.00 34.55 ? 7   ASP B OD2 1 
ATOM   46   N N   . GLU A 1 8   ? 14.814  -22.998 -7.156  1.00 39.39 ? 8   GLU B N   1 
ATOM   47   C CA  . GLU A 1 8   ? 13.775  -22.098 -7.531  1.00 42.18 ? 8   GLU B CA  1 
ATOM   48   C C   . GLU A 1 8   ? 14.075  -20.767 -8.160  1.00 42.99 ? 8   GLU B C   1 
ATOM   49   O O   . GLU A 1 8   ? 15.220  -20.327 -8.342  1.00 43.49 ? 8   GLU B O   1 
ATOM   50   C CB  . GLU A 1 8   ? 12.848  -21.885 -6.322  1.00 43.53 ? 8   GLU B CB  1 
ATOM   51   C CG  . GLU A 1 8   ? 13.551  -21.287 -5.096  1.00 45.73 ? 8   GLU B CG  1 
ATOM   52   C CD  . GLU A 1 8   ? 12.821  -21.552 -3.804  1.00 46.90 ? 8   GLU B CD  1 
ATOM   53   O OE1 . GLU A 1 8   ? 12.278  -20.594 -3.198  1.00 47.48 ? 8   GLU B OE1 1 
ATOM   54   O OE2 . GLU A 1 8   ? 12.778  -22.719 -3.377  1.00 48.58 ? 8   GLU B OE2 1 
ATOM   55   N N   . GLU A 1 9   ? 12.951  -20.180 -8.515  1.00 44.53 ? 9   GLU B N   1 
ATOM   56   C CA  . GLU A 1 9   ? 12.716  -18.865 -9.094  1.00 45.72 ? 9   GLU B CA  1 
ATOM   57   C C   . GLU A 1 9   ? 13.471  -17.906 -9.972  1.00 45.66 ? 9   GLU B C   1 
ATOM   58   O O   . GLU A 1 9   ? 14.616  -18.044 -10.397 1.00 46.43 ? 9   GLU B O   1 
ATOM   59   C CB  . GLU A 1 9   ? 12.157  -17.950 -8.004  1.00 46.63 ? 9   GLU B CB  1 
ATOM   60   C CG  . GLU A 1 9   ? 12.109  -18.466 -6.601  1.00 49.15 ? 9   GLU B CG  1 
ATOM   61   C CD  . GLU A 1 9   ? 10.673  -18.583 -6.102  1.00 50.21 ? 9   GLU B CD  1 
ATOM   62   O OE1 . GLU A 1 9   ? 10.136  -19.708 -6.157  1.00 51.72 ? 9   GLU B OE1 1 
ATOM   63   O OE2 . GLU A 1 9   ? 10.067  -17.570 -5.678  1.00 51.37 ? 9   GLU B OE2 1 
ATOM   64   N N   . LYS A 1 10  ? 12.701  -16.836 -10.122 1.00 45.90 ? 10  LYS B N   1 
ATOM   65   C CA  . LYS A 1 10  ? 13.009  -15.631 -10.828 1.00 44.76 ? 10  LYS B CA  1 
ATOM   66   C C   . LYS A 1 10  ? 12.655  -14.662 -9.736  1.00 43.64 ? 10  LYS B C   1 
ATOM   67   O O   . LYS A 1 10  ? 13.430  -14.339 -8.826  1.00 43.99 ? 10  LYS B O   1 
ATOM   68   C CB  . LYS A 1 10  ? 11.989  -15.352 -11.939 1.00 45.79 ? 10  LYS B CB  1 
ATOM   69   C CG  . LYS A 1 10  ? 12.270  -15.901 -13.316 1.00 46.60 ? 10  LYS B CG  1 
ATOM   70   C CD  . LYS A 1 10  ? 11.157  -16.874 -13.660 1.00 46.96 ? 10  LYS B CD  1 
ATOM   71   C CE  . LYS A 1 10  ? 10.484  -16.590 -14.986 1.00 47.31 ? 10  LYS B CE  1 
ATOM   72   N NZ  . LYS A 1 10  ? 9.193   -17.349 -15.074 1.00 47.53 ? 10  LYS B NZ  1 
ATOM   73   N N   . LEU A 1 11  ? 11.390  -14.285 -9.826  1.00 41.74 ? 11  LEU B N   1 
ATOM   74   C CA  . LEU A 1 11  ? 10.785  -13.307 -8.972  1.00 39.95 ? 11  LEU B CA  1 
ATOM   75   C C   . LEU A 1 11  ? 11.424  -12.061 -9.536  1.00 38.13 ? 11  LEU B C   1 
ATOM   76   O O   . LEU A 1 11  ? 12.614  -11.802 -9.334  1.00 38.51 ? 11  LEU B O   1 
ATOM   77   C CB  . LEU A 1 11  ? 11.127  -13.537 -7.492  1.00 39.65 ? 11  LEU B CB  1 
ATOM   78   C CG  . LEU A 1 11  ? 10.026  -14.372 -6.824  1.00 39.69 ? 11  LEU B CG  1 
ATOM   79   C CD1 . LEU A 1 11  ? 9.741   -15.555 -7.736  1.00 39.50 ? 11  LEU B CD1 1 
ATOM   80   C CD2 . LEU A 1 11  ? 10.398  -14.828 -5.425  1.00 38.80 ? 11  LEU B CD2 1 
ATOM   81   N N   . PRO A 1 12  ? 10.647  -11.298 -10.303 1.00 35.83 ? 12  PRO B N   1 
ATOM   82   C CA  . PRO A 1 12  ? 11.170  -10.071 -10.899 1.00 33.34 ? 12  PRO B CA  1 
ATOM   83   C C   . PRO A 1 12  ? 11.728  -9.235  -9.765  1.00 31.09 ? 12  PRO B C   1 
ATOM   84   O O   . PRO A 1 12  ? 11.502  -9.537  -8.590  1.00 29.93 ? 12  PRO B O   1 
ATOM   85   C CB  . PRO A 1 12  ? 9.932   -9.436  -11.523 1.00 34.17 ? 12  PRO B CB  1 
ATOM   86   C CG  . PRO A 1 12  ? 9.012   -10.621 -11.753 1.00 34.80 ? 12  PRO B CG  1 
ATOM   87   C CD  . PRO A 1 12  ? 9.192   -11.406 -10.496 1.00 35.78 ? 12  PRO B CD  1 
ATOM   88   N N   . PRO A 1 13  ? 12.488  -8.186  -10.087 1.00 29.38 ? 13  PRO B N   1 
ATOM   89   C CA  . PRO A 1 13  ? 13.021  -7.384  -8.987  1.00 27.53 ? 13  PRO B CA  1 
ATOM   90   C C   . PRO A 1 13  ? 11.885  -6.948  -8.057  1.00 26.33 ? 13  PRO B C   1 
ATOM   91   O O   . PRO A 1 13  ? 10.758  -6.715  -8.504  1.00 25.83 ? 13  PRO B O   1 
ATOM   92   C CB  . PRO A 1 13  ? 13.668  -6.206  -9.711  1.00 28.47 ? 13  PRO B CB  1 
ATOM   93   C CG  . PRO A 1 13  ? 14.162  -6.848  -10.987 1.00 28.90 ? 13  PRO B CG  1 
ATOM   94   C CD  . PRO A 1 13  ? 12.988  -7.704  -11.387 1.00 29.14 ? 13  PRO B CD  1 
ATOM   95   N N   . GLY A 1 14  ? 12.185  -6.880  -6.763  1.00 24.04 ? 14  GLY B N   1 
ATOM   96   C CA  . GLY A 1 14  ? 11.197  -6.460  -5.787  1.00 22.96 ? 14  GLY B CA  1 
ATOM   97   C C   . GLY A 1 14  ? 10.370  -7.554  -5.142  1.00 21.59 ? 14  GLY B C   1 
ATOM   98   O O   . GLY A 1 14  ? 9.784   -7.339  -4.084  1.00 21.62 ? 14  GLY B O   1 
ATOM   99   N N   . TRP A 1 15  ? 10.321  -8.730  -5.754  1.00 21.09 ? 15  TRP B N   1 
ATOM   100  C CA  . TRP A 1 15  ? 9.526   -9.819  -5.202  1.00 20.42 ? 15  TRP B CA  1 
ATOM   101  C C   . TRP A 1 15  ? 10.307  -10.844 -4.390  1.00 20.59 ? 15  TRP B C   1 
ATOM   102  O O   . TRP A 1 15  ? 11.488  -11.086 -4.628  1.00 20.32 ? 15  TRP B O   1 
ATOM   103  C CB  . TRP A 1 15  ? 8.779   -10.556 -6.316  1.00 19.59 ? 15  TRP B CB  1 
ATOM   104  C CG  . TRP A 1 15  ? 7.715   -9.750  -6.996  1.00 19.34 ? 15  TRP B CG  1 
ATOM   105  C CD1 . TRP A 1 15  ? 7.849   -9.000  -8.129  1.00 20.00 ? 15  TRP B CD1 1 
ATOM   106  C CD2 . TRP A 1 15  ? 6.349   -9.624  -6.588  1.00 18.96 ? 15  TRP B CD2 1 
ATOM   107  N NE1 . TRP A 1 15  ? 6.648   -8.414  -8.453  1.00 19.87 ? 15  TRP B NE1 1 
ATOM   108  C CE2 . TRP A 1 15  ? 5.709   -8.780  -7.525  1.00 19.38 ? 15  TRP B CE2 1 
ATOM   109  C CE3 . TRP A 1 15  ? 5.601   -10.141 -5.520  1.00 18.51 ? 15  TRP B CE3 1 
ATOM   110  C CZ2 . TRP A 1 15  ? 4.353   -8.442  -7.430  1.00 19.76 ? 15  TRP B CZ2 1 
ATOM   111  C CZ3 . TRP A 1 15  ? 4.249   -9.804  -5.423  1.00 19.38 ? 15  TRP B CZ3 1 
ATOM   112  C CH2 . TRP A 1 15  ? 3.642   -8.960  -6.375  1.00 19.69 ? 15  TRP B CH2 1 
ATOM   113  N N   . GLU A 1 16  ? 9.618   -11.445 -3.429  1.00 20.60 ? 16  GLU B N   1 
ATOM   114  C CA  . GLU A 1 16  ? 10.201  -12.477 -2.592  1.00 22.55 ? 16  GLU B CA  1 
ATOM   115  C C   . GLU A 1 16  ? 9.095   -13.465 -2.221  1.00 22.90 ? 16  GLU B C   1 
ATOM   116  O O   . GLU A 1 16  ? 7.916   -13.113 -2.205  1.00 21.76 ? 16  GLU B O   1 
ATOM   117  C CB  . GLU A 1 16  ? 10.833  -11.858 -1.337  1.00 22.64 ? 16  GLU B CB  1 
ATOM   118  C CG  . GLU A 1 16  ? 9.870   -11.141 -0.413  1.00 22.96 ? 16  GLU B CG  1 
ATOM   119  C CD  . GLU A 1 16  ? 10.585  -10.428 0.729   1.00 23.20 ? 16  GLU B CD  1 
ATOM   120  O OE1 . GLU A 1 16  ? 11.161  -9.345  0.501   1.00 22.83 ? 16  GLU B OE1 1 
ATOM   121  O OE2 . GLU A 1 16  ? 10.580  -10.962 1.853   1.00 24.47 ? 16  GLU B OE2 1 
ATOM   122  N N   . LYS A 1 17  ? 9.477   -14.710 -1.954  1.00 24.24 ? 17  LYS B N   1 
ATOM   123  C CA  . LYS A 1 17  ? 8.508   -15.731 -1.583  1.00 26.56 ? 17  LYS B CA  1 
ATOM   124  C C   . LYS A 1 17  ? 8.355   -15.814 -0.074  1.00 27.66 ? 17  LYS B C   1 
ATOM   125  O O   . LYS A 1 17  ? 9.317   -15.625 0.670   1.00 27.56 ? 17  LYS B O   1 
ATOM   126  C CB  . LYS A 1 17  ? 8.928   -17.114 -2.089  1.00 28.63 ? 17  LYS B CB  1 
ATOM   127  C CG  . LYS A 1 17  ? 8.027   -18.216 -1.533  1.00 32.70 ? 17  LYS B CG  1 
ATOM   128  C CD  . LYS A 1 17  ? 8.579   -19.626 -1.698  1.00 35.18 ? 17  LYS B CD  1 
ATOM   129  C CE  . LYS A 1 17  ? 8.745   -20.008 -3.153  1.00 36.80 ? 17  LYS B CE  1 
ATOM   130  N NZ  . LYS A 1 17  ? 10.033  -19.507 -3.682  1.00 39.61 ? 17  LYS B NZ  1 
ATOM   131  N N   . ARG A 1 18  ? 7.144   -16.111 0.378   1.00 29.17 ? 18  ARG B N   1 
ATOM   132  C CA  . ARG A 1 18  ? 6.893   -16.242 1.802   1.00 31.07 ? 18  ARG B CA  1 
ATOM   133  C C   . ARG A 1 18  ? 5.837   -17.303 2.073   1.00 31.55 ? 18  ARG B C   1 
ATOM   134  O O   . ARG A 1 18  ? 5.238   -17.841 1.143   1.00 30.93 ? 18  ARG B O   1 
ATOM   135  C CB  . ARG A 1 18  ? 6.476   -14.889 2.374   1.00 32.69 ? 18  ARG B CB  1 
ATOM   136  C CG  . ARG A 1 18  ? 7.507   -13.812 2.090   1.00 35.43 ? 18  ARG B CG  1 
ATOM   137  C CD  . ARG A 1 18  ? 7.095   -12.488 2.661   1.00 38.02 ? 18  ARG B CD  1 
ATOM   138  N NE  . ARG A 1 18  ? 7.176   -12.504 4.113   1.00 40.83 ? 18  ARG B NE  1 
ATOM   139  C CZ  . ARG A 1 18  ? 8.053   -11.799 4.815   1.00 41.36 ? 18  ARG B CZ  1 
ATOM   140  N NH1 . ARG A 1 18  ? 8.058   -11.879 6.132   1.00 42.22 ? 18  ARG B NH1 1 
ATOM   141  N NH2 . ARG A 1 18  ? 8.920   -11.004 4.201   1.00 42.01 ? 18  ARG B NH2 1 
ATOM   142  N N   . MET A 1 19  ? 5.624   -17.614 3.347   1.00 32.80 ? 19  MET B N   1 
ATOM   143  C CA  . MET A 1 19  ? 4.645   -18.622 3.728   1.00 34.30 ? 19  MET B CA  1 
ATOM   144  C C   . MET A 1 19  ? 3.521   -18.084 4.595   1.00 34.21 ? 19  MET B C   1 
ATOM   145  O O   . MET A 1 19  ? 3.744   -17.262 5.484   1.00 34.24 ? 19  MET B O   1 
ATOM   146  C CB  . MET A 1 19  ? 5.314   -19.774 4.482   1.00 36.65 ? 19  MET B CB  1 
ATOM   147  C CG  . MET A 1 19  ? 5.963   -20.819 3.601   1.00 40.02 ? 19  MET B CG  1 
ATOM   148  S SD  . MET A 1 19  ? 6.002   -22.458 4.382   1.00 43.70 ? 19  MET B SD  1 
ATOM   149  C CE  . MET A 1 19  ? 4.928   -22.217 5.825   1.00 42.34 ? 19  MET B CE  1 
ATOM   150  N N   . SER A 1 20  ? 2.312   -18.564 4.333   1.00 34.43 ? 20  SER B N   1 
ATOM   151  C CA  . SER A 1 20  ? 1.143   -18.168 5.102   1.00 34.82 ? 20  SER B CA  1 
ATOM   152  C C   . SER A 1 20  ? 1.200   -18.849 6.465   1.00 35.45 ? 20  SER B C   1 
ATOM   153  O O   . SER A 1 20  ? 1.282   -20.075 6.548   1.00 34.83 ? 20  SER B O   1 
ATOM   154  C CB  . SER A 1 20  ? -0.135  -18.584 4.366   1.00 34.93 ? 20  SER B CB  1 
ATOM   155  O OG  . SER A 1 20  ? -1.173  -18.915 5.275   1.00 34.69 ? 20  SER B OG  1 
ATOM   156  N N   . ARG A 1 21  ? 1.181   -18.054 7.530   1.00 36.46 ? 21  ARG B N   1 
ATOM   157  C CA  . ARG A 1 21  ? 1.212   -18.597 8.888   1.00 37.73 ? 21  ARG B CA  1 
ATOM   158  C C   . ARG A 1 21  ? -0.028  -19.463 9.100   1.00 37.46 ? 21  ARG B C   1 
ATOM   159  O O   . ARG A 1 21  ? 0.002   -20.446 9.837   1.00 38.11 ? 21  ARG B O   1 
ATOM   160  C CB  . ARG A 1 21  ? 1.205   -17.468 9.931   1.00 38.72 ? 21  ARG B CB  1 
ATOM   161  C CG  . ARG A 1 21  ? 2.555   -16.822 10.234  1.00 41.33 ? 21  ARG B CG  1 
ATOM   162  C CD  . ARG A 1 21  ? 2.686   -15.418 9.642   1.00 43.79 ? 21  ARG B CD  1 
ATOM   163  N NE  . ARG A 1 21  ? 1.402   -14.861 9.236   1.00 45.43 ? 21  ARG B NE  1 
ATOM   164  C CZ  . ARG A 1 21  ? 1.038   -13.599 9.455   1.00 46.55 ? 21  ARG B CZ  1 
ATOM   165  N NH1 . ARG A 1 21  ? 1.860   -12.764 10.082  1.00 47.61 ? 21  ARG B NH1 1 
ATOM   166  N NH2 . ARG A 1 21  ? -0.142  -13.157 9.034   1.00 47.36 ? 21  ARG B NH2 1 
ATOM   167  N N   . SER A 1 22  ? -1.115  -19.084 8.438   1.00 37.23 ? 22  SER B N   1 
ATOM   168  C CA  . SER A 1 22  ? -2.388  -19.777 8.555   1.00 36.89 ? 22  SER B CA  1 
ATOM   169  C C   . SER A 1 22  ? -2.542  -21.114 7.833   1.00 36.22 ? 22  SER B C   1 
ATOM   170  O O   . SER A 1 22  ? -2.991  -22.092 8.431   1.00 36.70 ? 22  SER B O   1 
ATOM   171  C CB  . SER A 1 22  ? -3.512  -18.833 8.119   1.00 38.13 ? 22  SER B CB  1 
ATOM   172  O OG  . SER A 1 22  ? -4.695  -19.547 7.811   1.00 39.34 ? 22  SER B OG  1 
ATOM   173  N N   . SER A 1 23  ? -2.175  -21.162 6.557   1.00 34.55 ? 23  SER B N   1 
ATOM   174  C CA  . SER A 1 23  ? -2.335  -22.387 5.776   1.00 33.00 ? 23  SER B CA  1 
ATOM   175  C C   . SER A 1 23  ? -1.054  -23.121 5.395   1.00 31.79 ? 23  SER B C   1 
ATOM   176  O O   . SER A 1 23  ? -1.110  -24.270 4.951   1.00 31.04 ? 23  SER B O   1 
ATOM   177  C CB  . SER A 1 23  ? -3.111  -22.069 4.498   1.00 33.26 ? 23  SER B CB  1 
ATOM   178  O OG  . SER A 1 23  ? -2.385  -21.166 3.682   1.00 33.45 ? 23  SER B OG  1 
ATOM   179  N N   . GLY A 1 24  ? 0.091   -22.469 5.565   1.00 30.14 ? 24  GLY B N   1 
ATOM   180  C CA  . GLY A 1 24  ? 1.352   -23.091 5.198   1.00 29.20 ? 24  GLY B CA  1 
ATOM   181  C C   . GLY A 1 24  ? 1.554   -22.980 3.695   1.00 27.96 ? 24  GLY B C   1 
ATOM   182  O O   . GLY A 1 24  ? 2.545   -23.455 3.137   1.00 28.45 ? 24  GLY B O   1 
ATOM   183  N N   . ARG A 1 25  ? 0.591   -22.344 3.039   1.00 27.23 ? 25  ARG B N   1 
ATOM   184  C CA  . ARG A 1 25  ? 0.609   -22.138 1.595   1.00 26.19 ? 25  ARG B CA  1 
ATOM   185  C C   . ARG A 1 25  ? 1.588   -21.011 1.239   1.00 25.45 ? 25  ARG B C   1 
ATOM   186  O O   . ARG A 1 25  ? 1.683   -20.013 1.954   1.00 24.94 ? 25  ARG B O   1 
ATOM   187  C CB  . ARG A 1 25  ? -0.811  -21.789 1.144   1.00 28.09 ? 25  ARG B CB  1 
ATOM   188  C CG  . ARG A 1 25  ? -1.037  -21.571 -0.338  1.00 30.09 ? 25  ARG B CG  1 
ATOM   189  C CD  . ARG A 1 25  ? -2.510  -21.251 -0.544  1.00 31.97 ? 25  ARG B CD  1 
ATOM   190  N NE  . ARG A 1 25  ? -2.839  -20.848 -1.905  1.00 34.29 ? 25  ARG B NE  1 
ATOM   191  C CZ  . ARG A 1 25  ? -4.004  -20.310 -2.252  1.00 34.16 ? 25  ARG B CZ  1 
ATOM   192  N NH1 . ARG A 1 25  ? -4.943  -20.111 -1.336  1.00 34.98 ? 25  ARG B NH1 1 
ATOM   193  N NH2 . ARG A 1 25  ? -4.228  -19.963 -3.511  1.00 35.24 ? 25  ARG B NH2 1 
ATOM   194  N N   . VAL A 1 26  ? 2.321   -21.180 0.144   1.00 23.68 ? 26  VAL B N   1 
ATOM   195  C CA  . VAL A 1 26  ? 3.284   -20.169 -0.295  1.00 23.67 ? 26  VAL B CA  1 
ATOM   196  C C   . VAL A 1 26  ? 2.591   -18.996 -0.982  1.00 23.12 ? 26  VAL B C   1 
ATOM   197  O O   . VAL A 1 26  ? 1.569   -19.171 -1.638  1.00 24.21 ? 26  VAL B O   1 
ATOM   198  C CB  . VAL A 1 26  ? 4.312   -20.770 -1.295  1.00 23.90 ? 26  VAL B CB  1 
ATOM   199  C CG1 . VAL A 1 26  ? 5.114   -19.663 -1.961  1.00 24.93 ? 26  VAL B CG1 1 
ATOM   200  C CG2 . VAL A 1 26  ? 5.250   -21.722 -0.574  1.00 24.54 ? 26  VAL B CG2 1 
ATOM   201  N N   . TYR A 1 27  ? 3.143   -17.798 -0.815  1.00 23.45 ? 27  TYR B N   1 
ATOM   202  C CA  . TYR A 1 27  ? 2.597   -16.610 -1.468  1.00 22.16 ? 27  TYR B CA  1 
ATOM   203  C C   . TYR A 1 27  ? 3.748   -15.671 -1.796  1.00 21.93 ? 27  TYR B C   1 
ATOM   204  O O   . TYR A 1 27  ? 4.876   -15.887 -1.346  1.00 21.82 ? 27  TYR B O   1 
ATOM   205  C CB  . TYR A 1 27  ? 1.529   -15.921 -0.597  1.00 22.86 ? 27  TYR B CB  1 
ATOM   206  C CG  . TYR A 1 27  ? 2.004   -15.183 0.638   1.00 23.29 ? 27  TYR B CG  1 
ATOM   207  C CD1 . TYR A 1 27  ? 2.394   -13.841 0.573   1.00 24.37 ? 27  TYR B CD1 1 
ATOM   208  C CD2 . TYR A 1 27  ? 1.995   -15.804 1.885   1.00 23.59 ? 27  TYR B CD2 1 
ATOM   209  C CE1 . TYR A 1 27  ? 2.752   -13.136 1.725   1.00 24.35 ? 27  TYR B CE1 1 
ATOM   210  C CE2 . TYR A 1 27  ? 2.353   -15.113 3.039   1.00 24.95 ? 27  TYR B CE2 1 
ATOM   211  C CZ  . TYR A 1 27  ? 2.728   -13.781 2.956   1.00 25.05 ? 27  TYR B CZ  1 
ATOM   212  O OH  . TYR A 1 27  ? 3.068   -13.107 4.107   1.00 25.84 ? 27  TYR B OH  1 
ATOM   213  N N   . TYR A 1 28  ? 3.476   -14.641 -2.591  1.00 20.68 ? 28  TYR B N   1 
ATOM   214  C CA  . TYR A 1 28  ? 4.529   -13.722 -2.985  1.00 20.02 ? 28  TYR B CA  1 
ATOM   215  C C   . TYR A 1 28  ? 4.295   -12.303 -2.503  1.00 18.80 ? 28  TYR B C   1 
ATOM   216  O O   . TYR A 1 28  ? 3.184   -11.783 -2.559  1.00 17.03 ? 28  TYR B O   1 
ATOM   217  C CB  . TYR A 1 28  ? 4.706   -13.774 -4.502  1.00 21.79 ? 28  TYR B CB  1 
ATOM   218  C CG  . TYR A 1 28  ? 4.997   -15.182 -4.967  1.00 23.18 ? 28  TYR B CG  1 
ATOM   219  C CD1 . TYR A 1 28  ? 3.973   -16.121 -5.092  1.00 24.49 ? 28  TYR B CD1 1 
ATOM   220  C CD2 . TYR A 1 28  ? 6.306   -15.605 -5.181  1.00 24.35 ? 28  TYR B CD2 1 
ATOM   221  C CE1 . TYR A 1 28  ? 4.249   -17.450 -5.407  1.00 25.53 ? 28  TYR B CE1 1 
ATOM   222  C CE2 . TYR A 1 28  ? 6.595   -16.929 -5.496  1.00 25.64 ? 28  TYR B CE2 1 
ATOM   223  C CZ  . TYR A 1 28  ? 5.563   -17.845 -5.604  1.00 26.20 ? 28  TYR B CZ  1 
ATOM   224  O OH  . TYR A 1 28  ? 5.857   -19.160 -5.874  1.00 27.47 ? 28  TYR B OH  1 
ATOM   225  N N   . PHE A 1 29  ? 5.372   -11.696 -2.026  1.00 18.89 ? 29  PHE B N   1 
ATOM   226  C CA  . PHE A 1 29  ? 5.351   -10.354 -1.473  1.00 17.94 ? 29  PHE B CA  1 
ATOM   227  C C   . PHE A 1 29  ? 6.316   -9.433  -2.209  1.00 17.52 ? 29  PHE B C   1 
ATOM   228  O O   . PHE A 1 29  ? 7.456   -9.803  -2.492  1.00 17.34 ? 29  PHE B O   1 
ATOM   229  C CB  . PHE A 1 29  ? 5.725   -10.453 0.011   1.00 18.77 ? 29  PHE B CB  1 
ATOM   230  C CG  . PHE A 1 29  ? 5.988   -9.137  0.680   1.00 18.88 ? 29  PHE B CG  1 
ATOM   231  C CD1 . PHE A 1 29  ? 4.958   -8.229  0.898   1.00 19.30 ? 29  PHE B CD1 1 
ATOM   232  C CD2 . PHE A 1 29  ? 7.265   -8.826  1.138   1.00 19.48 ? 29  PHE B CD2 1 
ATOM   233  C CE1 . PHE A 1 29  ? 5.195   -7.032  1.569   1.00 19.77 ? 29  PHE B CE1 1 
ATOM   234  C CE2 . PHE A 1 29  ? 7.514   -7.634  1.810   1.00 19.89 ? 29  PHE B CE2 1 
ATOM   235  C CZ  . PHE A 1 29  ? 6.480   -6.734  2.026   1.00 19.35 ? 29  PHE B CZ  1 
ATOM   236  N N   . ASN A 1 30  ? 5.851   -8.232  -2.531  1.00 17.11 ? 30  ASN B N   1 
ATOM   237  C CA  . ASN A 1 30  ? 6.699   -7.259  -3.206  1.00 16.77 ? 30  ASN B CA  1 
ATOM   238  C C   . ASN A 1 30  ? 7.102   -6.270  -2.117  1.00 17.22 ? 30  ASN B C   1 
ATOM   239  O O   . ASN A 1 30  ? 6.238   -5.617  -1.534  1.00 15.99 ? 30  ASN B O   1 
ATOM   240  C CB  . ASN A 1 30  ? 5.916   -6.550  -4.316  1.00 17.41 ? 30  ASN B CB  1 
ATOM   241  C CG  . ASN A 1 30  ? 6.777   -5.600  -5.120  1.00 17.21 ? 30  ASN B CG  1 
ATOM   242  O OD1 . ASN A 1 30  ? 7.331   -4.640  -4.583  1.00 16.73 ? 30  ASN B OD1 1 
ATOM   243  N ND2 . ASN A 1 30  ? 6.897   -5.864  -6.419  1.00 18.41 ? 30  ASN B ND2 1 
ATOM   244  N N   . HIS A 1 31  ? 8.401   -6.168  -1.832  1.00 16.04 ? 31  HIS B N   1 
ATOM   245  C CA  . HIS A 1 31  ? 8.858   -5.264  -0.785  1.00 17.50 ? 31  HIS B CA  1 
ATOM   246  C C   . HIS A 1 31  ? 8.977   -3.797  -1.181  1.00 17.43 ? 31  HIS B C   1 
ATOM   247  O O   . HIS A 1 31  ? 9.465   -2.982  -0.400  1.00 17.93 ? 31  HIS B O   1 
ATOM   248  C CB  . HIS A 1 31  ? 10.179  -5.760  -0.167  1.00 17.20 ? 31  HIS B CB  1 
ATOM   249  C CG  . HIS A 1 31  ? 11.289  -5.959  -1.152  1.00 18.42 ? 31  HIS B CG  1 
ATOM   250  N ND1 . HIS A 1 31  ? 11.840  -7.197  -1.408  1.00 18.90 ? 31  HIS B ND1 1 
ATOM   251  C CD2 . HIS A 1 31  ? 11.979  -5.075  -1.912  1.00 19.36 ? 31  HIS B CD2 1 
ATOM   252  C CE1 . HIS A 1 31  ? 12.823  -7.066  -2.281  1.00 20.46 ? 31  HIS B CE1 1 
ATOM   253  N NE2 . HIS A 1 31  ? 12.928  -5.788  -2.603  1.00 19.35 ? 31  HIS B NE2 1 
ATOM   254  N N   . ILE A 1 32  ? 8.523   -3.457  -2.385  1.00 16.90 ? 32  ILE B N   1 
ATOM   255  C CA  . ILE A 1 32  ? 8.553   -2.072  -2.845  1.00 16.97 ? 32  ILE B CA  1 
ATOM   256  C C   . ILE A 1 32  ? 7.127   -1.516  -2.773  1.00 16.43 ? 32  ILE B C   1 
ATOM   257  O O   . ILE A 1 32  ? 6.911   -0.380  -2.349  1.00 16.56 ? 32  ILE B O   1 
ATOM   258  C CB  . ILE A 1 32  ? 9.071   -1.955  -4.303  1.00 17.35 ? 32  ILE B CB  1 
ATOM   259  C CG1 . ILE A 1 32  ? 10.484  -2.536  -4.409  1.00 17.99 ? 32  ILE B CG1 1 
ATOM   260  C CG2 . ILE A 1 32  ? 9.089   -0.487  -4.734  1.00 17.01 ? 32  ILE B CG2 1 
ATOM   261  C CD1 . ILE A 1 32  ? 11.057  -2.498  -5.816  1.00 20.30 ? 32  ILE B CD1 1 
ATOM   262  N N   . THR A 1 33  ? 6.153   -2.331  -3.175  1.00 15.75 ? 33  THR B N   1 
ATOM   263  C CA  . THR A 1 33  ? 4.746   -1.925  -3.153  1.00 16.34 ? 33  THR B CA  1 
ATOM   264  C C   . THR A 1 33  ? 4.051   -2.457  -1.898  1.00 15.92 ? 33  THR B C   1 
ATOM   265  O O   . THR A 1 33  ? 2.978   -1.985  -1.520  1.00 14.57 ? 33  THR B O   1 
ATOM   266  C CB  . THR A 1 33  ? 3.979   -2.492  -4.360  1.00 15.99 ? 33  THR B CB  1 
ATOM   267  O OG1 . THR A 1 33  ? 3.885   -3.916  -4.223  1.00 16.70 ? 33  THR B OG1 1 
ATOM   268  C CG2 . THR A 1 33  ? 4.699   -2.167  -5.660  1.00 17.50 ? 33  THR B CG2 1 
ATOM   269  N N   . ASN A 1 34  ? 4.676   -3.450  -1.270  1.00 15.83 ? 34  ASN B N   1 
ATOM   270  C CA  . ASN A 1 34  ? 4.154   -4.102  -0.077  1.00 16.20 ? 34  ASN B CA  1 
ATOM   271  C C   . ASN A 1 34  ? 2.881   -4.902  -0.333  1.00 15.24 ? 34  ASN B C   1 
ATOM   272  O O   . ASN A 1 34  ? 2.134   -5.227  0.592   1.00 16.09 ? 34  ASN B O   1 
ATOM   273  C CB  . ASN A 1 34  ? 3.946   -3.088  1.056   1.00 18.25 ? 34  ASN B CB  1 
ATOM   274  C CG  . ASN A 1 34  ? 5.264   -2.618  1.653   1.00 20.74 ? 34  ASN B CG  1 
ATOM   275  O OD1 . ASN A 1 34  ? 6.273   -3.324  1.572   1.00 22.72 ? 34  ASN B OD1 1 
ATOM   276  N ND2 . ASN A 1 34  ? 5.262   -1.439  2.266   1.00 20.36 ? 34  ASN B ND2 1 
ATOM   277  N N   . ALA A 1 35  ? 2.651   -5.241  -1.597  1.00 15.85 ? 35  ALA B N   1 
ATOM   278  C CA  . ALA A 1 35  ? 1.481   -6.031  -1.966  1.00 16.48 ? 35  ALA B CA  1 
ATOM   279  C C   . ALA A 1 35  ? 1.769   -7.523  -1.808  1.00 17.74 ? 35  ALA B C   1 
ATOM   280  O O   . ALA A 1 35  ? 2.908   -7.962  -1.971  1.00 16.81 ? 35  ALA B O   1 
ATOM   281  C CB  . ALA A 1 35  ? 1.085   -5.737  -3.401  1.00 15.80 ? 35  ALA B CB  1 
ATOM   282  N N   . SER A 1 36  ? 0.727   -8.289  -1.487  1.00 17.97 ? 36  SER B N   1 
ATOM   283  C CA  . SER A 1 36  ? 0.831   -9.738  -1.328  1.00 19.94 ? 36  SER B CA  1 
ATOM   284  C C   . SER A 1 36  ? -0.144  -10.416 -2.288  1.00 20.40 ? 36  SER B C   1 
ATOM   285  O O   . SER A 1 36  ? -1.276  -9.968  -2.446  1.00 20.03 ? 36  SER B O   1 
ATOM   286  C CB  . SER A 1 36  ? 0.488   -10.155 0.108   1.00 20.17 ? 36  SER B CB  1 
ATOM   287  O OG  . SER A 1 36  ? 1.464   -9.704  1.032   1.00 22.23 ? 36  SER B OG  1 
ATOM   288  N N   . GLN A 1 37  ? 0.299   -11.494 -2.927  1.00 21.56 ? 37  GLN B N   1 
ATOM   289  C CA  . GLN A 1 37  ? -0.551  -12.235 -3.857  1.00 22.55 ? 37  GLN B CA  1 
ATOM   290  C C   . GLN A 1 37  ? -0.170  -13.714 -3.854  1.00 24.05 ? 37  GLN B C   1 
ATOM   291  O O   . GLN A 1 37  ? 0.988   -14.062 -3.636  1.00 23.70 ? 37  GLN B O   1 
ATOM   292  C CB  . GLN A 1 37  ? -0.420  -11.671 -5.275  1.00 22.40 ? 37  GLN B CB  1 
ATOM   293  C CG  . GLN A 1 37  ? 0.983   -11.739 -5.865  1.00 23.05 ? 37  GLN B CG  1 
ATOM   294  C CD  . GLN A 1 37  ? 1.048   -11.167 -7.272  1.00 24.00 ? 37  GLN B CD  1 
ATOM   295  O OE1 . GLN A 1 37  ? 0.602   -10.048 -7.518  1.00 25.02 ? 37  GLN B OE1 1 
ATOM   296  N NE2 . GLN A 1 37  ? 1.612   -11.932 -8.199  1.00 25.37 ? 37  GLN B NE2 1 
ATOM   297  N N   . TRP A 1 38  ? -1.153  -14.576 -4.097  1.00 25.77 ? 38  TRP B N   1 
ATOM   298  C CA  . TRP A 1 38  ? -0.936  -16.020 -4.123  1.00 27.83 ? 38  TRP B CA  1 
ATOM   299  C C   . TRP A 1 38  ? -0.161  -16.484 -5.350  1.00 29.91 ? 38  TRP B C   1 
ATOM   300  O O   . TRP A 1 38  ? 0.727   -17.331 -5.258  1.00 28.82 ? 38  TRP B O   1 
ATOM   301  C CB  . TRP A 1 38  ? -2.280  -16.757 -4.096  1.00 27.61 ? 38  TRP B CB  1 
ATOM   302  C CG  . TRP A 1 38  ? -3.032  -16.648 -2.808  1.00 27.58 ? 38  TRP B CG  1 
ATOM   303  C CD1 . TRP A 1 38  ? -4.277  -16.120 -2.631  1.00 27.98 ? 38  TRP B CD1 1 
ATOM   304  C CD2 . TRP A 1 38  ? -2.598  -17.104 -1.523  1.00 27.34 ? 38  TRP B CD2 1 
ATOM   305  N NE1 . TRP A 1 38  ? -4.651  -16.220 -1.312  1.00 28.09 ? 38  TRP B NE1 1 
ATOM   306  C CE2 . TRP A 1 38  ? -3.638  -16.820 -0.608  1.00 27.48 ? 38  TRP B CE2 1 
ATOM   307  C CE3 . TRP A 1 38  ? -1.435  -17.724 -1.047  1.00 28.26 ? 38  TRP B CE3 1 
ATOM   308  C CZ2 . TRP A 1 38  ? -3.550  -17.132 0.751   1.00 27.54 ? 38  TRP B CZ2 1 
ATOM   309  C CZ3 . TRP A 1 38  ? -1.344  -18.037 0.306   1.00 27.17 ? 38  TRP B CZ3 1 
ATOM   310  C CH2 . TRP A 1 38  ? -2.399  -17.740 1.189   1.00 27.70 ? 38  TRP B CH2 1 
ATOM   311  N N   . GLU A 1 39  ? -0.513  -15.929 -6.502  1.00 32.60 ? 39  GLU B N   1 
ATOM   312  C CA  . GLU A 1 39  ? 0.111   -16.294 -7.762  1.00 35.98 ? 39  GLU B CA  1 
ATOM   313  C C   . GLU A 1 39  ? 1.550   -15.831 -7.895  1.00 36.99 ? 39  GLU B C   1 
ATOM   314  O O   . GLU A 1 39  ? 1.884   -14.689 -7.567  1.00 36.45 ? 39  GLU B O   1 
ATOM   315  C CB  . GLU A 1 39  ? -0.737  -15.744 -8.911  1.00 38.08 ? 39  GLU B CB  1 
ATOM   316  C CG  . GLU A 1 39  ? 0.024   -15.328 -10.159 1.00 41.76 ? 39  GLU B CG  1 
ATOM   317  C CD  . GLU A 1 39  ? 0.055   -13.818 -10.334 1.00 44.01 ? 39  GLU B CD  1 
ATOM   318  O OE1 . GLU A 1 39  ? 0.373   -13.349 -11.451 1.00 44.92 ? 39  GLU B OE1 1 
ATOM   319  O OE2 . GLU A 1 39  ? -0.236  -13.101 -9.351  1.00 45.29 ? 39  GLU B OE2 1 
ATOM   320  N N   . ARG A 1 40  ? 2.412   -16.726 -8.366  1.00 37.98 ? 40  ARG B N   1 
ATOM   321  C CA  . ARG A 1 40  ? 3.796   -16.346 -8.553  1.00 40.33 ? 40  ARG B CA  1 
ATOM   322  C C   . ARG A 1 40  ? 3.733   -15.241 -9.588  1.00 41.24 ? 40  ARG B C   1 
ATOM   323  O O   . ARG A 1 40  ? 3.269   -15.449 -10.707 1.00 40.60 ? 40  ARG B O   1 
ATOM   324  C CB  . ARG A 1 40  ? 4.637   -17.506 -9.084  1.00 41.15 ? 40  ARG B CB  1 
ATOM   325  C CG  . ARG A 1 40  ? 6.099   -17.135 -9.267  1.00 43.28 ? 40  ARG B CG  1 
ATOM   326  C CD  . ARG A 1 40  ? 6.945   -18.377 -9.410  1.00 44.76 ? 40  ARG B CD  1 
ATOM   327  N NE  . ARG A 1 40  ? 6.590   -19.140 -10.602 1.00 47.22 ? 40  ARG B NE  1 
ATOM   328  C CZ  . ARG A 1 40  ? 6.628   -20.466 -10.673 1.00 48.66 ? 40  ARG B CZ  1 
ATOM   329  N NH1 . ARG A 1 40  ? 6.992   -21.172 -9.612  1.00 49.77 ? 40  ARG B NH1 1 
ATOM   330  N NH2 . ARG A 1 40  ? 6.343   -21.090 -11.812 1.00 49.96 ? 40  ARG B NH2 1 
ATOM   331  N N   . PRO A 1 41  ? 4.176   -14.038 -9.217  1.00 42.38 ? 41  PRO B N   1 
ATOM   332  C CA  . PRO A 1 41  ? 4.134   -12.938 -10.179 1.00 43.90 ? 41  PRO B CA  1 
ATOM   333  C C   . PRO A 1 41  ? 4.990   -13.367 -11.356 1.00 45.63 ? 41  PRO B C   1 
ATOM   334  O O   . PRO A 1 41  ? 4.785   -12.940 -12.489 1.00 46.20 ? 41  PRO B O   1 
ATOM   335  C CB  . PRO A 1 41  ? 4.769   -11.796 -9.404  1.00 43.13 ? 41  PRO B CB  1 
ATOM   336  C CG  . PRO A 1 41  ? 5.829   -12.520 -8.609  1.00 42.33 ? 41  PRO B CG  1 
ATOM   337  C CD  . PRO A 1 41  ? 5.072   -13.720 -8.090  1.00 41.97 ? 41  PRO B CD  1 
ATOM   338  N N   . SER A 1 42  ? 5.928   -14.254 -11.037 1.00 47.75 ? 42  SER B N   1 
ATOM   339  C CA  . SER A 1 42  ? 6.917   -14.812 -11.950 1.00 49.60 ? 42  SER B CA  1 
ATOM   340  C C   . SER A 1 42  ? 8.236   -14.298 -11.395 1.00 50.42 ? 42  SER B C   1 
ATOM   341  O O   . SER A 1 42  ? 8.392   -14.372 -10.158 1.00 51.29 ? 42  SER B O   1 
ATOM   342  C CB  . SER A 1 42  ? 6.729   -14.315 -13.386 1.00 50.05 ? 42  SER B CB  1 
ATOM   343  O OG  . SER A 1 42  ? 7.775   -14.781 -14.220 1.00 50.64 ? 42  SER B OG  1 
ATOM   344  N N   . GLU A 1 55  ? 11.311  0.205   -16.130 1.00 49.33 ? 55  GLU B N   1 
ATOM   345  C CA  . GLU A 1 55  ? 10.048  0.839   -15.631 1.00 48.84 ? 55  GLU B CA  1 
ATOM   346  C C   . GLU A 1 55  ? 9.595   1.923   -16.617 1.00 47.98 ? 55  GLU B C   1 
ATOM   347  O O   . GLU A 1 55  ? 10.363  2.325   -17.494 1.00 48.69 ? 55  GLU B O   1 
ATOM   348  C CB  . GLU A 1 55  ? 10.297  1.473   -14.263 1.00 49.50 ? 55  GLU B CB  1 
ATOM   349  C CG  . GLU A 1 55  ? 10.973  2.819   -14.369 1.00 50.20 ? 55  GLU B CG  1 
ATOM   350  C CD  . GLU A 1 55  ? 11.076  3.533   -13.049 1.00 50.12 ? 55  GLU B CD  1 
ATOM   351  O OE1 . GLU A 1 55  ? 11.468  4.718   -13.058 1.00 50.61 ? 55  GLU B OE1 1 
ATOM   352  O OE2 . GLU A 1 55  ? 10.770  2.916   -12.008 1.00 50.74 ? 55  GLU B OE2 1 
ATOM   353  N N   . PRO A 1 56  ? 8.341   2.395   -16.495 1.00 46.88 ? 56  PRO B N   1 
ATOM   354  C CA  . PRO A 1 56  ? 7.798   3.435   -17.380 1.00 45.26 ? 56  PRO B CA  1 
ATOM   355  C C   . PRO A 1 56  ? 8.164   4.861   -16.954 1.00 43.77 ? 56  PRO B C   1 
ATOM   356  O O   . PRO A 1 56  ? 8.561   5.080   -15.809 1.00 43.78 ? 56  PRO B O   1 
ATOM   357  C CB  . PRO A 1 56  ? 6.295   3.172   -17.331 1.00 45.73 ? 56  PRO B CB  1 
ATOM   358  C CG  . PRO A 1 56  ? 6.083   2.666   -15.944 1.00 46.66 ? 56  PRO B CG  1 
ATOM   359  C CD  . PRO A 1 56  ? 7.264   1.737   -15.732 1.00 46.71 ? 56  PRO B CD  1 
ATOM   360  N N   . ALA A 1 57  ? 8.024   5.827   -17.866 1.00 41.82 ? 57  ALA B N   1 
ATOM   361  C CA  . ALA A 1 57  ? 8.378   7.212   -17.556 1.00 39.62 ? 57  ALA B CA  1 
ATOM   362  C C   . ALA A 1 57  ? 7.349   7.996   -16.752 1.00 37.99 ? 57  ALA B C   1 
ATOM   363  O O   . ALA A 1 57  ? 7.721   8.847   -15.943 1.00 37.53 ? 57  ALA B O   1 
ATOM   364  C CB  . ALA A 1 57  ? 8.709   7.960   -18.823 1.00 40.29 ? 57  ALA B CB  1 
ATOM   365  N N   . ARG A 1 58  ? 6.065   7.746   -16.986 1.00 35.37 ? 58  ARG B N   1 
ATOM   366  C CA  . ARG A 1 58  ? 5.015   8.442   -16.230 1.00 32.37 ? 58  ARG B CA  1 
ATOM   367  C C   . ARG A 1 58  ? 3.934   7.435   -15.832 1.00 28.81 ? 58  ARG B C   1 
ATOM   368  O O   . ARG A 1 58  ? 3.665   6.471   -16.552 1.00 28.51 ? 58  ARG B O   1 
ATOM   369  C CB  . ARG A 1 58  ? 4.367   9.559   -17.070 1.00 34.87 ? 58  ARG B CB  1 
ATOM   370  C CG  . ARG A 1 58  ? 3.165   9.068   -17.883 1.00 37.53 ? 58  ARG B CG  1 
ATOM   371  C CD  . ARG A 1 58  ? 2.657   10.042  -18.937 1.00 39.86 ? 58  ARG B CD  1 
ATOM   372  N NE  . ARG A 1 58  ? 2.172   11.306  -18.395 1.00 42.03 ? 58  ARG B NE  1 
ATOM   373  C CZ  . ARG A 1 58  ? 1.043   11.898  -18.779 1.00 42.64 ? 58  ARG B CZ  1 
ATOM   374  N NH1 . ARG A 1 58  ? 0.268   11.337  -19.698 1.00 44.40 ? 58  ARG B NH1 1 
ATOM   375  N NH2 . ARG A 1 58  ? 0.711   13.071  -18.269 1.00 43.46 ? 58  ARG B NH2 1 
ATOM   376  N N   . VAL A 1 59  ? 3.342   7.644   -14.667 1.00 24.60 ? 59  VAL B N   1 
ATOM   377  C CA  . VAL A 1 59  ? 2.270   6.777   -14.213 1.00 20.93 ? 59  VAL B CA  1 
ATOM   378  C C   . VAL A 1 59  ? 1.187   7.650   -13.593 1.00 19.62 ? 59  VAL B C   1 
ATOM   379  O O   . VAL A 1 59  ? 1.474   8.742   -13.100 1.00 19.65 ? 59  VAL B O   1 
ATOM   380  C CB  . VAL A 1 59  ? 2.741   5.747   -13.149 1.00 20.22 ? 59  VAL B CB  1 
ATOM   381  C CG1 . VAL A 1 59  ? 3.796   4.824   -13.739 1.00 19.23 ? 59  VAL B CG1 1 
ATOM   382  C CG2 . VAL A 1 59  ? 3.283   6.470   -11.922 1.00 18.88 ? 59  VAL B CG2 1 
ATOM   383  N N   . ARG A 1 60  ? -0.060  7.200   -13.656 1.00 17.44 ? 60  ARG B N   1 
ATOM   384  C CA  . ARG A 1 60  ? -1.147  7.943   -13.028 1.00 16.21 ? 60  ARG B CA  1 
ATOM   385  C C   . ARG A 1 60  ? -1.673  7.049   -11.908 1.00 16.08 ? 60  ARG B C   1 
ATOM   386  O O   . ARG A 1 60  ? -1.902  5.858   -12.117 1.00 15.95 ? 60  ARG B O   1 
ATOM   387  C CB  . ARG A 1 60  ? -2.274  8.265   -14.023 1.00 16.81 ? 60  ARG B CB  1 
ATOM   388  C CG  . ARG A 1 60  ? -3.389  9.127   -13.402 1.00 16.05 ? 60  ARG B CG  1 
ATOM   389  C CD  . ARG A 1 60  ? -4.327  9.701   -14.455 1.00 18.71 ? 60  ARG B CD  1 
ATOM   390  N NE  . ARG A 1 60  ? -5.281  10.645  -13.878 1.00 17.04 ? 60  ARG B NE  1 
ATOM   391  C CZ  . ARG A 1 60  ? -6.080  11.432  -14.593 1.00 18.42 ? 60  ARG B CZ  1 
ATOM   392  N NH1 . ARG A 1 60  ? -6.039  11.390  -15.920 1.00 19.11 ? 60  ARG B NH1 1 
ATOM   393  N NH2 . ARG A 1 60  ? -6.918  12.263  -13.986 1.00 16.83 ? 60  ARG B NH2 1 
ATOM   394  N N   . CYS A 1 61  ? -1.848  7.621   -10.719 1.00 14.36 ? 61  CYS B N   1 
ATOM   395  C CA  . CYS A 1 61  ? -2.326  6.851   -9.575  1.00 14.36 ? 61  CYS B CA  1 
ATOM   396  C C   . CYS A 1 61  ? -3.388  7.571   -8.771  1.00 13.96 ? 61  CYS B C   1 
ATOM   397  O O   . CYS A 1 61  ? -3.527  8.794   -8.838  1.00 14.20 ? 61  CYS B O   1 
ATOM   398  C CB  . CYS A 1 61  ? -1.173  6.530   -8.615  1.00 14.78 ? 61  CYS B CB  1 
ATOM   399  S SG  . CYS A 1 61  ? 0.160   5.518   -9.275  1.00 15.29 ? 61  CYS B SG  1 
ATOM   400  N N   . SER A 1 62  ? -4.137  6.777   -8.015  1.00 14.18 ? 62  SER B N   1 
ATOM   401  C CA  . SER A 1 62  ? -5.157  7.262   -7.103  1.00 13.33 ? 62  SER B CA  1 
ATOM   402  C C   . SER A 1 62  ? -4.688  6.655   -5.786  1.00 13.24 ? 62  SER B C   1 
ATOM   403  O O   . SER A 1 62  ? -3.982  5.644   -5.790  1.00 13.59 ? 62  SER B O   1 
ATOM   404  C CB  . SER A 1 62  ? -6.544  6.702   -7.456  1.00 13.90 ? 62  SER B CB  1 
ATOM   405  O OG  . SER A 1 62  ? -7.047  7.244   -8.665  1.00 16.13 ? 62  SER B OG  1 
ATOM   406  N N   . HIS A 1 63  ? -5.043  7.263   -4.662  1.00 13.29 ? 63  HIS B N   1 
ATOM   407  C CA  . HIS A 1 63  ? -4.644  6.693   -3.382  1.00 12.87 ? 63  HIS B CA  1 
ATOM   408  C C   . HIS A 1 63  ? -5.648  7.000   -2.291  1.00 13.53 ? 63  HIS B C   1 
ATOM   409  O O   . HIS A 1 63  ? -6.558  7.821   -2.465  1.00 12.70 ? 63  HIS B O   1 
ATOM   410  C CB  . HIS A 1 63  ? -3.249  7.190   -2.940  1.00 13.74 ? 63  HIS B CB  1 
ATOM   411  C CG  . HIS A 1 63  ? -3.237  8.590   -2.403  1.00 11.95 ? 63  HIS B CG  1 
ATOM   412  N ND1 . HIS A 1 63  ? -2.384  8.991   -1.394  1.00 12.27 ? 63  HIS B ND1 1 
ATOM   413  C CD2 . HIS A 1 63  ? -3.955  9.687   -2.744  1.00 11.34 ? 63  HIS B CD2 1 
ATOM   414  C CE1 . HIS A 1 63  ? -2.580  10.273  -1.137  1.00 11.11 ? 63  HIS B CE1 1 
ATOM   415  N NE2 . HIS A 1 63  ? -3.528  10.718  -1.944  1.00 11.85 ? 63  HIS B NE2 1 
ATOM   416  N N   . LEU A 1 64  ? -5.479  6.306   -1.172  1.00 12.56 ? 64  LEU B N   1 
ATOM   417  C CA  . LEU A 1 64  ? -6.311  6.488   0.004   1.00 13.75 ? 64  LEU B CA  1 
ATOM   418  C C   . LEU A 1 64  ? -5.303  6.660   1.126   1.00 13.72 ? 64  LEU B C   1 
ATOM   419  O O   . LEU A 1 64  ? -4.511  5.758   1.410   1.00 13.24 ? 64  LEU B O   1 
ATOM   420  C CB  . LEU A 1 64  ? -7.183  5.252   0.250   1.00 14.02 ? 64  LEU B CB  1 
ATOM   421  C CG  . LEU A 1 64  ? -8.253  5.335   1.346   1.00 12.98 ? 64  LEU B CG  1 
ATOM   422  C CD1 . LEU A 1 64  ? -9.198  4.138   1.212   1.00 13.55 ? 64  LEU B CD1 1 
ATOM   423  C CD2 . LEU A 1 64  ? -7.603  5.359   2.722   1.00 13.05 ? 64  LEU B CD2 1 
ATOM   424  N N   . LEU A 1 65  ? -5.315  7.835   1.740   1.00 13.09 ? 65  LEU B N   1 
ATOM   425  C CA  . LEU A 1 65  ? -4.395  8.142   2.819   1.00 13.03 ? 65  LEU B CA  1 
ATOM   426  C C   . LEU A 1 65  ? -5.069  8.095   4.184   1.00 12.29 ? 65  LEU B C   1 
ATOM   427  O O   . LEU A 1 65  ? -6.186  8.582   4.351   1.00 13.30 ? 65  LEU B O   1 
ATOM   428  C CB  . LEU A 1 65  ? -3.807  9.543   2.611   1.00 13.22 ? 65  LEU B CB  1 
ATOM   429  C CG  . LEU A 1 65  ? -3.021  10.152  3.781   1.00 14.11 ? 65  LEU B CG  1 
ATOM   430  C CD1 . LEU A 1 65  ? -1.688  9.444   3.932   1.00 13.62 ? 65  LEU B CD1 1 
ATOM   431  C CD2 . LEU A 1 65  ? -2.806  11.645  3.531   1.00 15.38 ? 65  LEU B CD2 1 
ATOM   432  N N   . VAL A 1 66  ? -4.385  7.495   5.152   1.00 12.56 ? 66  VAL B N   1 
ATOM   433  C CA  . VAL A 1 66  ? -4.880  7.459   6.521   1.00 13.78 ? 66  VAL B CA  1 
ATOM   434  C C   . VAL A 1 66  ? -3.774  8.082   7.363   1.00 13.93 ? 66  VAL B C   1 
ATOM   435  O O   . VAL A 1 66  ? -2.689  7.524   7.495   1.00 13.00 ? 66  VAL B O   1 
ATOM   436  C CB  . VAL A 1 66  ? -5.162  6.036   7.027   1.00 13.59 ? 66  VAL B CB  1 
ATOM   437  C CG1 . VAL A 1 66  ? -5.571  6.085   8.508   1.00 13.52 ? 66  VAL B CG1 1 
ATOM   438  C CG2 . VAL A 1 66  ? -6.297  5.419   6.215   1.00 13.20 ? 66  VAL B CG2 1 
ATOM   439  N N   . LYS A 1 67  ? -4.052  9.259   7.907   1.00 14.96 ? 67  LYS B N   1 
ATOM   440  C CA  . LYS A 1 67  ? -3.076  9.971   8.718   1.00 16.85 ? 67  LYS B CA  1 
ATOM   441  C C   . LYS A 1 67  ? -3.024  9.464   10.141  1.00 18.13 ? 67  LYS B C   1 
ATOM   442  O O   . LYS A 1 67  ? -3.932  8.782   10.617  1.00 17.11 ? 67  LYS B O   1 
ATOM   443  C CB  . LYS A 1 67  ? -3.401  11.468  8.738   1.00 16.68 ? 67  LYS B CB  1 
ATOM   444  C CG  . LYS A 1 67  ? -3.285  12.154  7.382   1.00 17.89 ? 67  LYS B CG  1 
ATOM   445  C CD  . LYS A 1 67  ? -3.766  13.601  7.463   1.00 20.39 ? 67  LYS B CD  1 
ATOM   446  C CE  . LYS A 1 67  ? -3.674  14.300  6.115   1.00 22.21 ? 67  LYS B CE  1 
ATOM   447  N NZ  . LYS A 1 67  ? -4.238  15.680  6.178   1.00 24.24 ? 67  LYS B NZ  1 
ATOM   448  N N   . HIS A 1 68  ? -1.931  9.785   10.813  1.00 19.58 ? 68  HIS B N   1 
ATOM   449  C CA  . HIS A 1 68  ? -1.781  9.417   12.206  1.00 22.50 ? 68  HIS B CA  1 
ATOM   450  C C   . HIS A 1 68  ? -0.862  10.401  12.857  1.00 26.19 ? 68  HIS B C   1 
ATOM   451  O O   . HIS A 1 68  ? -0.070  11.083  12.207  1.00 25.26 ? 68  HIS B O   1 
ATOM   452  C CB  . HIS A 1 68  ? -1.204  8.003   12.367  1.00 21.70 ? 68  HIS B CB  1 
ATOM   453  C CG  . HIS A 1 68  ? 0.023   7.741   11.547  1.00 20.74 ? 68  HIS B CG  1 
ATOM   454  N ND1 . HIS A 1 68  ? 1.306   7.918   12.028  1.00 19.50 ? 68  HIS B ND1 1 
ATOM   455  C CD2 . HIS A 1 68  ? 0.156   7.276   10.283  1.00 19.23 ? 68  HIS B CD2 1 
ATOM   456  C CE1 . HIS A 1 68  ? 2.173   7.569   11.093  1.00 19.13 ? 68  HIS B CE1 1 
ATOM   457  N NE2 . HIS A 1 68  ? 1.500   7.178   10.025  1.00 19.17 ? 68  HIS B NE2 1 
ATOM   458  N N   . SER A 1 69  ? -0.993  10.517  14.161  1.00 31.24 ? 69  SER B N   1 
ATOM   459  C CA  . SER A 1 69  ? -0.084  11.408  14.799  1.00 36.01 ? 69  SER B CA  1 
ATOM   460  C C   . SER A 1 69  ? 0.680   10.618  15.799  1.00 38.78 ? 69  SER B C   1 
ATOM   461  O O   . SER A 1 69  ? 0.312   9.525   16.194  1.00 39.51 ? 69  SER B O   1 
ATOM   462  C CB  . SER A 1 69  ? -0.816  12.563  15.480  1.00 36.62 ? 69  SER B CB  1 
ATOM   463  O OG  . SER A 1 69  ? -0.913  12.384  16.885  1.00 38.80 ? 69  SER B OG  1 
ATOM   464  N N   . GLN A 1 70  ? 1.774   11.240  16.209  1.00 42.03 ? 70  GLN B N   1 
ATOM   465  C CA  . GLN A 1 70  ? 2.681   10.743  17.209  1.00 44.84 ? 70  GLN B CA  1 
ATOM   466  C C   . GLN A 1 70  ? 3.054   12.050  17.886  1.00 46.42 ? 70  GLN B C   1 
ATOM   467  O O   . GLN A 1 70  ? 3.819   12.070  18.864  1.00 46.58 ? 70  GLN B O   1 
ATOM   468  C CB  . GLN A 1 70  ? 3.879   10.050  16.550  1.00 45.84 ? 70  GLN B CB  1 
ATOM   469  C CG  . GLN A 1 70  ? 3.835   8.547   16.761  1.00 47.26 ? 70  GLN B CG  1 
ATOM   470  C CD  . GLN A 1 70  ? 2.478   8.100   17.273  1.00 48.50 ? 70  GLN B CD  1 
ATOM   471  O OE1 . GLN A 1 70  ? 1.622   7.657   16.500  1.00 48.93 ? 70  GLN B OE1 1 
ATOM   472  N NE2 . GLN A 1 70  ? 2.263   8.243   18.582  1.00 48.99 ? 70  GLN B NE2 1 
ATOM   473  N N   . SER A 1 71  ? 2.485   13.162  17.415  1.00 48.08 ? 71  SER B N   1 
ATOM   474  C CA  . SER A 1 71  ? 2.737   14.454  18.041  1.00 49.40 ? 71  SER B CA  1 
ATOM   475  C C   . SER A 1 71  ? 2.321   14.308  19.512  1.00 50.02 ? 71  SER B C   1 
ATOM   476  O O   . SER A 1 71  ? 1.726   13.294  19.921  1.00 50.54 ? 71  SER B O   1 
ATOM   477  C CB  . SER A 1 71  ? 1.942   15.587  17.336  1.00 49.80 ? 71  SER B CB  1 
ATOM   478  O OG  . SER A 1 71  ? 2.687   16.805  17.309  1.00 50.79 ? 71  SER B OG  1 
ATOM   479  N N   . ARG A 1 72  ? 2.708   15.295  20.320  1.00 50.23 ? 72  ARG B N   1 
ATOM   480  C CA  . ARG A 1 72  ? 2.395   15.331  21.753  1.00 50.00 ? 72  ARG B CA  1 
ATOM   481  C C   . ARG A 1 72  ? 2.666   16.733  22.244  1.00 48.64 ? 72  ARG B C   1 
ATOM   482  O O   . ARG A 1 72  ? 3.595   16.962  23.034  1.00 48.83 ? 72  ARG B O   1 
ATOM   483  C CB  . ARG A 1 72  ? 3.271   14.379  22.547  1.00 51.83 ? 72  ARG B CB  1 
ATOM   484  C CG  . ARG A 1 72  ? 3.894   13.319  21.675  1.00 54.36 ? 72  ARG B CG  1 
ATOM   485  C CD  . ARG A 1 72  ? 4.093   12.099  22.471  1.00 56.09 ? 72  ARG B CD  1 
ATOM   486  N NE  . ARG A 1 72  ? 4.186   10.907  21.646  1.00 57.99 ? 72  ARG B NE  1 
ATOM   487  C CZ  . ARG A 1 72  ? 4.756   9.793   22.081  1.00 58.78 ? 72  ARG B CZ  1 
ATOM   488  N NH1 . ARG A 1 72  ? 5.263   9.788   23.304  1.00 59.24 ? 72  ARG B NH1 1 
ATOM   489  N NH2 . ARG A 1 72  ? 4.797   8.695   21.329  1.00 59.20 ? 72  ARG B NH2 1 
ATOM   490  N N   . ARG A 1 73  ? 1.837   17.656  21.773  1.00 46.94 ? 73  ARG B N   1 
ATOM   491  C CA  . ARG A 1 73  ? 2.011   19.058  22.087  1.00 45.25 ? 73  ARG B CA  1 
ATOM   492  C C   . ARG A 1 73  ? 1.445   19.415  23.425  1.00 42.60 ? 73  ARG B C   1 
ATOM   493  O O   . ARG A 1 73  ? 0.641   18.677  23.978  1.00 42.26 ? 73  ARG B O   1 
ATOM   494  C CB  . ARG A 1 73  ? 1.399   19.912  20.963  1.00 46.66 ? 73  ARG B CB  1 
ATOM   495  C CG  . ARG A 1 73  ? 2.492   20.510  20.103  1.00 48.87 ? 73  ARG B CG  1 
ATOM   496  C CD  . ARG A 1 73  ? 2.104   20.559  18.660  1.00 50.35 ? 73  ARG B CD  1 
ATOM   497  N NE  . ARG A 1 73  ? 3.208   21.022  17.832  1.00 52.19 ? 73  ARG B NE  1 
ATOM   498  C CZ  . ARG A 1 73  ? 3.313   20.748  16.539  1.00 53.11 ? 73  ARG B CZ  1 
ATOM   499  N NH1 . ARG A 1 73  ? 2.381   20.011  15.944  1.00 53.67 ? 73  ARG B NH1 1 
ATOM   500  N NH2 . ARG A 1 73  ? 4.339   21.214  15.840  1.00 53.53 ? 73  ARG B NH2 1 
ATOM   501  N N   . PRO A 1 74  ? 1.912   20.535  23.973  1.00 40.41 ? 74  PRO B N   1 
ATOM   502  C CA  . PRO A 1 74  ? 1.509   21.070  25.266  1.00 38.14 ? 74  PRO B CA  1 
ATOM   503  C C   . PRO A 1 74  ? 0.035   21.440  25.353  1.00 36.66 ? 74  PRO B C   1 
ATOM   504  O O   . PRO A 1 74  ? -0.628  21.697  24.344  1.00 35.16 ? 74  PRO B O   1 
ATOM   505  C CB  . PRO A 1 74  ? 2.454   22.260  25.443  1.00 39.04 ? 74  PRO B CB  1 
ATOM   506  C CG  . PRO A 1 74  ? 3.669   21.830  24.645  1.00 39.80 ? 74  PRO B CG  1 
ATOM   507  C CD  . PRO A 1 74  ? 3.018   21.323  23.408  1.00 39.71 ? 74  PRO B CD  1 
ATOM   508  N N   . SER A 1 75  ? -0.449  21.452  26.590  1.00 34.46 ? 75  SER B N   1 
ATOM   509  C CA  . SER A 1 75  ? -1.834  21.759  26.928  1.00 33.55 ? 75  SER B CA  1 
ATOM   510  C C   . SER A 1 75  ? -2.468  22.959  26.229  1.00 32.67 ? 75  SER B C   1 
ATOM   511  O O   . SER A 1 75  ? -3.653  22.933  25.903  1.00 33.39 ? 75  SER B O   1 
ATOM   512  C CB  . SER A 1 75  ? -1.924  21.974  28.437  1.00 32.98 ? 75  SER B CB  1 
ATOM   513  O OG  . SER A 1 75  ? -1.005  22.977  28.838  1.00 31.63 ? 75  SER B OG  1 
ATOM   514  N N   . SER A 1 76  ? -1.682  24.007  26.017  1.00 31.84 ? 76  SER B N   1 
ATOM   515  C CA  . SER A 1 76  ? -2.185  25.228  25.395  1.00 31.03 ? 76  SER B CA  1 
ATOM   516  C C   . SER A 1 76  ? -2.678  25.085  23.951  1.00 31.23 ? 76  SER B C   1 
ATOM   517  O O   . SER A 1 76  ? -3.464  25.906  23.478  1.00 29.44 ? 76  SER B O   1 
ATOM   518  C CB  . SER A 1 76  ? -1.109  26.318  25.457  1.00 31.09 ? 76  SER B CB  1 
ATOM   519  O OG  . SER A 1 76  ? 0.020   25.974  24.675  1.00 29.90 ? 76  SER B OG  1 
ATOM   520  N N   . TRP A 1 77  ? -2.223  24.045  23.259  1.00 32.27 ? 77  TRP B N   1 
ATOM   521  C CA  . TRP A 1 77  ? -2.618  23.823  21.869  1.00 33.45 ? 77  TRP B CA  1 
ATOM   522  C C   . TRP A 1 77  ? -4.054  23.354  21.670  1.00 34.31 ? 77  TRP B C   1 
ATOM   523  O O   . TRP A 1 77  ? -4.618  22.670  22.522  1.00 32.96 ? 77  TRP B O   1 
ATOM   524  C CB  . TRP A 1 77  ? -1.692  22.803  21.208  1.00 34.67 ? 77  TRP B CB  1 
ATOM   525  C CG  . TRP A 1 77  ? -0.341  23.337  20.912  1.00 35.80 ? 77  TRP B CG  1 
ATOM   526  C CD1 . TRP A 1 77  ? 0.655   23.593  21.806  1.00 36.66 ? 77  TRP B CD1 1 
ATOM   527  C CD2 . TRP A 1 77  ? 0.156   23.728  19.631  1.00 36.80 ? 77  TRP B CD2 1 
ATOM   528  N NE1 . TRP A 1 77  ? 1.745   24.125  21.161  1.00 36.89 ? 77  TRP B NE1 1 
ATOM   529  C CE2 . TRP A 1 77  ? 1.464   24.220  19.821  1.00 37.06 ? 77  TRP B CE2 1 
ATOM   530  C CE3 . TRP A 1 77  ? -0.380  23.717  18.336  1.00 37.70 ? 77  TRP B CE3 1 
ATOM   531  C CZ2 . TRP A 1 77  ? 2.250   24.694  18.768  1.00 37.88 ? 77  TRP B CZ2 1 
ATOM   532  C CZ3 . TRP A 1 77  ? 0.400   24.187  17.285  1.00 37.99 ? 77  TRP B CZ3 1 
ATOM   533  C CH2 . TRP A 1 77  ? 1.702   24.672  17.510  1.00 38.05 ? 77  TRP B CH2 1 
ATOM   534  N N   . ARG A 1 78  ? -4.637  23.721  20.533  1.00 35.42 ? 78  ARG B N   1 
ATOM   535  C CA  . ARG A 1 78  ? -5.990  23.295  20.214  1.00 37.23 ? 78  ARG B CA  1 
ATOM   536  C C   . ARG A 1 78  ? -5.931  21.794  19.978  1.00 38.01 ? 78  ARG B C   1 
ATOM   537  O O   . ARG A 1 78  ? -4.859  21.249  19.706  1.00 37.51 ? 78  ARG B O   1 
ATOM   538  C CB  . ARG A 1 78  ? -6.499  23.970  18.941  1.00 38.46 ? 78  ARG B CB  1 
ATOM   539  C CG  . ARG A 1 78  ? -6.589  25.475  19.012  1.00 40.34 ? 78  ARG B CG  1 
ATOM   540  C CD  . ARG A 1 78  ? -7.383  26.020  17.839  1.00 42.28 ? 78  ARG B CD  1 
ATOM   541  N NE  . ARG A 1 78  ? -7.405  27.479  17.834  1.00 43.84 ? 78  ARG B NE  1 
ATOM   542  C CZ  . ARG A 1 78  ? -8.198  28.214  17.060  1.00 45.11 ? 78  ARG B CZ  1 
ATOM   543  N NH1 . ARG A 1 78  ? -9.041  27.627  16.223  1.00 45.84 ? 78  ARG B NH1 1 
ATOM   544  N NH2 . ARG A 1 78  ? -8.144  29.538  17.122  1.00 45.74 ? 78  ARG B NH2 1 
ATOM   545  N N   . GLN A 1 79  ? -7.075  21.126  20.077  1.00 39.10 ? 79  GLN B N   1 
ATOM   546  C CA  . GLN A 1 79  ? -7.115  19.686  19.852  1.00 40.83 ? 79  GLN B CA  1 
ATOM   547  C C   . GLN A 1 79  ? -6.718  19.457  18.397  1.00 40.95 ? 79  GLN B C   1 
ATOM   548  O O   . GLN A 1 79  ? -7.073  20.246  17.519  1.00 40.54 ? 79  GLN B O   1 
ATOM   549  C CB  . GLN A 1 79  ? -8.523  19.144  20.121  1.00 42.17 ? 79  GLN B CB  1 
ATOM   550  C CG  . GLN A 1 79  ? -8.646  17.626  20.018  1.00 44.89 ? 79  GLN B CG  1 
ATOM   551  C CD  . GLN A 1 79  ? -7.734  16.890  20.985  1.00 46.28 ? 79  GLN B CD  1 
ATOM   552  O OE1 . GLN A 1 79  ? -7.791  15.666  21.094  1.00 47.66 ? 79  GLN B OE1 1 
ATOM   553  N NE2 . GLN A 1 79  ? -6.885  17.632  21.688  1.00 47.71 ? 79  GLN B NE2 1 
ATOM   554  N N   . GLU A 1 80  ? -5.953  18.403  18.140  1.00 41.18 ? 80  GLU B N   1 
ATOM   555  C CA  . GLU A 1 80  ? -5.533  18.140  16.776  1.00 41.99 ? 80  GLU B CA  1 
ATOM   556  C C   . GLU A 1 80  ? -6.533  17.287  16.008  1.00 41.34 ? 80  GLU B C   1 
ATOM   557  O O   . GLU A 1 80  ? -7.146  16.378  16.564  1.00 41.79 ? 80  GLU B O   1 
ATOM   558  C CB  . GLU A 1 80  ? -4.151  17.489  16.739  1.00 43.06 ? 80  GLU B CB  1 
ATOM   559  C CG  . GLU A 1 80  ? -3.174  18.238  15.837  1.00 45.43 ? 80  GLU B CG  1 
ATOM   560  C CD  . GLU A 1 80  ? -3.884  19.029  14.745  1.00 46.69 ? 80  GLU B CD  1 
ATOM   561  O OE1 . GLU A 1 80  ? -4.512  20.069  15.057  1.00 47.68 ? 80  GLU B OE1 1 
ATOM   562  O OE2 . GLU A 1 80  ? -3.822  18.608  13.572  1.00 47.81 ? 80  GLU B OE2 1 
ATOM   563  N N   . LYS A 1 81  ? -6.695  17.597  14.724  1.00 40.37 ? 81  LYS B N   1 
ATOM   564  C CA  . LYS A 1 81  ? -7.630  16.867  13.874  1.00 39.47 ? 81  LYS B CA  1 
ATOM   565  C C   . LYS A 1 81  ? -7.329  15.373  13.830  1.00 37.78 ? 81  LYS B C   1 
ATOM   566  O O   . LYS A 1 81  ? -8.236  14.546  13.948  1.00 38.06 ? 81  LYS B O   1 
ATOM   567  C CB  . LYS A 1 81  ? -7.620  17.446  12.458  1.00 40.76 ? 81  LYS B CB  1 
ATOM   568  C CG  . LYS A 1 81  ? -8.076  18.897  12.387  1.00 42.50 ? 81  LYS B CG  1 
ATOM   569  C CD  . LYS A 1 81  ? -8.116  19.405  10.959  1.00 43.91 ? 81  LYS B CD  1 
ATOM   570  C CE  . LYS A 1 81  ? -8.602  20.844  10.900  1.00 44.63 ? 81  LYS B CE  1 
ATOM   571  N NZ  . LYS A 1 81  ? -8.612  21.333  9.493   1.00 46.13 ? 81  LYS B NZ  1 
ATOM   572  N N   . ILE A 1 82  ? -6.058  15.027  13.658  1.00 35.87 ? 82  ILE B N   1 
ATOM   573  C CA  . ILE A 1 82  ? -5.650  13.627  13.600  1.00 33.60 ? 82  ILE B CA  1 
ATOM   574  C C   . ILE A 1 82  ? -5.115  13.189  14.956  1.00 31.90 ? 82  ILE B C   1 
ATOM   575  O O   . ILE A 1 82  ? -4.086  13.685  15.406  1.00 31.89 ? 82  ILE B O   1 
ATOM   576  C CB  . ILE A 1 82  ? -4.546  13.418  12.540  1.00 34.26 ? 82  ILE B CB  1 
ATOM   577  C CG1 . ILE A 1 82  ? -5.028  13.916  11.172  1.00 33.73 ? 82  ILE B CG1 1 
ATOM   578  C CG2 . ILE A 1 82  ? -4.146  11.945  12.486  1.00 34.36 ? 82  ILE B CG2 1 
ATOM   579  C CD1 . ILE A 1 82  ? -6.300  13.232  10.672  1.00 34.00 ? 82  ILE B CD1 1 
ATOM   580  N N   . THR A 1 83  ? -5.812  12.263  15.605  1.00 30.41 ? 83  THR B N   1 
ATOM   581  C CA  . THR A 1 83  ? -5.380  11.790  16.917  1.00 28.61 ? 83  THR B CA  1 
ATOM   582  C C   . THR A 1 83  ? -5.083  10.292  16.988  1.00 26.90 ? 83  THR B C   1 
ATOM   583  O O   . THR A 1 83  ? -4.546  9.814   17.985  1.00 25.93 ? 83  THR B O   1 
ATOM   584  C CB  . THR A 1 83  ? -6.426  12.116  18.006  1.00 29.96 ? 83  THR B CB  1 
ATOM   585  O OG1 . THR A 1 83  ? -7.649  11.432  17.711  1.00 30.88 ? 83  THR B OG1 1 
ATOM   586  C CG2 . THR A 1 83  ? -6.689  13.616  18.062  1.00 30.26 ? 83  THR B CG2 1 
ATOM   587  N N   . ARG A 1 84  ? -5.416  9.549   15.939  1.00 24.21 ? 84  ARG B N   1 
ATOM   588  C CA  . ARG A 1 84  ? -5.166  8.109   15.949  1.00 22.14 ? 84  ARG B CA  1 
ATOM   589  C C   . ARG A 1 84  ? -3.675  7.781   15.893  1.00 20.83 ? 84  ARG B C   1 
ATOM   590  O O   . ARG A 1 84  ? -2.864  8.575   15.410  1.00 21.17 ? 84  ARG B O   1 
ATOM   591  C CB  . ARG A 1 84  ? -5.876  7.429   14.773  1.00 21.08 ? 84  ARG B CB  1 
ATOM   592  C CG  . ARG A 1 84  ? -5.232  7.681   13.419  1.00 20.26 ? 84  ARG B CG  1 
ATOM   593  C CD  . ARG A 1 84  ? -5.928  6.870   12.335  1.00 18.03 ? 84  ARG B CD  1 
ATOM   594  N NE  . ARG A 1 84  ? -7.304  7.305   12.099  1.00 17.67 ? 84  ARG B NE  1 
ATOM   595  C CZ  . ARG A 1 84  ? -7.651  8.285   11.267  1.00 18.28 ? 84  ARG B CZ  1 
ATOM   596  N NH1 . ARG A 1 84  ? -8.930  8.605   11.115  1.00 20.10 ? 84  ARG B NH1 1 
ATOM   597  N NH2 . ARG A 1 84  ? -6.725  8.941   10.582  1.00 16.89 ? 84  ARG B NH2 1 
ATOM   598  N N   . THR A 1 85  ? -3.322  6.596   16.382  1.00 20.11 ? 85  THR B N   1 
ATOM   599  C CA  . THR A 1 85  ? -1.933  6.147   16.383  1.00 19.18 ? 85  THR B CA  1 
ATOM   600  C C   . THR A 1 85  ? -1.606  5.492   15.049  1.00 19.55 ? 85  THR B C   1 
ATOM   601  O O   . THR A 1 85  ? -2.506  5.201   14.255  1.00 19.01 ? 85  THR B O   1 
ATOM   602  C CB  . THR A 1 85  ? -1.678  5.101   17.482  1.00 19.18 ? 85  THR B CB  1 
ATOM   603  O OG1 . THR A 1 85  ? -2.438  3.918   17.197  1.00 17.33 ? 85  THR B OG1 1 
ATOM   604  C CG2 . THR A 1 85  ? -2.080  5.649   18.854  1.00 19.06 ? 85  THR B CG2 1 
ATOM   605  N N   . LYS A 1 86  ? -0.318  5.259   14.814  1.00 18.45 ? 86  LYS B N   1 
ATOM   606  C CA  . LYS A 1 86  ? 0.137   4.618   13.586  1.00 19.27 ? 86  LYS B CA  1 
ATOM   607  C C   . LYS A 1 86  ? -0.468  3.216   13.515  1.00 19.37 ? 86  LYS B C   1 
ATOM   608  O O   . LYS A 1 86  ? -0.881  2.757   12.453  1.00 18.70 ? 86  LYS B O   1 
ATOM   609  C CB  . LYS A 1 86  ? 1.667   4.514   13.577  1.00 19.71 ? 86  LYS B CB  1 
ATOM   610  C CG  . LYS A 1 86  ? 2.251   3.943   12.284  1.00 20.43 ? 86  LYS B CG  1 
ATOM   611  C CD  . LYS A 1 86  ? 3.756   3.676   12.408  1.00 20.77 ? 86  LYS B CD  1 
ATOM   612  C CE  . LYS A 1 86  ? 4.549   4.964   12.598  1.00 21.24 ? 86  LYS B CE  1 
ATOM   613  N NZ  . LYS A 1 86  ? 6.024   4.690   12.700  1.00 18.74 ? 86  LYS B NZ  1 
ATOM   614  N N   . GLU A 1 87  ? -0.514  2.547   14.663  1.00 20.47 ? 87  GLU B N   1 
ATOM   615  C CA  . GLU A 1 87  ? -1.064  1.195   14.758  1.00 21.27 ? 87  GLU B CA  1 
ATOM   616  C C   . GLU A 1 87  ? -2.534  1.184   14.329  1.00 20.00 ? 87  GLU B C   1 
ATOM   617  O O   . GLU A 1 87  ? -2.974  0.304   13.584  1.00 20.04 ? 87  GLU B O   1 
ATOM   618  C CB  . GLU A 1 87  ? -0.943  0.696   16.202  1.00 24.15 ? 87  GLU B CB  1 
ATOM   619  C CG  . GLU A 1 87  ? -0.455  -0.735  16.353  1.00 30.41 ? 87  GLU B CG  1 
ATOM   620  C CD  . GLU A 1 87  ? -0.491  -1.208  17.800  1.00 33.11 ? 87  GLU B CD  1 
ATOM   621  O OE1 . GLU A 1 87  ? -1.590  -1.214  18.395  1.00 35.13 ? 87  GLU B OE1 1 
ATOM   622  O OE2 . GLU A 1 87  ? 0.577   -1.569  18.345  1.00 35.68 ? 87  GLU B OE2 1 
ATOM   623  N N   . GLU A 1 88  ? -3.291  2.167   14.804  1.00 18.84 ? 88  GLU B N   1 
ATOM   624  C CA  . GLU A 1 88  ? -4.709  2.262   14.468  1.00 18.73 ? 88  GLU B CA  1 
ATOM   625  C C   . GLU A 1 88  ? -4.877  2.587   12.986  1.00 17.62 ? 88  GLU B C   1 
ATOM   626  O O   . GLU A 1 88  ? -5.795  2.092   12.333  1.00 16.35 ? 88  GLU B O   1 
ATOM   627  C CB  . GLU A 1 88  ? -5.382  3.332   15.334  1.00 19.88 ? 88  GLU B CB  1 
ATOM   628  C CG  . GLU A 1 88  ? -5.260  3.046   16.835  1.00 22.75 ? 88  GLU B CG  1 
ATOM   629  C CD  . GLU A 1 88  ? -5.880  4.121   17.710  1.00 23.82 ? 88  GLU B CD  1 
ATOM   630  O OE1 . GLU A 1 88  ? -5.697  5.318   17.414  1.00 23.97 ? 88  GLU B OE1 1 
ATOM   631  O OE2 . GLU A 1 88  ? -6.539  3.767   18.711  1.00 26.60 ? 88  GLU B OE2 1 
ATOM   632  N N   . ALA A 1 89  ? -3.976  3.411   12.459  1.00 16.57 ? 89  ALA B N   1 
ATOM   633  C CA  . ALA A 1 89  ? -4.014  3.792   11.047  1.00 16.22 ? 89  ALA B CA  1 
ATOM   634  C C   . ALA A 1 89  ? -3.735  2.574   10.170  1.00 15.96 ? 89  ALA B C   1 
ATOM   635  O O   . ALA A 1 89  ? -4.377  2.379   9.133   1.00 16.21 ? 89  ALA B O   1 
ATOM   636  C CB  . ALA A 1 89  ? -2.977  4.884   10.769  1.00 14.67 ? 89  ALA B CB  1 
ATOM   637  N N   . LEU A 1 90  ? -2.770  1.755   10.582  1.00 15.57 ? 90  LEU B N   1 
ATOM   638  C CA  . LEU A 1 90  ? -2.422  0.562   9.820   1.00 16.08 ? 90  LEU B CA  1 
ATOM   639  C C   . LEU A 1 90  ? -3.580  -0.436  9.832   1.00 17.10 ? 90  LEU B C   1 
ATOM   640  O O   . LEU A 1 90  ? -3.831  -1.120  8.840   1.00 16.63 ? 90  LEU B O   1 
ATOM   641  C CB  . LEU A 1 90  ? -1.155  -0.096  10.386  1.00 16.44 ? 90  LEU B CB  1 
ATOM   642  C CG  . LEU A 1 90  ? -0.647  -1.352  9.661   1.00 16.92 ? 90  LEU B CG  1 
ATOM   643  C CD1 . LEU A 1 90  ? -0.518  -1.084  8.162   1.00 17.68 ? 90  LEU B CD1 1 
ATOM   644  C CD2 . LEU A 1 90  ? 0.693   -1.779  10.249  1.00 17.77 ? 90  LEU B CD2 1 
ATOM   645  N N   . GLU A 1 91  ? -4.298  -0.504  10.949  1.00 16.70 ? 91  GLU B N   1 
ATOM   646  C CA  . GLU A 1 91  ? -5.424  -1.423  11.060  1.00 18.39 ? 91  GLU B CA  1 
ATOM   647  C C   . GLU A 1 91  ? -6.519  -1.006  10.082  1.00 16.60 ? 91  GLU B C   1 
ATOM   648  O O   . GLU A 1 91  ? -7.135  -1.847  9.425   1.00 15.67 ? 91  GLU B O   1 
ATOM   649  C CB  . GLU A 1 91  ? -5.964  -1.426  12.492  1.00 21.18 ? 91  GLU B CB  1 
ATOM   650  C CG  . GLU A 1 91  ? -6.913  -2.570  12.799  1.00 27.85 ? 91  GLU B CG  1 
ATOM   651  C CD  . GLU A 1 91  ? -7.446  -2.513  14.217  1.00 31.56 ? 91  GLU B CD  1 
ATOM   652  O OE1 . GLU A 1 91  ? -7.878  -3.566  14.740  1.00 35.66 ? 91  GLU B OE1 1 
ATOM   653  O OE2 . GLU A 1 91  ? -7.446  -1.413  14.811  1.00 35.15 ? 91  GLU B OE2 1 
ATOM   654  N N   . LEU A 1 92  ? -6.761  0.299   9.988   1.00 15.68 ? 92  LEU B N   1 
ATOM   655  C CA  . LEU A 1 92  ? -7.769  0.824   9.071   1.00 15.22 ? 92  LEU B CA  1 
ATOM   656  C C   . LEU A 1 92  ? -7.354  0.527   7.630   1.00 14.62 ? 92  LEU B C   1 
ATOM   657  O O   . LEU A 1 92  ? -8.169  0.100   6.804   1.00 15.46 ? 92  LEU B O   1 
ATOM   658  C CB  . LEU A 1 92  ? -7.923  2.333   9.270   1.00 14.77 ? 92  LEU B CB  1 
ATOM   659  C CG  . LEU A 1 92  ? -8.640  2.741   10.558  1.00 16.31 ? 92  LEU B CG  1 
ATOM   660  C CD1 . LEU A 1 92  ? -8.420  4.218   10.842  1.00 15.54 ? 92  LEU B CD1 1 
ATOM   661  C CD2 . LEU A 1 92  ? -10.130 2.431   10.417  1.00 16.69 ? 92  LEU B CD2 1 
ATOM   662  N N   . ILE A 1 93  ? -6.079  0.752   7.338   1.00 13.59 ? 93  ILE B N   1 
ATOM   663  C CA  . ILE A 1 93  ? -5.547  0.501   6.007   1.00 13.79 ? 93  ILE B CA  1 
ATOM   664  C C   . ILE A 1 93  ? -5.691  -0.972  5.627   1.00 13.82 ? 93  ILE B C   1 
ATOM   665  O O   . ILE A 1 93  ? -6.091  -1.290  4.507   1.00 12.70 ? 93  ILE B O   1 
ATOM   666  C CB  . ILE A 1 93  ? -4.048  0.894   5.916   1.00 13.31 ? 93  ILE B CB  1 
ATOM   667  C CG1 . ILE A 1 93  ? -3.900  2.420   5.881   1.00 13.49 ? 93  ILE B CG1 1 
ATOM   668  C CG2 . ILE A 1 93  ? -3.421  0.268   4.686   1.00 14.12 ? 93  ILE B CG2 1 
ATOM   669  C CD1 . ILE A 1 93  ? -4.318  3.065   4.562   1.00 14.22 ? 93  ILE B CD1 1 
ATOM   670  N N   . ASN A 1 94  ? -5.353  -1.870  6.548   1.00 14.40 ? 94  ASN B N   1 
ATOM   671  C CA  . ASN A 1 94  ? -5.456  -3.293  6.251   1.00 14.38 ? 94  ASN B CA  1 
ATOM   672  C C   . ASN A 1 94  ? -6.901  -3.714  6.022   1.00 14.23 ? 94  ASN B C   1 
ATOM   673  O O   . ASN A 1 94  ? -7.174  -4.569  5.182   1.00 13.53 ? 94  ASN B O   1 
ATOM   674  C CB  . ASN A 1 94  ? -4.831  -4.134  7.366   1.00 16.29 ? 94  ASN B CB  1 
ATOM   675  C CG  . ASN A 1 94  ? -3.316  -4.125  7.313   1.00 17.36 ? 94  ASN B CG  1 
ATOM   676  O OD1 . ASN A 1 94  ? -2.727  -4.152  6.234   1.00 18.79 ? 94  ASN B OD1 1 
ATOM   677  N ND2 . ASN A 1 94  ? -2.677  -4.099  8.478   1.00 18.99 ? 94  ASN B ND2 1 
ATOM   678  N N   . GLY A 1 95  ? -7.817  -3.113  6.773   1.00 14.26 ? 95  GLY B N   1 
ATOM   679  C CA  . GLY A 1 95  ? -9.227  -3.432  6.613   1.00 15.42 ? 95  GLY B CA  1 
ATOM   680  C C   . GLY A 1 95  ? -9.741  -2.991  5.253   1.00 15.55 ? 95  GLY B C   1 
ATOM   681  O O   . GLY A 1 95  ? -10.530 -3.699  4.615   1.00 15.89 ? 95  GLY B O   1 
ATOM   682  N N   . TYR A 1 96  ? -9.306  -1.816  4.801   1.00 14.78 ? 96  TYR B N   1 
ATOM   683  C CA  . TYR A 1 96  ? -9.729  -1.307  3.494   1.00 14.41 ? 96  TYR B CA  1 
ATOM   684  C C   . TYR A 1 96  ? -9.179  -2.215  2.389   1.00 14.48 ? 96  TYR B C   1 
ATOM   685  O O   . TYR A 1 96  ? -9.877  -2.529  1.422   1.00 15.51 ? 96  TYR B O   1 
ATOM   686  C CB  . TYR A 1 96  ? -9.226  0.131   3.285   1.00 13.48 ? 96  TYR B CB  1 
ATOM   687  C CG  . TYR A 1 96  ? -9.804  1.161   4.240   1.00 14.07 ? 96  TYR B CG  1 
ATOM   688  C CD1 . TYR A 1 96  ? -9.074  2.299   4.585   1.00 13.55 ? 96  TYR B CD1 1 
ATOM   689  C CD2 . TYR A 1 96  ? -11.071 0.995   4.810   1.00 14.66 ? 96  TYR B CD2 1 
ATOM   690  C CE1 . TYR A 1 96  ? -9.586  3.246   5.479   1.00 13.53 ? 96  TYR B CE1 1 
ATOM   691  C CE2 . TYR A 1 96  ? -11.591 1.936   5.702   1.00 14.87 ? 96  TYR B CE2 1 
ATOM   692  C CZ  . TYR A 1 96  ? -10.843 3.057   6.034   1.00 15.24 ? 96  TYR B CZ  1 
ATOM   693  O OH  . TYR A 1 96  ? -11.342 3.978   6.934   1.00 15.57 ? 96  TYR B OH  1 
ATOM   694  N N   . ILE A 1 97  ? -7.927  -2.638  2.535   1.00 14.18 ? 97  ILE B N   1 
ATOM   695  C CA  . ILE A 1 97  ? -7.305  -3.517  1.548   1.00 14.02 ? 97  ILE B CA  1 
ATOM   696  C C   . ILE A 1 97  ? -8.115  -4.809  1.428   1.00 15.74 ? 97  ILE B C   1 
ATOM   697  O O   . ILE A 1 97  ? -8.394  -5.280  0.322   1.00 14.59 ? 97  ILE B O   1 
ATOM   698  C CB  . ILE A 1 97  ? -5.835  -3.836  1.947   1.00 14.56 ? 97  ILE B CB  1 
ATOM   699  C CG1 . ILE A 1 97  ? -4.963  -2.600  1.685   1.00 14.02 ? 97  ILE B CG1 1 
ATOM   700  C CG2 . ILE A 1 97  ? -5.310  -5.049  1.187   1.00 13.22 ? 97  ILE B CG2 1 
ATOM   701  C CD1 . ILE A 1 97  ? -3.517  -2.735  2.169   1.00 14.74 ? 97  ILE B CD1 1 
ATOM   702  N N   . GLN A 1 98  ? -8.508  -5.365  2.567   1.00 16.44 ? 98  GLN B N   1 
ATOM   703  C CA  . GLN A 1 98  ? -9.280  -6.602  2.580   1.00 19.35 ? 98  GLN B CA  1 
ATOM   704  C C   . GLN A 1 98  ? -10.641 -6.410  1.909   1.00 19.74 ? 98  GLN B C   1 
ATOM   705  O O   . GLN A 1 98  ? -11.074 -7.248  1.117   1.00 20.15 ? 98  GLN B O   1 
ATOM   706  C CB  . GLN A 1 98  ? -9.439  -7.094  4.026   1.00 20.94 ? 98  GLN B CB  1 
ATOM   707  C CG  . GLN A 1 98  ? -10.291 -8.342  4.206   1.00 25.76 ? 98  GLN B CG  1 
ATOM   708  C CD  . GLN A 1 98  ? -11.775 -8.038  4.192   1.00 28.08 ? 98  GLN B CD  1 
ATOM   709  O OE1 . GLN A 1 98  ? -12.250 -7.182  4.940   1.00 31.05 ? 98  GLN B OE1 1 
ATOM   710  N NE2 . GLN A 1 98  ? -12.519 -8.743  3.346   1.00 31.42 ? 98  GLN B NE2 1 
ATOM   711  N N   . LYS A 1 99  ? -11.310 -5.301  2.206   1.00 19.84 ? 99  LYS B N   1 
ATOM   712  C CA  . LYS A 1 99  ? -12.612 -5.039  1.598   1.00 20.96 ? 99  LYS B CA  1 
ATOM   713  C C   . LYS A 1 99  ? -12.497 -4.798  0.094   1.00 20.47 ? 99  LYS B C   1 
ATOM   714  O O   . LYS A 1 99  ? -13.390 -5.166  -0.673  1.00 20.76 ? 99  LYS B O   1 
ATOM   715  C CB  . LYS A 1 99  ? -13.282 -3.843  2.272   1.00 22.35 ? 99  LYS B CB  1 
ATOM   716  C CG  . LYS A 1 99  ? -13.600 -4.093  3.734   1.00 26.12 ? 99  LYS B CG  1 
ATOM   717  C CD  . LYS A 1 99  ? -14.420 -2.969  4.333   1.00 28.70 ? 99  LYS B CD  1 
ATOM   718  C CE  . LYS A 1 99  ? -14.746 -3.260  5.786   1.00 30.65 ? 99  LYS B CE  1 
ATOM   719  N NZ  . LYS A 1 99  ? -15.642 -2.221  6.366   1.00 33.47 ? 99  LYS B NZ  1 
ATOM   720  N N   . ILE A 1 100 ? -11.403 -4.178  -0.333  1.00 18.96 ? 100 ILE B N   1 
ATOM   721  C CA  . ILE A 1 100 ? -11.214 -3.925  -1.754  1.00 19.53 ? 100 ILE B CA  1 
ATOM   722  C C   . ILE A 1 100 ? -10.888 -5.225  -2.491  1.00 20.06 ? 100 ILE B C   1 
ATOM   723  O O   . ILE A 1 100 ? -11.439 -5.493  -3.560  1.00 20.01 ? 100 ILE B O   1 
ATOM   724  C CB  . ILE A 1 100 ? -10.092 -2.893  -2.002  1.00 18.77 ? 100 ILE B CB  1 
ATOM   725  C CG1 . ILE A 1 100 ? -10.495 -1.546  -1.396  1.00 18.79 ? 100 ILE B CG1 1 
ATOM   726  C CG2 . ILE A 1 100 ? -9.852  -2.729  -3.502  1.00 19.23 ? 100 ILE B CG2 1 
ATOM   727  C CD1 . ILE A 1 100 ? -9.417  -0.485  -1.469  1.00 18.40 ? 100 ILE B CD1 1 
ATOM   728  N N   . LYS A 1 101 ? -10.001 -6.036  -1.921  1.00 20.37 ? 101 LYS B N   1 
ATOM   729  C CA  . LYS A 1 101 ? -9.634  -7.307  -2.546  1.00 21.72 ? 101 LYS B CA  1 
ATOM   730  C C   . LYS A 1 101 ? -10.807 -8.282  -2.587  1.00 23.66 ? 101 LYS B C   1 
ATOM   731  O O   . LYS A 1 101 ? -10.936 -9.069  -3.527  1.00 23.44 ? 101 LYS B O   1 
ATOM   732  C CB  . LYS A 1 101 ? -8.481  -7.972  -1.794  1.00 21.37 ? 101 LYS B CB  1 
ATOM   733  C CG  . LYS A 1 101 ? -7.110  -7.367  -2.040  1.00 22.69 ? 101 LYS B CG  1 
ATOM   734  C CD  . LYS A 1 101 ? -6.058  -8.243  -1.379  1.00 24.02 ? 101 LYS B CD  1 
ATOM   735  C CE  . LYS A 1 101 ? -4.651  -7.863  -1.787  1.00 25.30 ? 101 LYS B CE  1 
ATOM   736  N NZ  . LYS A 1 101 ? -3.664  -8.826  -1.214  1.00 22.42 ? 101 LYS B NZ  1 
ATOM   737  N N   . SER A 1 102 ? -11.657 -8.232  -1.566  1.00 24.18 ? 102 SER B N   1 
ATOM   738  C CA  . SER A 1 102 ? -12.806 -9.132  -1.499  1.00 26.48 ? 102 SER B CA  1 
ATOM   739  C C   . SER A 1 102 ? -13.955 -8.655  -2.379  1.00 26.99 ? 102 SER B C   1 
ATOM   740  O O   . SER A 1 102 ? -14.983 -9.325  -2.479  1.00 28.20 ? 102 SER B O   1 
ATOM   741  C CB  . SER A 1 102 ? -13.298 -9.265  -0.055  1.00 25.05 ? 102 SER B CB  1 
ATOM   742  O OG  . SER A 1 102 ? -13.967 -8.092  0.369   1.00 27.07 ? 102 SER B OG  1 
ATOM   743  N N   . GLY A 1 103 ? -13.779 -7.501  -3.015  1.00 27.82 ? 103 GLY B N   1 
ATOM   744  C CA  . GLY A 1 103 ? -14.818 -6.961  -3.875  1.00 28.22 ? 103 GLY B CA  1 
ATOM   745  C C   . GLY A 1 103 ? -15.987 -6.429  -3.072  1.00 28.81 ? 103 GLY B C   1 
ATOM   746  O O   . GLY A 1 103 ? -17.066 -6.180  -3.608  1.00 28.92 ? 103 GLY B O   1 
ATOM   747  N N   . GLU A 1 104 ? -15.767 -6.250  -1.775  1.00 29.47 ? 104 GLU B N   1 
ATOM   748  C CA  . GLU A 1 104 ? -16.798 -5.747  -0.884  1.00 30.26 ? 104 GLU B CA  1 
ATOM   749  C C   . GLU A 1 104 ? -16.954 -4.232  -1.068  1.00 30.26 ? 104 GLU B C   1 
ATOM   750  O O   . GLU A 1 104 ? -18.052 -3.691  -0.935  1.00 30.22 ? 104 GLU B O   1 
ATOM   751  C CB  . GLU A 1 104 ? -16.418 -6.078  0.561   1.00 32.29 ? 104 GLU B CB  1 
ATOM   752  C CG  . GLU A 1 104 ? -17.591 -6.358  1.474   1.00 34.93 ? 104 GLU B CG  1 
ATOM   753  C CD  . GLU A 1 104 ? -17.153 -6.704  2.884   1.00 36.17 ? 104 GLU B CD  1 
ATOM   754  O OE1 . GLU A 1 104 ? -16.555 -7.784  3.081   1.00 36.74 ? 104 GLU B OE1 1 
ATOM   755  O OE2 . GLU A 1 104 ? -17.399 -5.886  3.795   1.00 37.49 ? 104 GLU B OE2 1 
ATOM   756  N N   . GLU A 1 105 ? -15.847 -3.564  -1.384  1.00 29.84 ? 105 GLU B N   1 
ATOM   757  C CA  . GLU A 1 105 ? -15.818 -2.117  -1.602  1.00 29.76 ? 105 GLU B CA  1 
ATOM   758  C C   . GLU A 1 105 ? -14.971 -1.783  -2.827  1.00 28.81 ? 105 GLU B C   1 
ATOM   759  O O   . GLU A 1 105 ? -14.057 -2.527  -3.177  1.00 28.12 ? 105 GLU B O   1 
ATOM   760  C CB  . GLU A 1 105 ? -15.207 -1.398  -0.394  1.00 31.20 ? 105 GLU B CB  1 
ATOM   761  C CG  . GLU A 1 105 ? -16.071 -1.324  0.848   1.00 33.39 ? 105 GLU B CG  1 
ATOM   762  C CD  . GLU A 1 105 ? -17.297 -0.457  0.655   1.00 35.52 ? 105 GLU B CD  1 
ATOM   763  O OE1 . GLU A 1 105 ? -17.205 0.558   -0.069  1.00 37.57 ? 105 GLU B OE1 1 
ATOM   764  O OE2 . GLU A 1 105 ? -18.350 -0.784  1.238   1.00 36.79 ? 105 GLU B OE2 1 
ATOM   765  N N   . ASP A 1 106 ? -15.279 -0.657  -3.464  1.00 27.92 ? 106 ASP B N   1 
ATOM   766  C CA  . ASP A 1 106 ? -14.536 -0.186  -4.632  1.00 28.07 ? 106 ASP B CA  1 
ATOM   767  C C   . ASP A 1 106 ? -13.479 0.791   -4.111  1.00 25.96 ? 106 ASP B C   1 
ATOM   768  O O   . ASP A 1 106 ? -13.748 1.569   -3.197  1.00 25.25 ? 106 ASP B O   1 
ATOM   769  C CB  . ASP A 1 106 ? -15.479 0.532   -5.603  1.00 30.72 ? 106 ASP B CB  1 
ATOM   770  C CG  . ASP A 1 106 ? -14.749 1.197   -6.764  1.00 33.78 ? 106 ASP B CG  1 
ATOM   771  O OD1 . ASP A 1 106 ? -13.502 1.152   -6.815  1.00 36.58 ? 106 ASP B OD1 1 
ATOM   772  O OD2 . ASP A 1 106 ? -15.434 1.778   -7.632  1.00 37.23 ? 106 ASP B OD2 1 
ATOM   773  N N   . PHE A 1 107 ? -12.278 0.740   -4.682  1.00 24.40 ? 107 PHE B N   1 
ATOM   774  C CA  . PHE A 1 107 ? -11.193 1.626   -4.264  1.00 23.49 ? 107 PHE B CA  1 
ATOM   775  C C   . PHE A 1 107 ? -11.629 3.089   -4.254  1.00 22.95 ? 107 PHE B C   1 
ATOM   776  O O   . PHE A 1 107 ? -11.487 3.781   -3.250  1.00 21.90 ? 107 PHE B O   1 
ATOM   777  C CB  . PHE A 1 107 ? -9.995  1.489   -5.209  1.00 21.92 ? 107 PHE B CB  1 
ATOM   778  C CG  . PHE A 1 107 ? -8.777  2.250   -4.759  1.00 21.93 ? 107 PHE B CG  1 
ATOM   779  C CD1 . PHE A 1 107 ? -7.858  1.664   -3.896  1.00 21.84 ? 107 PHE B CD1 1 
ATOM   780  C CD2 . PHE A 1 107 ? -8.561  3.561   -5.178  1.00 22.91 ? 107 PHE B CD2 1 
ATOM   781  C CE1 . PHE A 1 107 ? -6.739  2.369   -3.454  1.00 23.40 ? 107 PHE B CE1 1 
ATOM   782  C CE2 . PHE A 1 107 ? -7.446  4.276   -4.740  1.00 21.98 ? 107 PHE B CE2 1 
ATOM   783  C CZ  . PHE A 1 107 ? -6.534  3.677   -3.877  1.00 22.39 ? 107 PHE B CZ  1 
ATOM   784  N N   . GLU A 1 108 ? -12.147 3.552   -5.388  1.00 23.82 ? 108 GLU B N   1 
ATOM   785  C CA  . GLU A 1 108 ? -12.578 4.938   -5.537  1.00 24.89 ? 108 GLU B CA  1 
ATOM   786  C C   . GLU A 1 108 ? -13.575 5.388   -4.481  1.00 23.99 ? 108 GLU B C   1 
ATOM   787  O O   . GLU A 1 108 ? -13.474 6.500   -3.955  1.00 22.50 ? 108 GLU B O   1 
ATOM   788  C CB  . GLU A 1 108 ? -13.179 5.161   -6.930  1.00 28.31 ? 108 GLU B CB  1 
ATOM   789  C CG  . GLU A 1 108 ? -12.277 4.733   -8.076  1.00 32.55 ? 108 GLU B CG  1 
ATOM   790  C CD  . GLU A 1 108 ? -10.809 4.982   -7.790  1.00 35.30 ? 108 GLU B CD  1 
ATOM   791  O OE1 . GLU A 1 108 ? -10.477 6.055   -7.244  1.00 37.80 ? 108 GLU B OE1 1 
ATOM   792  O OE2 . GLU A 1 108 ? -9.983  4.106   -8.118  1.00 37.31 ? 108 GLU B OE2 1 
ATOM   793  N N   . SER A 1 109 ? -14.545 4.532   -4.177  1.00 23.53 ? 109 SER B N   1 
ATOM   794  C CA  . SER A 1 109 ? -15.547 4.871   -3.175  1.00 23.38 ? 109 SER B CA  1 
ATOM   795  C C   . SER A 1 109 ? -14.911 5.018   -1.799  1.00 21.96 ? 109 SER B C   1 
ATOM   796  O O   . SER A 1 109 ? -15.168 5.994   -1.099  1.00 21.24 ? 109 SER B O   1 
ATOM   797  C CB  . SER A 1 109 ? -16.641 3.803   -3.131  1.00 24.67 ? 109 SER B CB  1 
ATOM   798  O OG  . SER A 1 109 ? -17.344 3.771   -4.358  1.00 28.54 ? 109 SER B OG  1 
ATOM   799  N N   . LEU A 1 110 ? -14.081 4.055   -1.413  1.00 20.00 ? 110 LEU B N   1 
ATOM   800  C CA  . LEU A 1 110 ? -13.424 4.117   -0.113  1.00 19.21 ? 110 LEU B CA  1 
ATOM   801  C C   . LEU A 1 110 ? -12.489 5.321   -0.023  1.00 17.95 ? 110 LEU B C   1 
ATOM   802  O O   . LEU A 1 110 ? -12.392 5.956   1.026   1.00 16.36 ? 110 LEU B O   1 
ATOM   803  C CB  . LEU A 1 110 ? -12.640 2.828   0.164   1.00 19.75 ? 110 LEU B CB  1 
ATOM   804  C CG  . LEU A 1 110 ? -13.437 1.615   0.660   1.00 21.04 ? 110 LEU B CG  1 
ATOM   805  C CD1 . LEU A 1 110 ? -12.486 0.454   0.915   1.00 20.59 ? 110 LEU B CD1 1 
ATOM   806  C CD2 . LEU A 1 110 ? -14.189 1.971   1.938   1.00 21.30 ? 110 LEU B CD2 1 
ATOM   807  N N   . ALA A 1 111 ? -11.800 5.634   -1.116  1.00 16.52 ? 111 ALA B N   1 
ATOM   808  C CA  . ALA A 1 111 ? -10.896 6.785   -1.122  1.00 16.76 ? 111 ALA B CA  1 
ATOM   809  C C   . ALA A 1 111 ? -11.726 8.047   -0.893  1.00 16.63 ? 111 ALA B C   1 
ATOM   810  O O   . ALA A 1 111 ? -11.416 8.876   -0.035  1.00 15.52 ? 111 ALA B O   1 
ATOM   811  C CB  . ALA A 1 111 ? -10.164 6.875   -2.451  1.00 17.12 ? 111 ALA B CB  1 
ATOM   812  N N   . SER A 1 112 ? -12.793 8.187   -1.664  1.00 16.44 ? 112 SER B N   1 
ATOM   813  C CA  . SER A 1 112 ? -13.668 9.339   -1.515  1.00 17.25 ? 112 SER B CA  1 
ATOM   814  C C   . SER A 1 112 ? -14.232 9.421   -0.098  1.00 17.60 ? 112 SER B C   1 
ATOM   815  O O   . SER A 1 112 ? -14.385 10.502  0.462   1.00 17.66 ? 112 SER B O   1 
ATOM   816  C CB  . SER A 1 112 ? -14.829 9.250   -2.507  1.00 18.68 ? 112 SER B CB  1 
ATOM   817  O OG  . SER A 1 112 ? -15.892 10.088  -2.092  1.00 21.92 ? 112 SER B OG  1 
ATOM   818  N N   . GLN A 1 113 ? -14.532 8.273   0.490   1.00 18.11 ? 113 GLN B N   1 
ATOM   819  C CA  . GLN A 1 113 ? -15.118 8.254   1.824   1.00 18.86 ? 113 GLN B CA  1 
ATOM   820  C C   . GLN A 1 113 ? -14.170 8.454   3.002   1.00 17.98 ? 113 GLN B C   1 
ATOM   821  O O   . GLN A 1 113 ? -14.457 9.240   3.910   1.00 17.21 ? 113 GLN B O   1 
ATOM   822  C CB  . GLN A 1 113 ? -15.884 6.948   2.022   1.00 22.10 ? 113 GLN B CB  1 
ATOM   823  C CG  . GLN A 1 113 ? -16.941 6.693   0.964   1.00 27.73 ? 113 GLN B CG  1 
ATOM   824  C CD  . GLN A 1 113 ? -17.583 5.325   1.103   1.00 30.71 ? 113 GLN B CD  1 
ATOM   825  O OE1 . GLN A 1 113 ? -18.309 5.064   2.060   1.00 33.41 ? 113 GLN B OE1 1 
ATOM   826  N NE2 . GLN A 1 113 ? -17.307 4.438   0.150   1.00 33.10 ? 113 GLN B NE2 1 
ATOM   827  N N   . PHE A 1 114 ? -13.036 7.761   2.987   1.00 17.16 ? 114 PHE B N   1 
ATOM   828  C CA  . PHE A 1 114 ? -12.110 7.842   4.111   1.00 15.46 ? 114 PHE B CA  1 
ATOM   829  C C   . PHE A 1 114 ? -10.731 8.479   3.930   1.00 15.44 ? 114 PHE B C   1 
ATOM   830  O O   . PHE A 1 114 ? -10.045 8.724   4.920   1.00 14.78 ? 114 PHE B O   1 
ATOM   831  C CB  . PHE A 1 114 ? -11.924 6.438   4.704   1.00 15.93 ? 114 PHE B CB  1 
ATOM   832  C CG  . PHE A 1 114 ? -13.203 5.800   5.170   1.00 15.66 ? 114 PHE B CG  1 
ATOM   833  C CD1 . PHE A 1 114 ? -13.820 4.810   4.414   1.00 15.69 ? 114 PHE B CD1 1 
ATOM   834  C CD2 . PHE A 1 114 ? -13.799 6.202   6.360   1.00 16.14 ? 114 PHE B CD2 1 
ATOM   835  C CE1 . PHE A 1 114 ? -15.016 4.229   4.836   1.00 17.02 ? 114 PHE B CE1 1 
ATOM   836  C CE2 . PHE A 1 114 ? -14.996 5.627   6.790   1.00 16.86 ? 114 PHE B CE2 1 
ATOM   837  C CZ  . PHE A 1 114 ? -15.604 4.639   6.026   1.00 17.30 ? 114 PHE B CZ  1 
ATOM   838  N N   . SER A 1 115 ? -10.302 8.756   2.703   1.00 15.16 ? 115 SER B N   1 
ATOM   839  C CA  . SER A 1 115 ? -8.971  9.343   2.548   1.00 14.25 ? 115 SER B CA  1 
ATOM   840  C C   . SER A 1 115 ? -8.830  10.702  3.226   1.00 13.92 ? 115 SER B C   1 
ATOM   841  O O   . SER A 1 115 ? -9.693  11.573  3.089   1.00 13.33 ? 115 SER B O   1 
ATOM   842  C CB  . SER A 1 115 ? -8.593  9.485   1.071   1.00 13.86 ? 115 SER B CB  1 
ATOM   843  O OG  . SER A 1 115 ? -7.261  9.950   0.961   1.00 13.22 ? 115 SER B OG  1 
ATOM   844  N N   . ASP A 1 116 ? -7.726  10.876  3.952   1.00 15.24 ? 116 ASP B N   1 
ATOM   845  C CA  . ASP A 1 116 ? -7.450  12.126  4.643   1.00 15.80 ? 116 ASP B CA  1 
ATOM   846  C C   . ASP A 1 116 ? -6.697  13.111  3.753   1.00 16.33 ? 116 ASP B C   1 
ATOM   847  O O   . ASP A 1 116 ? -6.354  14.207  4.194   1.00 16.73 ? 116 ASP B O   1 
ATOM   848  C CB  . ASP A 1 116 ? -6.631  11.878  5.914   1.00 16.94 ? 116 ASP B CB  1 
ATOM   849  C CG  . ASP A 1 116 ? -7.414  11.144  6.981   1.00 17.99 ? 116 ASP B CG  1 
ATOM   850  O OD1 . ASP A 1 116 ? -8.587  11.509  7.213   1.00 17.14 ? 116 ASP B OD1 1 
ATOM   851  O OD2 . ASP A 1 116 ? -6.848  10.214  7.600   1.00 17.10 ? 116 ASP B OD2 1 
ATOM   852  N N   . CYS A 1 117 ? -6.433  12.717  2.511   1.00 16.40 ? 117 CYS B N   1 
ATOM   853  C CA  . CYS A 1 117 ? -5.733  13.590  1.570   1.00 16.97 ? 117 CYS B CA  1 
ATOM   854  C C   . CYS A 1 117 ? -6.761  14.503  0.908   1.00 17.83 ? 117 CYS B C   1 
ATOM   855  O O   . CYS A 1 117 ? -7.932  14.152  0.809   1.00 18.06 ? 117 CYS B O   1 
ATOM   856  C CB  . CYS A 1 117 ? -5.014  12.756  0.498   1.00 17.40 ? 117 CYS B CB  1 
ATOM   857  S SG  . CYS A 1 117 ? -4.216  13.718  -0.836  1.00 15.97 ? 117 CYS B SG  1 
ATOM   858  N N   . SER A 1 118 ? -6.330  15.676  0.462   1.00 18.20 ? 118 SER B N   1 
ATOM   859  C CA  . SER A 1 118 ? -7.254  16.591  -0.191  1.00 18.90 ? 118 SER B CA  1 
ATOM   860  C C   . SER A 1 118 ? -7.799  15.970  -1.478  1.00 17.77 ? 118 SER B C   1 
ATOM   861  O O   . SER A 1 118 ? -8.822  16.410  -1.986  1.00 18.86 ? 118 SER B O   1 
ATOM   862  C CB  . SER A 1 118 ? -6.567  17.926  -0.499  1.00 18.03 ? 118 SER B CB  1 
ATOM   863  O OG  . SER A 1 118 ? -5.393  17.734  -1.265  1.00 22.37 ? 118 SER B OG  1 
ATOM   864  N N   . SER A 1 119 ? -7.124  14.943  -1.993  1.00 16.39 ? 119 SER B N   1 
ATOM   865  C CA  . SER A 1 119 ? -7.568  14.282  -3.218  1.00 15.83 ? 119 SER B CA  1 
ATOM   866  C C   . SER A 1 119 ? -8.820  13.423  -3.033  1.00 16.01 ? 119 SER B C   1 
ATOM   867  O O   . SER A 1 119 ? -9.356  12.882  -3.997  1.00 14.96 ? 119 SER B O   1 
ATOM   868  C CB  . SER A 1 119 ? -6.433  13.435  -3.815  1.00 15.37 ? 119 SER B CB  1 
ATOM   869  O OG  . SER A 1 119 ? -5.960  12.463  -2.896  1.00 16.69 ? 119 SER B OG  1 
ATOM   870  N N   . ALA A 1 120 ? -9.292  13.294  -1.796  1.00 16.96 ? 120 ALA B N   1 
ATOM   871  C CA  . ALA A 1 120 ? -10.494 12.505  -1.544  1.00 18.12 ? 120 ALA B CA  1 
ATOM   872  C C   . ALA A 1 120 ? -11.624 13.055  -2.410  1.00 19.63 ? 120 ALA B C   1 
ATOM   873  O O   . ALA A 1 120 ? -12.499 12.313  -2.840  1.00 20.80 ? 120 ALA B O   1 
ATOM   874  C CB  . ALA A 1 120 ? -10.883 12.578  -0.062  1.00 17.69 ? 120 ALA B CB  1 
ATOM   875  N N   . LYS A 1 121 ? -11.579 14.359  -2.664  1.00 21.65 ? 121 LYS B N   1 
ATOM   876  C CA  . LYS A 1 121 ? -12.580 15.052  -3.466  1.00 24.30 ? 121 LYS B CA  1 
ATOM   877  C C   . LYS A 1 121 ? -12.627 14.589  -4.921  1.00 24.22 ? 121 LYS B C   1 
ATOM   878  O O   . LYS A 1 121 ? -13.664 14.705  -5.583  1.00 24.92 ? 121 LYS B O   1 
ATOM   879  C CB  . LYS A 1 121 ? -12.322 16.568  -3.437  1.00 25.71 ? 121 LYS B CB  1 
ATOM   880  C CG  . LYS A 1 121 ? -10.843 17.011  -3.583  1.00 29.26 ? 121 LYS B CG  1 
ATOM   881  C CD  . LYS A 1 121 ? -10.057 16.130  -4.592  1.00 30.70 ? 121 LYS B CD  1 
ATOM   882  C CE  . LYS A 1 121 ? -9.018  16.934  -5.386  1.00 31.40 ? 121 LYS B CE  1 
ATOM   883  N NZ  . LYS A 1 121 ? -7.600  16.575  -5.173  1.00 31.00 ? 121 LYS B NZ  1 
ATOM   884  N N   . ALA A 1 122 ? -11.499 14.082  -5.406  1.00 22.45 ? 122 ALA B N   1 
ATOM   885  C CA  . ALA A 1 122 ? -11.382 13.613  -6.774  1.00 22.15 ? 122 ALA B CA  1 
ATOM   886  C C   . ALA A 1 122 ? -11.282 12.096  -6.812  1.00 21.34 ? 122 ALA B C   1 
ATOM   887  O O   . ALA A 1 122 ? -10.554 11.539  -7.631  1.00 20.65 ? 122 ALA B O   1 
ATOM   888  C CB  . ALA A 1 122 ? -10.157 14.240  -7.430  1.00 22.38 ? 122 ALA B CB  1 
ATOM   889  N N   . ARG A 1 123 ? -12.010 11.438  -5.913  1.00 21.49 ? 123 ARG B N   1 
ATOM   890  C CA  . ARG A 1 123 ? -12.023 9.981   -5.840  1.00 21.60 ? 123 ARG B CA  1 
ATOM   891  C C   . ARG A 1 123 ? -10.617 9.407   -5.659  1.00 19.47 ? 123 ARG B C   1 
ATOM   892  O O   . ARG A 1 123 ? -10.334 8.289   -6.087  1.00 19.66 ? 123 ARG B O   1 
ATOM   893  C CB  . ARG A 1 123 ? -12.660 9.404   -7.108  1.00 25.11 ? 123 ARG B CB  1 
ATOM   894  C CG  . ARG A 1 123 ? -14.051 9.985   -7.419  1.00 29.98 ? 123 ARG B CG  1 
ATOM   895  C CD  . ARG A 1 123 ? -15.148 9.365   -6.565  1.00 33.85 ? 123 ARG B CD  1 
ATOM   896  N NE  . ARG A 1 123 ? -15.843 8.282   -7.259  1.00 37.87 ? 123 ARG B NE  1 
ATOM   897  C CZ  . ARG A 1 123 ? -16.660 7.412   -6.669  1.00 39.59 ? 123 ARG B CZ  1 
ATOM   898  N NH1 . ARG A 1 123 ? -16.882 7.489   -5.364  1.00 38.80 ? 123 ARG B NH1 1 
ATOM   899  N NH2 . ARG A 1 123 ? -17.270 6.472   -7.387  1.00 41.72 ? 123 ARG B NH2 1 
ATOM   900  N N   . GLY A 1 124 ? -9.742  10.183  -5.030  1.00 18.25 ? 124 GLY B N   1 
ATOM   901  C CA  . GLY A 1 124 ? -8.378  9.737   -4.774  1.00 16.16 ? 124 GLY B CA  1 
ATOM   902  C C   . GLY A 1 124 ? -7.349  9.970   -5.869  1.00 15.22 ? 124 GLY B C   1 
ATOM   903  O O   . GLY A 1 124 ? -6.164  9.723   -5.666  1.00 13.25 ? 124 GLY B O   1 
ATOM   904  N N   . ASP A 1 125 ? -7.788  10.463  -7.021  1.00 14.59 ? 125 ASP B N   1 
ATOM   905  C CA  . ASP A 1 125 ? -6.877  10.694  -8.145  1.00 14.44 ? 125 ASP B CA  1 
ATOM   906  C C   . ASP A 1 125 ? -5.811  11.763  -7.892  1.00 14.94 ? 125 ASP B C   1 
ATOM   907  O O   . ASP A 1 125 ? -6.116  12.881  -7.468  1.00 16.17 ? 125 ASP B O   1 
ATOM   908  C CB  . ASP A 1 125 ? -7.686  11.059  -9.393  1.00 13.83 ? 125 ASP B CB  1 
ATOM   909  C CG  . ASP A 1 125 ? -6.808  11.347  -10.601 1.00 14.99 ? 125 ASP B CG  1 
ATOM   910  O OD1 . ASP A 1 125 ? -5.879  10.556  -10.875 1.00 15.26 ? 125 ASP B OD1 1 
ATOM   911  O OD2 . ASP A 1 125 ? -7.057  12.361  -11.281 1.00 14.39 ? 125 ASP B OD2 1 
ATOM   912  N N   . LEU A 1 126 ? -4.559  11.405  -8.156  1.00 14.23 ? 126 LEU B N   1 
ATOM   913  C CA  . LEU A 1 126 ? -3.432  12.315  -7.984  1.00 14.98 ? 126 LEU B CA  1 
ATOM   914  C C   . LEU A 1 126 ? -2.903  12.776  -9.335  1.00 15.35 ? 126 LEU B C   1 
ATOM   915  O O   . LEU A 1 126 ? -2.024  13.638  -9.402  1.00 15.81 ? 126 LEU B O   1 
ATOM   916  C CB  . LEU A 1 126 ? -2.305  11.622  -7.216  1.00 14.66 ? 126 LEU B CB  1 
ATOM   917  C CG  . LEU A 1 126 ? -2.586  11.299  -5.746  1.00 15.22 ? 126 LEU B CG  1 
ATOM   918  C CD1 . LEU A 1 126 ? -1.442  10.481  -5.180  1.00 16.38 ? 126 LEU B CD1 1 
ATOM   919  C CD2 . LEU A 1 126 ? -2.757  12.584  -4.961  1.00 15.36 ? 126 LEU B CD2 1 
ATOM   920  N N   . GLY A 1 127 ? -3.436  12.193  -10.406 1.00 15.06 ? 127 GLY B N   1 
ATOM   921  C CA  . GLY A 1 127 ? -3.002  12.555  -11.746 1.00 15.70 ? 127 GLY B CA  1 
ATOM   922  C C   . GLY A 1 127 ? -1.743  11.821  -12.166 1.00 16.18 ? 127 GLY B C   1 
ATOM   923  O O   . GLY A 1 127 ? -1.250  10.957  -11.438 1.00 16.11 ? 127 GLY B O   1 
ATOM   924  N N   . ALA A 1 128 ? -1.223  12.158  -13.341 1.00 16.06 ? 128 ALA B N   1 
ATOM   925  C CA  . ALA A 1 128 ? -0.016  11.521  -13.852 1.00 16.70 ? 128 ALA B CA  1 
ATOM   926  C C   . ALA A 1 128 ? 1.217   12.285  -13.395 1.00 16.93 ? 128 ALA B C   1 
ATOM   927  O O   . ALA A 1 128 ? 1.237   13.513  -13.398 1.00 16.65 ? 128 ALA B O   1 
ATOM   928  C CB  . ALA A 1 128 ? -0.058  11.450  -15.370 1.00 16.42 ? 128 ALA B CB  1 
ATOM   929  N N   . PHE A 1 129 ? 2.246   11.547  -13.003 1.00 17.89 ? 129 PHE B N   1 
ATOM   930  C CA  . PHE A 1 129 ? 3.477   12.161  -12.534 1.00 18.79 ? 129 PHE B CA  1 
ATOM   931  C C   . PHE A 1 129 ? 4.701   11.354  -12.956 1.00 20.05 ? 129 PHE B C   1 
ATOM   932  O O   . PHE A 1 129 ? 4.586   10.212  -13.406 1.00 18.20 ? 129 PHE B O   1 
ATOM   933  C CB  . PHE A 1 129 ? 3.421   12.306  -11.008 1.00 18.03 ? 129 PHE B CB  1 
ATOM   934  C CG  . PHE A 1 129 ? 3.166   11.011  -10.277 1.00 18.16 ? 129 PHE B CG  1 
ATOM   935  C CD1 . PHE A 1 129 ? 4.222   10.182  -9.912  1.00 18.91 ? 129 PHE B CD1 1 
ATOM   936  C CD2 . PHE A 1 129 ? 1.870   10.619  -9.962  1.00 17.24 ? 129 PHE B CD2 1 
ATOM   937  C CE1 . PHE A 1 129 ? 3.993   8.984   -9.242  1.00 19.05 ? 129 PHE B CE1 1 
ATOM   938  C CE2 . PHE A 1 129 ? 1.628   9.417   -9.290  1.00 18.65 ? 129 PHE B CE2 1 
ATOM   939  C CZ  . PHE A 1 129 ? 2.693   8.599   -8.930  1.00 18.36 ? 129 PHE B CZ  1 
ATOM   940  N N   . SER A 1 130 ? 5.873   11.966  -12.825 1.00 21.07 ? 130 SER B N   1 
ATOM   941  C CA  . SER A 1 130 ? 7.125   11.311  -13.179 1.00 22.80 ? 130 SER B CA  1 
ATOM   942  C C   . SER A 1 130 ? 7.951   11.212  -11.906 1.00 22.91 ? 130 SER B C   1 
ATOM   943  O O   . SER A 1 130 ? 7.558   11.746  -10.870 1.00 23.25 ? 130 SER B O   1 
ATOM   944  C CB  . SER A 1 130 ? 7.876   12.141  -14.220 1.00 23.80 ? 130 SER B CB  1 
ATOM   945  O OG  . SER A 1 130 ? 8.169   13.425  -13.699 1.00 26.70 ? 130 SER B OG  1 
ATOM   946  N N   . ARG A 1 131 ? 9.088   10.528  -11.974 1.00 23.84 ? 131 ARG B N   1 
ATOM   947  C CA  . ARG A 1 131 ? 9.935   10.410  -10.796 1.00 24.95 ? 131 ARG B CA  1 
ATOM   948  C C   . ARG A 1 131 ? 10.446  11.790  -10.413 1.00 24.91 ? 131 ARG B C   1 
ATOM   949  O O   . ARG A 1 131 ? 10.690  12.636  -11.275 1.00 25.90 ? 131 ARG B O   1 
ATOM   950  C CB  . ARG A 1 131 ? 11.113  9.458   -11.055 1.00 25.59 ? 131 ARG B CB  1 
ATOM   951  C CG  . ARG A 1 131 ? 10.769  7.976   -10.867 1.00 25.97 ? 131 ARG B CG  1 
ATOM   952  C CD  . ARG A 1 131 ? 12.001  7.092   -11.002 1.00 27.52 ? 131 ARG B CD  1 
ATOM   953  N NE  . ARG A 1 131 ? 11.721  5.670   -10.803 1.00 27.35 ? 131 ARG B NE  1 
ATOM   954  C CZ  . ARG A 1 131 ? 11.471  5.099   -9.627  1.00 27.83 ? 131 ARG B CZ  1 
ATOM   955  N NH1 . ARG A 1 131 ? 11.458  5.820   -8.516  1.00 27.91 ? 131 ARG B NH1 1 
ATOM   956  N NH2 . ARG A 1 131 ? 11.249  3.791   -9.560  1.00 27.95 ? 131 ARG B NH2 1 
ATOM   957  N N   . GLY A 1 132 ? 10.581  12.018  -9.112  1.00 24.90 ? 132 GLY B N   1 
ATOM   958  C CA  . GLY A 1 132 ? 11.063  13.297  -8.630  1.00 24.44 ? 132 GLY B CA  1 
ATOM   959  C C   . GLY A 1 132 ? 10.001  14.187  -8.014  1.00 24.50 ? 132 GLY B C   1 
ATOM   960  O O   . GLY A 1 132 ? 10.335  15.147  -7.318  1.00 25.48 ? 132 GLY B O   1 
ATOM   961  N N   . GLN A 1 133 ? 8.728   13.877  -8.239  1.00 23.41 ? 133 GLN B N   1 
ATOM   962  C CA  . GLN A 1 133 ? 7.648   14.699  -7.705  1.00 23.67 ? 133 GLN B CA  1 
ATOM   963  C C   . GLN A 1 133 ? 7.080   14.245  -6.353  1.00 22.83 ? 133 GLN B C   1 
ATOM   964  O O   . GLN A 1 133 ? 6.892   15.060  -5.446  1.00 22.58 ? 133 GLN B O   1 
ATOM   965  C CB  . GLN A 1 133 ? 6.514   14.783  -8.733  1.00 25.48 ? 133 GLN B CB  1 
ATOM   966  C CG  . GLN A 1 133 ? 6.991   15.052  -10.160 1.00 29.41 ? 133 GLN B CG  1 
ATOM   967  C CD  . GLN A 1 133 ? 5.848   15.129  -11.155 1.00 31.31 ? 133 GLN B CD  1 
ATOM   968  O OE1 . GLN A 1 133 ? 6.062   15.081  -12.367 1.00 34.00 ? 133 GLN B OE1 1 
ATOM   969  N NE2 . GLN A 1 133 ? 4.627   15.255  -10.649 1.00 33.55 ? 133 GLN B NE2 1 
ATOM   970  N N   . MET A 1 134 ? 6.808   12.951  -6.214  1.00 22.05 ? 134 MET B N   1 
ATOM   971  C CA  . MET A 1 134 ? 6.231   12.431  -4.976  1.00 21.49 ? 134 MET B CA  1 
ATOM   972  C C   . MET A 1 134 ? 7.271   11.950  -3.972  1.00 21.53 ? 134 MET B C   1 
ATOM   973  O O   . MET A 1 134 ? 8.432   11.729  -4.315  1.00 20.89 ? 134 MET B O   1 
ATOM   974  C CB  . MET A 1 134 ? 5.271   11.280  -5.300  1.00 21.52 ? 134 MET B CB  1 
ATOM   975  C CG  . MET A 1 134 ? 4.254   11.599  -6.389  1.00 21.93 ? 134 MET B CG  1 
ATOM   976  S SD  . MET A 1 134 ? 3.116   12.924  -5.951  1.00 23.02 ? 134 MET B SD  1 
ATOM   977  C CE  . MET A 1 134 ? 1.670   12.456  -6.934  1.00 25.07 ? 134 MET B CE  1 
ATOM   978  N N   . GLN A 1 135 ? 6.846   11.803  -2.722  1.00 21.62 ? 135 GLN B N   1 
ATOM   979  C CA  . GLN A 1 135 ? 7.743   11.321  -1.683  1.00 22.25 ? 135 GLN B CA  1 
ATOM   980  C C   . GLN A 1 135 ? 8.267   9.979   -2.166  1.00 22.05 ? 135 GLN B C   1 
ATOM   981  O O   . GLN A 1 135 ? 7.509   9.162   -2.694  1.00 20.44 ? 135 GLN B O   1 
ATOM   982  C CB  . GLN A 1 135 ? 7.000   11.189  -0.355  1.00 22.71 ? 135 GLN B CB  1 
ATOM   983  C CG  . GLN A 1 135 ? 6.433   12.519  0.113   1.00 25.37 ? 135 GLN B CG  1 
ATOM   984  C CD  . GLN A 1 135 ? 5.883   12.486  1.526   1.00 27.09 ? 135 GLN B CD  1 
ATOM   985  O OE1 . GLN A 1 135 ? 4.854   13.102  1.810   1.00 29.91 ? 135 GLN B OE1 1 
ATOM   986  N NE2 . GLN A 1 135 ? 6.570   11.789  2.422   1.00 27.61 ? 135 GLN B NE2 1 
ATOM   987  N N   . LYS A 1 136 ? 9.560   9.759   -1.991  1.00 21.29 ? 136 LYS B N   1 
ATOM   988  C CA  . LYS A 1 136 ? 10.201  8.544   -2.471  1.00 22.65 ? 136 LYS B CA  1 
ATOM   989  C C   . LYS A 1 136 ? 9.484   7.210   -2.276  1.00 21.29 ? 136 LYS B C   1 
ATOM   990  O O   . LYS A 1 136 ? 9.338   6.446   -3.222  1.00 21.32 ? 136 LYS B O   1 
ATOM   991  C CB  . LYS A 1 136 ? 11.621  8.446   -1.917  1.00 24.47 ? 136 LYS B CB  1 
ATOM   992  C CG  . LYS A 1 136 ? 12.488  7.535   -2.751  1.00 27.42 ? 136 LYS B CG  1 
ATOM   993  C CD  . LYS A 1 136 ? 12.475  7.980   -4.209  1.00 29.53 ? 136 LYS B CD  1 
ATOM   994  C CE  . LYS A 1 136 ? 13.365  7.096   -5.053  1.00 31.67 ? 136 LYS B CE  1 
ATOM   995  N NZ  . LYS A 1 136 ? 14.782  7.234   -4.609  1.00 33.71 ? 136 LYS B NZ  1 
ATOM   996  N N   . PRO A 1 137 ? 9.037   6.901   -1.045  1.00 19.98 ? 137 PRO B N   1 
ATOM   997  C CA  . PRO A 1 137 ? 8.357   5.616   -0.835  1.00 19.52 ? 137 PRO B CA  1 
ATOM   998  C C   . PRO A 1 137 ? 7.116   5.481   -1.722  1.00 18.15 ? 137 PRO B C   1 
ATOM   999  O O   . PRO A 1 137 ? 6.839   4.411   -2.270  1.00 17.25 ? 137 PRO B O   1 
ATOM   1000 C CB  . PRO A 1 137 ? 7.985   5.658   0.647   1.00 20.41 ? 137 PRO B CB  1 
ATOM   1001 C CG  . PRO A 1 137 ? 9.030   6.561   1.235   1.00 20.86 ? 137 PRO B CG  1 
ATOM   1002 C CD  . PRO A 1 137 ? 9.127   7.660   0.213   1.00 20.47 ? 137 PRO B CD  1 
ATOM   1003 N N   . PHE A 1 138 ? 6.377   6.575   -1.840  1.00 17.03 ? 138 PHE B N   1 
ATOM   1004 C CA  . PHE A 1 138 ? 5.170   6.612   -2.655  1.00 16.31 ? 138 PHE B CA  1 
ATOM   1005 C C   . PHE A 1 138 ? 5.560   6.432   -4.117  1.00 15.44 ? 138 PHE B C   1 
ATOM   1006 O O   . PHE A 1 138 ? 4.956   5.653   -4.845  1.00 14.36 ? 138 PHE B O   1 
ATOM   1007 C CB  . PHE A 1 138 ? 4.465   7.958   -2.477  1.00 16.28 ? 138 PHE B CB  1 
ATOM   1008 C CG  . PHE A 1 138 ? 3.094   8.008   -3.093  1.00 17.07 ? 138 PHE B CG  1 
ATOM   1009 C CD1 . PHE A 1 138 ? 1.962   7.744   -2.324  1.00 16.08 ? 138 PHE B CD1 1 
ATOM   1010 C CD2 . PHE A 1 138 ? 2.934   8.285   -4.447  1.00 15.93 ? 138 PHE B CD2 1 
ATOM   1011 C CE1 . PHE A 1 138 ? 0.690   7.752   -2.897  1.00 16.60 ? 138 PHE B CE1 1 
ATOM   1012 C CE2 . PHE A 1 138 ? 1.667   8.296   -5.033  1.00 17.39 ? 138 PHE B CE2 1 
ATOM   1013 C CZ  . PHE A 1 138 ? 0.541   8.028   -4.256  1.00 16.65 ? 138 PHE B CZ  1 
ATOM   1014 N N   . GLU A 1 139 ? 6.574   7.180   -4.539  1.00 15.70 ? 139 GLU B N   1 
ATOM   1015 C CA  . GLU A 1 139 ? 7.060   7.118   -5.909  1.00 16.89 ? 139 GLU B CA  1 
ATOM   1016 C C   . GLU A 1 139 ? 7.527   5.706   -6.263  1.00 16.56 ? 139 GLU B C   1 
ATOM   1017 O O   . GLU A 1 139 ? 7.115   5.150   -7.280  1.00 17.10 ? 139 GLU B O   1 
ATOM   1018 C CB  . GLU A 1 139 ? 8.221   8.105   -6.094  1.00 19.00 ? 139 GLU B CB  1 
ATOM   1019 C CG  . GLU A 1 139 ? 8.902   8.014   -7.451  1.00 22.29 ? 139 GLU B CG  1 
ATOM   1020 C CD  . GLU A 1 139 ? 10.111  8.926   -7.551  1.00 23.31 ? 139 GLU B CD  1 
ATOM   1021 O OE1 . GLU A 1 139 ? 9.941   10.147  -7.379  1.00 24.32 ? 139 GLU B OE1 1 
ATOM   1022 O OE2 . GLU A 1 139 ? 11.226  8.420   -7.800  1.00 25.88 ? 139 GLU B OE2 1 
ATOM   1023 N N   . ASP A 1 140 ? 8.377   5.122   -5.424  1.00 16.87 ? 140 ASP B N   1 
ATOM   1024 C CA  . ASP A 1 140 ? 8.879   3.779   -5.706  1.00 16.64 ? 140 ASP B CA  1 
ATOM   1025 C C   . ASP A 1 140 ? 7.760   2.755   -5.835  1.00 16.21 ? 140 ASP B C   1 
ATOM   1026 O O   . ASP A 1 140 ? 7.791   1.914   -6.733  1.00 15.77 ? 140 ASP B O   1 
ATOM   1027 C CB  . ASP A 1 140 ? 9.874   3.323   -4.634  1.00 17.56 ? 140 ASP B CB  1 
ATOM   1028 C CG  . ASP A 1 140 ? 11.201  4.061   -4.716  1.00 21.27 ? 140 ASP B CG  1 
ATOM   1029 O OD1 . ASP A 1 140 ? 11.504  4.621   -5.789  1.00 20.73 ? 140 ASP B OD1 1 
ATOM   1030 O OD2 . ASP A 1 140 ? 11.945  4.069   -3.712  1.00 21.30 ? 140 ASP B OD2 1 
ATOM   1031 N N   . ALA A 1 141 ? 6.769   2.828   -4.950  1.00 15.35 ? 141 ALA B N   1 
ATOM   1032 C CA  . ALA A 1 141 ? 5.652   1.888   -5.000  1.00 15.11 ? 141 ALA B CA  1 
ATOM   1033 C C   . ALA A 1 141 ? 4.842   2.083   -6.283  1.00 15.10 ? 141 ALA B C   1 
ATOM   1034 O O   . ALA A 1 141 ? 4.503   1.121   -6.967  1.00 14.60 ? 141 ALA B O   1 
ATOM   1035 C CB  . ALA A 1 141 ? 4.751   2.073   -3.772  1.00 14.95 ? 141 ALA B CB  1 
ATOM   1036 N N   . SER A 1 142 ? 4.548   3.333   -6.616  1.00 15.00 ? 142 SER B N   1 
ATOM   1037 C CA  . SER A 1 142 ? 3.764   3.634   -7.811  1.00 15.31 ? 142 SER B CA  1 
ATOM   1038 C C   . SER A 1 142 ? 4.385   3.123   -9.109  1.00 16.20 ? 142 SER B C   1 
ATOM   1039 O O   . SER A 1 142 ? 3.684   2.562   -9.953  1.00 15.66 ? 142 SER B O   1 
ATOM   1040 C CB  . SER A 1 142 ? 3.528   5.142   -7.925  1.00 15.32 ? 142 SER B CB  1 
ATOM   1041 O OG  . SER A 1 142 ? 2.831   5.628   -6.792  1.00 15.74 ? 142 SER B OG  1 
ATOM   1042 N N   . PHE A 1 143 ? 5.691   3.324   -9.277  1.00 16.40 ? 143 PHE B N   1 
ATOM   1043 C CA  . PHE A 1 143 ? 6.359   2.877   -10.494 1.00 18.13 ? 143 PHE B CA  1 
ATOM   1044 C C   . PHE A 1 143 ? 6.626   1.378   -10.537 1.00 18.22 ? 143 PHE B C   1 
ATOM   1045 O O   . PHE A 1 143 ? 6.938   0.832   -11.593 1.00 19.37 ? 143 PHE B O   1 
ATOM   1046 C CB  . PHE A 1 143 ? 7.664   3.655   -10.713 1.00 18.25 ? 143 PHE B CB  1 
ATOM   1047 C CG  . PHE A 1 143 ? 7.460   5.027   -11.299 1.00 18.69 ? 143 PHE B CG  1 
ATOM   1048 C CD1 . PHE A 1 143 ? 7.181   6.119   -10.482 1.00 18.93 ? 143 PHE B CD1 1 
ATOM   1049 C CD2 . PHE A 1 143 ? 7.503   5.218   -12.678 1.00 19.30 ? 143 PHE B CD2 1 
ATOM   1050 C CE1 . PHE A 1 143 ? 6.947   7.383   -11.028 1.00 18.59 ? 143 PHE B CE1 1 
ATOM   1051 C CE2 . PHE A 1 143 ? 7.273   6.475   -13.235 1.00 20.23 ? 143 PHE B CE2 1 
ATOM   1052 C CZ  . PHE A 1 143 ? 6.992   7.561   -12.406 1.00 19.79 ? 143 PHE B CZ  1 
ATOM   1053 N N   . ALA A 1 144 ? 6.488   0.709   -9.396  1.00 17.73 ? 144 ALA B N   1 
ATOM   1054 C CA  . ALA A 1 144 ? 6.704   -0.732  -9.329  1.00 17.17 ? 144 ALA B CA  1 
ATOM   1055 C C   . ALA A 1 144 ? 5.385   -1.477  -9.551  1.00 17.05 ? 144 ALA B C   1 
ATOM   1056 O O   . ALA A 1 144 ? 5.371   -2.681  -9.785  1.00 16.54 ? 144 ALA B O   1 
ATOM   1057 C CB  . ALA A 1 144 ? 7.308   -1.115  -7.973  1.00 17.31 ? 144 ALA B CB  1 
ATOM   1058 N N   . LEU A 1 145 ? 4.274   -0.748  -9.473  1.00 17.07 ? 145 LEU B N   1 
ATOM   1059 C CA  . LEU A 1 145 ? 2.958   -1.343  -9.679  1.00 16.85 ? 145 LEU B CA  1 
ATOM   1060 C C   . LEU A 1 145 ? 2.653   -1.514  -11.162 1.00 18.09 ? 145 LEU B C   1 
ATOM   1061 O O   . LEU A 1 145 ? 3.113   -0.733  -11.997 1.00 18.51 ? 145 LEU B O   1 
ATOM   1062 C CB  . LEU A 1 145 ? 1.863   -0.457  -9.070  1.00 15.21 ? 145 LEU B CB  1 
ATOM   1063 C CG  . LEU A 1 145 ? 1.668   -0.362  -7.553  1.00 14.27 ? 145 LEU B CG  1 
ATOM   1064 C CD1 . LEU A 1 145 ? 0.667   0.758   -7.245  1.00 14.06 ? 145 LEU B CD1 1 
ATOM   1065 C CD2 . LEU A 1 145 ? 1.161   -1.690  -7.007  1.00 12.13 ? 145 LEU B CD2 1 
ATOM   1066 N N   . ARG A 1 146 ? 1.874   -2.541  -11.482 1.00 19.22 ? 146 ARG B N   1 
ATOM   1067 C CA  . ARG A 1 146 ? 1.460   -2.777  -12.858 1.00 21.61 ? 146 ARG B CA  1 
ATOM   1068 C C   . ARG A 1 146 ? 0.153   -2.000  -13.011 1.00 21.35 ? 146 ARG B C   1 
ATOM   1069 O O   . ARG A 1 146 ? -0.524  -1.727  -12.018 1.00 21.18 ? 146 ARG B O   1 
ATOM   1070 C CB  . ARG A 1 146 ? 1.227   -4.272  -13.098 1.00 23.55 ? 146 ARG B CB  1 
ATOM   1071 C CG  . ARG A 1 146 ? 2.497   -5.113  -12.987 1.00 27.10 ? 146 ARG B CG  1 
ATOM   1072 C CD  . ARG A 1 146 ? 2.251   -6.588  -13.304 1.00 31.13 ? 146 ARG B CD  1 
ATOM   1073 N NE  . ARG A 1 146 ? 1.639   -7.323  -12.197 1.00 34.34 ? 146 ARG B NE  1 
ATOM   1074 C CZ  . ARG A 1 146 ? 2.233   -7.560  -11.030 1.00 35.30 ? 146 ARG B CZ  1 
ATOM   1075 N NH1 . ARG A 1 146 ? 3.462   -7.118  -10.806 1.00 35.98 ? 146 ARG B NH1 1 
ATOM   1076 N NH2 . ARG A 1 146 ? 1.600   -8.247  -10.083 1.00 34.06 ? 146 ARG B NH2 1 
ATOM   1077 N N   . THR A 1 147 ? -0.200  -1.627  -14.236 1.00 22.11 ? 147 THR B N   1 
ATOM   1078 C CA  . THR A 1 147 ? -1.435  -0.882  -14.446 1.00 22.12 ? 147 THR B CA  1 
ATOM   1079 C C   . THR A 1 147 ? -2.616  -1.692  -13.929 1.00 21.74 ? 147 THR B C   1 
ATOM   1080 O O   . THR A 1 147 ? -2.717  -2.897  -14.184 1.00 21.46 ? 147 THR B O   1 
ATOM   1081 C CB  . THR A 1 147 ? -1.653  -0.555  -15.936 1.00 23.74 ? 147 THR B CB  1 
ATOM   1082 O OG1 . THR A 1 147 ? -0.522  0.167   -16.434 1.00 26.29 ? 147 THR B OG1 1 
ATOM   1083 C CG2 . THR A 1 147 ? -2.903  0.301   -16.119 1.00 23.95 ? 147 THR B CG2 1 
ATOM   1084 N N   . GLY A 1 148 ? -3.495  -1.026  -13.188 1.00 20.36 ? 148 GLY B N   1 
ATOM   1085 C CA  . GLY A 1 148 ? -4.660  -1.687  -12.627 1.00 21.20 ? 148 GLY B CA  1 
ATOM   1086 C C   . GLY A 1 148 ? -4.392  -2.379  -11.301 1.00 20.39 ? 148 GLY B C   1 
ATOM   1087 O O   . GLY A 1 148 ? -5.318  -2.882  -10.666 1.00 21.18 ? 148 GLY B O   1 
ATOM   1088 N N   . GLU A 1 149 ? -3.134  -2.399  -10.870 1.00 20.82 ? 149 GLU B N   1 
ATOM   1089 C CA  . GLU A 1 149 ? -2.780  -3.057  -9.616  1.00 20.17 ? 149 GLU B CA  1 
ATOM   1090 C C   . GLU A 1 149 ? -2.728  -2.149  -8.398  1.00 18.56 ? 149 GLU B C   1 
ATOM   1091 O O   . GLU A 1 149 ? -2.439  -0.958  -8.499  1.00 17.60 ? 149 GLU B O   1 
ATOM   1092 C CB  . GLU A 1 149 ? -1.444  -3.770  -9.748  1.00 22.96 ? 149 GLU B CB  1 
ATOM   1093 C CG  . GLU A 1 149 ? -1.435  -4.896  -10.741 1.00 29.51 ? 149 GLU B CG  1 
ATOM   1094 C CD  . GLU A 1 149 ? -0.312  -5.851  -10.448 1.00 31.87 ? 149 GLU B CD  1 
ATOM   1095 O OE1 . GLU A 1 149 ? 0.769   -5.366  -10.025 1.00 34.53 ? 149 GLU B OE1 1 
ATOM   1096 O OE2 . GLU A 1 149 ? -0.507  -7.068  -10.638 1.00 34.08 ? 149 GLU B OE2 1 
ATOM   1097 N N   . MET A 1 150 ? -2.983  -2.746  -7.240  1.00 16.85 ? 150 MET B N   1 
ATOM   1098 C CA  . MET A 1 150 ? -3.001  -2.023  -5.979  1.00 16.35 ? 150 MET B CA  1 
ATOM   1099 C C   . MET A 1 150 ? -1.830  -2.404  -5.079  1.00 15.04 ? 150 MET B C   1 
ATOM   1100 O O   . MET A 1 150 ? -1.363  -3.546  -5.080  1.00 14.39 ? 150 MET B O   1 
ATOM   1101 C CB  . MET A 1 150 ? -4.330  -2.290  -5.264  1.00 17.50 ? 150 MET B CB  1 
ATOM   1102 C CG  . MET A 1 150 ? -4.585  -1.425  -4.044  1.00 19.24 ? 150 MET B CG  1 
ATOM   1103 S SD  . MET A 1 150 ? -6.240  -1.728  -3.390  1.00 19.74 ? 150 MET B SD  1 
ATOM   1104 C CE  . MET A 1 150 ? -5.972  -3.295  -2.581  1.00 21.35 ? 150 MET B CE  1 
ATOM   1105 N N   . SER A 1 151 ? -1.354  -1.431  -4.315  1.00 14.63 ? 151 SER B N   1 
ATOM   1106 C CA  . SER A 1 151 ? -0.240  -1.652  -3.409  1.00 14.03 ? 151 SER B CA  1 
ATOM   1107 C C   . SER A 1 151 ? -0.747  -2.183  -2.083  1.00 13.76 ? 151 SER B C   1 
ATOM   1108 O O   . SER A 1 151 ? -1.953  -2.336  -1.872  1.00 13.94 ? 151 SER B O   1 
ATOM   1109 C CB  . SER A 1 151 ? 0.492   -0.337  -3.132  1.00 14.36 ? 151 SER B CB  1 
ATOM   1110 O OG  . SER A 1 151 ? -0.266  0.484   -2.248  1.00 13.95 ? 151 SER B OG  1 
ATOM   1111 N N   . GLY A 1 152 ? 0.204   -2.478  -1.205  1.00 13.63 ? 152 GLY B N   1 
ATOM   1112 C CA  . GLY A 1 152 ? -0.112  -2.909  0.140   1.00 13.58 ? 152 GLY B CA  1 
ATOM   1113 C C   . GLY A 1 152 ? 0.060   -1.608  0.909   1.00 13.33 ? 152 GLY B C   1 
ATOM   1114 O O   . GLY A 1 152 ? 0.067   -0.545  0.285   1.00 12.63 ? 152 GLY B O   1 
ATOM   1115 N N   . PRO A 1 153 ? 0.206   -1.635  2.242   1.00 12.53 ? 153 PRO B N   1 
ATOM   1116 C CA  . PRO A 1 153 ? 0.372   -0.377  2.981   1.00 12.81 ? 153 PRO B CA  1 
ATOM   1117 C C   . PRO A 1 153 ? 1.729   0.256   2.684   1.00 12.80 ? 153 PRO B C   1 
ATOM   1118 O O   . PRO A 1 153 ? 2.771   -0.390  2.838   1.00 14.24 ? 153 PRO B O   1 
ATOM   1119 C CB  . PRO A 1 153 ? 0.253   -0.807  4.449   1.00 11.13 ? 153 PRO B CB  1 
ATOM   1120 C CG  . PRO A 1 153 ? -0.441  -2.167  4.380   1.00 11.94 ? 153 PRO B CG  1 
ATOM   1121 C CD  . PRO A 1 153 ? 0.175   -2.783  3.161   1.00 13.10 ? 153 PRO B CD  1 
ATOM   1122 N N   . VAL A 1 154 ? 1.710   1.513   2.248   1.00 13.79 ? 154 VAL B N   1 
ATOM   1123 C CA  . VAL A 1 154 ? 2.939   2.244   1.940   1.00 13.40 ? 154 VAL B CA  1 
ATOM   1124 C C   . VAL A 1 154 ? 3.065   3.407   2.915   1.00 14.17 ? 154 VAL B C   1 
ATOM   1125 O O   . VAL A 1 154 ? 2.148   4.219   3.052   1.00 13.59 ? 154 VAL B O   1 
ATOM   1126 C CB  . VAL A 1 154 ? 2.924   2.773   0.487   1.00 14.24 ? 154 VAL B CB  1 
ATOM   1127 C CG1 . VAL A 1 154 ? 4.190   3.575   0.197   1.00 14.90 ? 154 VAL B CG1 1 
ATOM   1128 C CG2 . VAL A 1 154 ? 2.810   1.595   -0.483  1.00 13.64 ? 154 VAL B CG2 1 
ATOM   1129 N N   . PHE A 1 155 ? 4.209   3.478   3.590   1.00 14.66 ? 155 PHE B N   1 
ATOM   1130 C CA  . PHE A 1 155 ? 4.461   4.515   4.582   1.00 16.06 ? 155 PHE B CA  1 
ATOM   1131 C C   . PHE A 1 155 ? 5.274   5.694   4.058   1.00 15.18 ? 155 PHE B C   1 
ATOM   1132 O O   . PHE A 1 155 ? 6.338   5.511   3.471   1.00 16.18 ? 155 PHE B O   1 
ATOM   1133 C CB  . PHE A 1 155 ? 5.197   3.924   5.794   1.00 16.32 ? 155 PHE B CB  1 
ATOM   1134 C CG  . PHE A 1 155 ? 4.443   2.834   6.506   1.00 17.52 ? 155 PHE B CG  1 
ATOM   1135 C CD1 . PHE A 1 155 ? 4.315   1.567   5.940   1.00 18.73 ? 155 PHE B CD1 1 
ATOM   1136 C CD2 . PHE A 1 155 ? 3.869   3.071   7.751   1.00 19.17 ? 155 PHE B CD2 1 
ATOM   1137 C CE1 . PHE A 1 155 ? 3.626   0.553   6.607   1.00 19.63 ? 155 PHE B CE1 1 
ATOM   1138 C CE2 . PHE A 1 155 ? 3.178   2.064   8.424   1.00 18.36 ? 155 PHE B CE2 1 
ATOM   1139 C CZ  . PHE A 1 155 ? 3.058   0.804   7.849   1.00 19.21 ? 155 PHE B CZ  1 
ATOM   1140 N N   . THR A 1 156 ? 4.760   6.900   4.278   1.00 16.16 ? 156 THR B N   1 
ATOM   1141 C CA  . THR A 1 156 ? 5.452   8.127   3.890   1.00 16.33 ? 156 THR B CA  1 
ATOM   1142 C C   . THR A 1 156 ? 5.300   9.089   5.060   1.00 16.93 ? 156 THR B C   1 
ATOM   1143 O O   . THR A 1 156 ? 4.655   8.767   6.056   1.00 15.86 ? 156 THR B O   1 
ATOM   1144 C CB  . THR A 1 156 ? 4.829   8.813   2.664   1.00 15.95 ? 156 THR B CB  1 
ATOM   1145 O OG1 . THR A 1 156 ? 3.631   9.497   3.059   1.00 15.84 ? 156 THR B OG1 1 
ATOM   1146 C CG2 . THR A 1 156 ? 4.522   7.791   1.575   1.00 16.75 ? 156 THR B CG2 1 
ATOM   1147 N N   . ASP A 1 157 ? 5.874   10.282  4.935   1.00 18.54 ? 157 ASP B N   1 
ATOM   1148 C CA  . ASP A 1 157 ? 5.766   11.266  6.007   1.00 19.76 ? 157 ASP B CA  1 
ATOM   1149 C C   . ASP A 1 157 ? 4.337   11.773  6.177   1.00 19.59 ? 157 ASP B C   1 
ATOM   1150 O O   . ASP A 1 157 ? 3.990   12.320  7.223   1.00 20.43 ? 157 ASP B O   1 
ATOM   1151 C CB  . ASP A 1 157 ? 6.698   12.452  5.742   1.00 21.15 ? 157 ASP B CB  1 
ATOM   1152 C CG  . ASP A 1 157 ? 8.159   12.071  5.816   1.00 23.49 ? 157 ASP B CG  1 
ATOM   1153 O OD1 . ASP A 1 157 ? 8.515   11.267  6.704   1.00 23.41 ? 157 ASP B OD1 1 
ATOM   1154 O OD2 . ASP A 1 157 ? 8.953   12.585  4.998   1.00 25.79 ? 157 ASP B OD2 1 
ATOM   1155 N N   . SER A 1 158 ? 3.510   11.584  5.152   1.00 19.31 ? 158 SER B N   1 
ATOM   1156 C CA  . SER A 1 158 ? 2.121   12.035  5.195   1.00 19.61 ? 158 SER B CA  1 
ATOM   1157 C C   . SER A 1 158 ? 1.219   11.066  5.947   1.00 18.60 ? 158 SER B C   1 
ATOM   1158 O O   . SER A 1 158 ? 0.161   11.451  6.455   1.00 17.60 ? 158 SER B O   1 
ATOM   1159 C CB  . SER A 1 158 ? 1.592   12.232  3.774   1.00 20.82 ? 158 SER B CB  1 
ATOM   1160 O OG  . SER A 1 158 ? 2.349   13.218  3.095   1.00 24.95 ? 158 SER B OG  1 
ATOM   1161 N N   . GLY A 1 159 ? 1.644   9.810   6.022   1.00 16.70 ? 159 GLY B N   1 
ATOM   1162 C CA  . GLY A 1 159 ? 0.854   8.806   6.711   1.00 15.92 ? 159 GLY B CA  1 
ATOM   1163 C C   . GLY A 1 159 ? 0.978   7.476   5.999   1.00 15.34 ? 159 GLY B C   1 
ATOM   1164 O O   . GLY A 1 159 ? 2.019   7.184   5.413   1.00 15.73 ? 159 GLY B O   1 
ATOM   1165 N N   . ILE A 1 160 ? -0.079  6.671   6.044   1.00 14.47 ? 160 ILE B N   1 
ATOM   1166 C CA  . ILE A 1 160 ? -0.072  5.364   5.395   1.00 13.25 ? 160 ILE B CA  1 
ATOM   1167 C C   . ILE A 1 160 ? -1.009  5.410   4.195   1.00 13.11 ? 160 ILE B C   1 
ATOM   1168 O O   . ILE A 1 160 ? -2.137  5.888   4.301   1.00 14.74 ? 160 ILE B O   1 
ATOM   1169 C CB  . ILE A 1 160 ? -0.536  4.255   6.366   1.00 12.43 ? 160 ILE B CB  1 
ATOM   1170 C CG1 . ILE A 1 160 ? 0.246   4.356   7.676   1.00 13.49 ? 160 ILE B CG1 1 
ATOM   1171 C CG2 . ILE A 1 160 ? -0.315  2.882   5.738   1.00 12.84 ? 160 ILE B CG2 1 
ATOM   1172 C CD1 . ILE A 1 160 ? -0.217  3.383   8.753   1.00 12.89 ? 160 ILE B CD1 1 
ATOM   1173 N N   . HIS A 1 161 ? -0.534  4.904   3.061   1.00 12.83 ? 161 HIS B N   1 
ATOM   1174 C CA  . HIS A 1 161 ? -1.310  4.913   1.821   1.00 12.80 ? 161 HIS B CA  1 
ATOM   1175 C C   . HIS A 1 161 ? -1.611  3.546   1.227   1.00 13.21 ? 161 HIS B C   1 
ATOM   1176 O O   . HIS A 1 161 ? -0.915  2.561   1.480   1.00 13.45 ? 161 HIS B O   1 
ATOM   1177 C CB  . HIS A 1 161 ? -0.559  5.636   0.697   1.00 11.75 ? 161 HIS B CB  1 
ATOM   1178 C CG  . HIS A 1 161 ? -0.045  6.994   1.045   1.00 11.68 ? 161 HIS B CG  1 
ATOM   1179 N ND1 . HIS A 1 161 ? 0.973   7.198   1.954   1.00 14.69 ? 161 HIS B ND1 1 
ATOM   1180 C CD2 . HIS A 1 161 ? -0.342  8.209   0.534   1.00 11.41 ? 161 HIS B CD2 1 
ATOM   1181 C CE1 . HIS A 1 161 ? 1.283   8.485   1.980   1.00 10.86 ? 161 HIS B CE1 1 
ATOM   1182 N NE2 . HIS A 1 161 ? 0.499   9.118   1.126   1.00 14.49 ? 161 HIS B NE2 1 
ATOM   1183 N N   . ILE A 1 162 ? -2.648  3.530   0.396   1.00 11.80 ? 162 ILE B N   1 
ATOM   1184 C CA  . ILE A 1 162 ? -3.019  2.365   -0.392  1.00 13.76 ? 162 ILE B CA  1 
ATOM   1185 C C   . ILE A 1 162 ? -2.971  3.042   -1.761  1.00 12.83 ? 162 ILE B C   1 
ATOM   1186 O O   . ILE A 1 162 ? -3.625  4.066   -1.964  1.00 13.72 ? 162 ILE B O   1 
ATOM   1187 C CB  . ILE A 1 162 ? -4.460  1.863   -0.132  1.00 15.33 ? 162 ILE B CB  1 
ATOM   1188 C CG1 . ILE A 1 162 ? -4.570  1.272   1.275   1.00 17.26 ? 162 ILE B CG1 1 
ATOM   1189 C CG2 . ILE A 1 162 ? -4.819  0.791   -1.159  1.00 17.98 ? 162 ILE B CG2 1 
ATOM   1190 C CD1 . ILE A 1 162 ? -5.981  0.844   1.663   1.00 17.34 ? 162 ILE B CD1 1 
ATOM   1191 N N   . ILE A 1 163 ? -2.179  2.503   -2.681  1.00 12.22 ? 163 ILE B N   1 
ATOM   1192 C CA  . ILE A 1 163 ? -2.041  3.100   -4.007  1.00 12.39 ? 163 ILE B CA  1 
ATOM   1193 C C   . ILE A 1 163 ? -2.603  2.227   -5.128  1.00 12.42 ? 163 ILE B C   1 
ATOM   1194 O O   . ILE A 1 163 ? -2.375  1.019   -5.158  1.00 13.95 ? 163 ILE B O   1 
ATOM   1195 C CB  . ILE A 1 163 ? -0.542  3.386   -4.317  1.00 11.82 ? 163 ILE B CB  1 
ATOM   1196 C CG1 . ILE A 1 163 ? 0.061   4.261   -3.213  1.00 13.33 ? 163 ILE B CG1 1 
ATOM   1197 C CG2 . ILE A 1 163 ? -0.408  4.082   -5.667  1.00 12.09 ? 163 ILE B CG2 1 
ATOM   1198 C CD1 . ILE A 1 163 ? 1.580   4.403   -3.286  1.00 14.40 ? 163 ILE B CD1 1 
ATOM   1199 N N   . LEU A 1 164 ? -3.344  2.846   -6.044  1.00 12.35 ? 164 LEU B N   1 
ATOM   1200 C CA  . LEU A 1 164 ? -3.898  2.133   -7.193  1.00 12.33 ? 164 LEU B CA  1 
ATOM   1201 C C   . LEU A 1 164 ? -3.352  2.779   -8.461  1.00 12.99 ? 164 LEU B C   1 
ATOM   1202 O O   . LEU A 1 164 ? -3.612  3.951   -8.716  1.00 12.92 ? 164 LEU B O   1 
ATOM   1203 C CB  . LEU A 1 164 ? -5.430  2.223   -7.218  1.00 12.84 ? 164 LEU B CB  1 
ATOM   1204 C CG  . LEU A 1 164 ? -6.085  1.598   -8.463  1.00 13.51 ? 164 LEU B CG  1 
ATOM   1205 C CD1 . LEU A 1 164 ? -5.873  0.088   -8.458  1.00 14.19 ? 164 LEU B CD1 1 
ATOM   1206 C CD2 . LEU A 1 164 ? -7.567  1.933   -8.490  1.00 14.50 ? 164 LEU B CD2 1 
ATOM   1207 N N   . ARG A 1 165 ? -2.581  2.031   -9.245  1.00 13.69 ? 165 ARG B N   1 
ATOM   1208 C CA  . ARG A 1 165 ? -2.063  2.589   -10.485 1.00 15.81 ? 165 ARG B CA  1 
ATOM   1209 C C   . ARG A 1 165 ? -3.176  2.443   -11.521 1.00 16.66 ? 165 ARG B C   1 
ATOM   1210 O O   . ARG A 1 165 ? -3.650  1.341   -11.780 1.00 17.36 ? 165 ARG B O   1 
ATOM   1211 C CB  . ARG A 1 165 ? -0.819  1.838   -10.959 1.00 15.94 ? 165 ARG B CB  1 
ATOM   1212 C CG  . ARG A 1 165 ? -0.217  2.473   -12.200 1.00 16.27 ? 165 ARG B CG  1 
ATOM   1213 C CD  . ARG A 1 165 ? 0.970   1.707   -12.750 1.00 17.71 ? 165 ARG B CD  1 
ATOM   1214 N NE  . ARG A 1 165 ? 1.260   2.159   -14.107 1.00 19.68 ? 165 ARG B NE  1 
ATOM   1215 C CZ  . ARG A 1 165 ? 2.146   1.594   -14.920 1.00 21.27 ? 165 ARG B CZ  1 
ATOM   1216 N NH1 . ARG A 1 165 ? 2.848   0.545   -14.515 1.00 20.11 ? 165 ARG B NH1 1 
ATOM   1217 N NH2 . ARG A 1 165 ? 2.311   2.069   -16.151 1.00 19.41 ? 165 ARG B NH2 1 
ATOM   1218 N N   . THR A 1 166 ? -3.593  3.560   -12.100 1.00 17.91 ? 166 THR B N   1 
ATOM   1219 C CA  . THR A 1 166 ? -4.666  3.547   -13.081 1.00 18.76 ? 166 THR B CA  1 
ATOM   1220 C C   . THR A 1 166 ? -4.151  3.700   -14.503 1.00 19.73 ? 166 THR B C   1 
ATOM   1221 O O   . THR A 1 166 ? -4.901  3.529   -15.462 1.00 18.80 ? 166 THR B O   1 
ATOM   1222 C CB  . THR A 1 166 ? -5.673  4.678   -12.806 1.00 18.78 ? 166 THR B CB  1 
ATOM   1223 O OG1 . THR A 1 166 ? -4.998  5.942   -12.835 1.00 18.78 ? 166 THR B OG1 1 
ATOM   1224 C CG2 . THR A 1 166 ? -6.324  4.488   -11.445 1.00 19.69 ? 166 THR B CG2 1 
ATOM   1225 N N   . GLU A 1 167 ? -2.869  4.017   -14.640 1.00 21.40 ? 167 GLU B N   1 
ATOM   1226 C CA  . GLU A 1 167 ? -2.294  4.203   -15.966 1.00 22.88 ? 167 GLU B CA  1 
ATOM   1227 C C   . GLU A 1 167 ? -0.773  4.138   -15.927 1.00 22.32 ? 167 GLU B C   1 
ATOM   1228 O O   . GLU A 1 167 ? -0.199  4.433   -14.859 1.00 20.71 ? 167 GLU B O   1 
ATOM   1229 C CB  . GLU A 1 167 ? -2.735  5.560   -16.498 1.00 25.15 ? 167 GLU B CB  1 
ATOM   1230 C CG  . GLU A 1 167 ? -2.357  5.858   -17.924 1.00 30.51 ? 167 GLU B CG  1 
ATOM   1231 C CD  . GLU A 1 167 ? -2.729  7.275   -18.294 1.00 32.94 ? 167 GLU B CD  1 
ATOM   1232 O OE1 . GLU A 1 167 ? -3.823  7.720   -17.887 1.00 34.80 ? 167 GLU B OE1 1 
ATOM   1233 O OE2 . GLU A 1 167 ? -1.933  7.941   -18.986 1.00 35.30 ? 167 GLU B OE2 1 
ATOM   1234 O OXT . GLU A 1 167 ? -0.173  3.812   -16.973 1.00 21.19 ? 167 GLU B OXT 1 
ATOM   1235 N N   . TYR B 2 1   ? 8.070   -4.461  9.033   1.00 58.56 ? 170 TYR C N   1 
ATOM   1236 C CA  . TYR B 2 1   ? 6.746   -4.708  8.387   1.00 57.79 ? 170 TYR C CA  1 
ATOM   1237 C C   . TYR B 2 1   ? 6.617   -6.153  7.963   1.00 56.92 ? 170 TYR C C   1 
ATOM   1238 O O   . TYR B 2 1   ? 7.254   -6.554  7.007   1.00 57.10 ? 170 TYR C O   1 
ATOM   1239 C CB  . TYR B 2 1   ? 6.556   -3.822  7.132   1.00 58.71 ? 170 TYR C CB  1 
ATOM   1240 C CG  . TYR B 2 1   ? 5.286   -4.150  6.334   1.00 59.32 ? 170 TYR C CG  1 
ATOM   1241 C CD1 . TYR B 2 1   ? 5.345   -4.461  4.972   1.00 59.62 ? 170 TYR C CD1 1 
ATOM   1242 C CD2 . TYR B 2 1   ? 4.030   -4.161  6.950   1.00 59.36 ? 170 TYR C CD2 1 
ATOM   1243 C CE1 . TYR B 2 1   ? 4.183   -4.781  4.241   1.00 59.50 ? 170 TYR C CE1 1 
ATOM   1244 C CE2 . TYR B 2 1   ? 2.861   -4.480  6.227   1.00 59.55 ? 170 TYR C CE2 1 
ATOM   1245 C CZ  . TYR B 2 1   ? 2.946   -4.789  4.878   1.00 59.55 ? 170 TYR C CZ  1 
ATOM   1246 O OH  . TYR B 2 1   ? 1.807   -5.123  4.174   1.00 60.23 ? 170 TYR C OH  1 
HETATM 1247 N N   . SEP B 2 2   ? 5.750   -6.390  8.915   1.00 55.00 ? 171 SEP C N   1 
HETATM 1248 C CA  . SEP B 2 2   ? 5.761   -7.781  8.491   1.00 52.88 ? 171 SEP C CA  1 
HETATM 1249 C CB  . SEP B 2 2   ? 5.957   -8.795  9.635   1.00 54.53 ? 171 SEP C CB  1 
HETATM 1250 O OG  . SEP B 2 2   ? 7.238   -9.490  9.559   1.00 56.82 ? 171 SEP C OG  1 
HETATM 1251 C C   . SEP B 2 2   ? 4.461   -7.993  7.709   1.00 50.13 ? 171 SEP C C   1 
HETATM 1252 O O   . SEP B 2 2   ? 3.376   -8.028  8.277   1.00 49.63 ? 171 SEP C O   1 
HETATM 1253 P P   . SEP B 2 2   ? 7.339   -11.106 9.371   1.00 58.48 ? 171 SEP C P   1 
HETATM 1254 O O1P . SEP B 2 2   ? 8.745   -11.510 9.688   1.00 58.38 ? 171 SEP C O1P 1 
HETATM 1255 O O2P . SEP B 2 2   ? 6.557   -11.812 10.422  1.00 58.46 ? 171 SEP C O2P 1 
HETATM 1256 O O3P . SEP B 2 2   ? 6.716   -11.427 8.069   1.00 58.61 ? 171 SEP C O3P 1 
ATOM   1257 N N   . PRO B 2 3   ? 4.492   -8.357  6.280   1.00 48.17 ? 172 PRO C N   1 
ATOM   1258 C CA  . PRO B 2 3   ? 3.347   -8.563  5.376   1.00 45.96 ? 172 PRO C CA  1 
ATOM   1259 C C   . PRO B 2 3   ? 2.220   -9.500  5.797   1.00 44.31 ? 172 PRO C C   1 
ATOM   1260 O O   . PRO B 2 3   ? 2.401   -10.435 6.581   1.00 43.34 ? 172 PRO C O   1 
ATOM   1261 C CB  . PRO B 2 3   ? 4.012   -9.009  4.067   1.00 46.92 ? 172 PRO C CB  1 
ATOM   1262 C CG  . PRO B 2 3   ? 5.305   -9.618  4.506   1.00 47.19 ? 172 PRO C CG  1 
ATOM   1263 C CD  . PRO B 2 3   ? 5.755   -8.668  5.592   1.00 47.77 ? 172 PRO C CD  1 
ATOM   1264 N N   . THR B 2 4   ? 1.041   -9.236  5.252   1.00 42.73 ? 173 THR C N   1 
ATOM   1265 C CA  . THR B 2 4   ? -0.128  -10.045 5.541   1.00 41.82 ? 173 THR C CA  1 
ATOM   1266 C C   . THR B 2 4   ? -0.364  -10.947 4.337   1.00 40.37 ? 173 THR C C   1 
ATOM   1267 O O   . THR B 2 4   ? -0.050  -10.579 3.205   1.00 39.60 ? 173 THR C O   1 
ATOM   1268 C CB  . THR B 2 4   ? -1.362  -9.161  5.764   1.00 42.39 ? 173 THR C CB  1 
ATOM   1269 O OG1 . THR B 2 4   ? -0.950  -7.918  6.347   1.00 43.66 ? 173 THR C OG1 1 
ATOM   1270 C CG2 . THR B 2 4   ? -2.332  -9.834  6.718   1.00 43.16 ? 173 THR C CG2 1 
HETATM 1271 N N   . SEP B 2 5   ? -0.896  -12.136 4.585   1.00 39.08 ? 174 SEP C N   1 
HETATM 1272 C CA  . SEP B 2 5   ? -1.169  -13.065 3.504   1.00 38.06 ? 174 SEP C CA  1 
HETATM 1273 C CB  . SEP B 2 5   ? -1.690  -14.393 4.048   1.00 37.39 ? 174 SEP C CB  1 
HETATM 1274 O OG  . SEP B 2 5   ? -0.743  -14.985 4.915   1.00 36.19 ? 174 SEP C OG  1 
HETATM 1275 C C   . SEP B 2 5   ? -2.185  -12.432 2.568   1.00 37.73 ? 174 SEP C C   1 
HETATM 1276 O O   . SEP B 2 5   ? -3.037  -11.658 2.999   1.00 37.67 ? 174 SEP C O   1 
HETATM 1277 P P   . SEP B 2 5   ? -1.107  -15.277 6.438   1.00 35.81 ? 174 SEP C P   1 
HETATM 1278 O O1P . SEP B 2 5   ? 0.193   -15.472 7.109   1.00 34.79 ? 174 SEP C O1P 1 
HETATM 1279 O O2P . SEP B 2 5   ? -1.667  -14.056 7.079   1.00 36.66 ? 174 SEP C O2P 1 
HETATM 1280 O O3P . SEP B 2 5   ? -2.168  -16.313 6.454   1.00 35.30 ? 174 SEP C O3P 1 
ATOM   1281 N N   . PRO B 2 6   ? -2.105  -12.750 1.268   1.00 37.91 ? 175 PRO C N   1 
ATOM   1282 C CA  . PRO B 2 6   ? -3.030  -12.196 0.273   1.00 37.96 ? 175 PRO C CA  1 
ATOM   1283 C C   . PRO B 2 6   ? -4.517  -12.344 0.598   1.00 38.66 ? 175 PRO C C   1 
ATOM   1284 O O   . PRO B 2 6   ? -5.319  -11.480 0.239   1.00 38.40 ? 175 PRO C O   1 
ATOM   1285 C CB  . PRO B 2 6   ? -2.621  -12.907 -1.020  1.00 37.84 ? 175 PRO C CB  1 
ATOM   1286 C CG  . PRO B 2 6   ? -1.930  -14.146 -0.549  1.00 38.12 ? 175 PRO C CG  1 
ATOM   1287 C CD  . PRO B 2 6   ? -1.159  -13.689 0.644   1.00 37.53 ? 175 PRO C CD  1 
ATOM   1288 N N   . SER B 2 7   ? -4.888  -13.429 1.272   1.00 38.94 ? 176 SER C N   1 
ATOM   1289 C CA  . SER B 2 7   ? -6.286  -13.645 1.642   1.00 39.09 ? 176 SER C CA  1 
ATOM   1290 C C   . SER B 2 7   ? -6.372  -14.532 2.875   1.00 39.66 ? 176 SER C C   1 
ATOM   1291 O O   . SER B 2 7   ? -5.304  -14.978 3.346   1.00 39.48 ? 176 SER C O   1 
ATOM   1292 C CB  . SER B 2 7   ? -7.064  -14.290 0.487   1.00 38.87 ? 176 SER C CB  1 
ATOM   1293 O OG  . SER B 2 7   ? -6.718  -15.654 0.322   1.00 38.74 ? 176 SER C OG  1 
ATOM   1294 O OXT . SER B 2 7   ? -7.501  -14.769 3.353   1.00 40.32 ? 176 SER C OXT 1 
HETATM 1295 O O   . HOH C 3 .   ? -7.145  10.427  -1.595  1.00 20.00 ? 200 HOH B O   1 
HETATM 1296 O O   . HOH C 3 .   ? -9.009  14.147  -10.848 1.00 20.00 ? 201 HOH B O   1 
HETATM 1297 O O   . HOH C 3 .   ? -6.047  7.806   -11.051 1.00 20.00 ? 202 HOH B O   1 
HETATM 1298 O O   . HOH C 3 .   ? -10.741 -0.598  7.901   1.00 20.00 ? 203 HOH B O   1 
HETATM 1299 O O   . HOH C 3 .   ? 17.449  -32.491 -2.181  1.00 20.00 ? 204 HOH B O   1 
HETATM 1300 O O   . HOH C 3 .   ? -9.874  5.894   8.158   1.00 20.00 ? 205 HOH B O   1 
HETATM 1301 O O   . HOH C 3 .   ? 3.975   -5.021  -9.115  1.00 20.00 ? 206 HOH B O   1 
HETATM 1302 O O   . HOH C 3 .   ? 1.071   2.981   17.094  1.00 20.00 ? 207 HOH B O   1 
HETATM 1303 O O   . HOH C 3 .   ? 7.443   10.880  -8.116  1.00 20.00 ? 208 HOH B O   1 
HETATM 1304 O O   . HOH C 3 .   ? -9.875  14.371  2.855   1.00 20.00 ? 209 HOH B O   1 
HETATM 1305 O O   . HOH C 3 .   ? -9.029  8.307   7.289   1.00 20.00 ? 210 HOH B O   1 
HETATM 1306 O O   . HOH C 3 .   ? -6.215  15.604  -7.398  1.00 20.00 ? 211 HOH B O   1 
HETATM 1307 O O   . HOH C 3 .   ? -10.959 12.393  -10.424 1.00 20.00 ? 212 HOH B O   1 
HETATM 1308 O O   . HOH C 3 .   ? -5.630  -6.642  4.703   1.00 20.00 ? 213 HOH B O   1 
HETATM 1309 O O   . HOH C 3 .   ? -13.356 3.580   8.810   1.00 20.00 ? 214 HOH B O   1 
HETATM 1310 O O   . HOH C 3 .   ? -9.489  10.974  9.585   1.00 20.00 ? 215 HOH B O   1 
HETATM 1311 O O   . HOH C 3 .   ? -4.012  -5.468  -7.404  1.00 20.00 ? 216 HOH B O   1 
HETATM 1312 O O   . HOH C 3 .   ? 10.167  1.565   -8.105  1.00 20.00 ? 217 HOH B O   1 
HETATM 1313 O O   . HOH C 3 .   ? 8.567   4.200   4.338   1.00 20.00 ? 218 HOH B O   1 
HETATM 1314 O O   . HOH C 3 .   ? 0.080   11.336  9.241   1.00 20.00 ? 219 HOH B O   1 
HETATM 1315 O O   . HOH C 3 .   ? -3.092  -4.877  -1.826  1.00 20.00 ? 220 HOH B O   1 
HETATM 1316 O O   . HOH C 3 .   ? -9.224  6.197   14.073  1.00 20.00 ? 221 HOH B O   1 
HETATM 1317 O O   . HOH C 3 .   ? -3.635  16.730  1.717   1.00 20.00 ? 222 HOH B O   1 
HETATM 1318 O O   . HOH C 3 .   ? -3.772  -13.220 -4.578  1.00 20.00 ? 223 HOH B O   1 
HETATM 1319 O O   . HOH C 3 .   ? -1.832  -7.008  -0.747  1.00 20.00 ? 224 HOH B O   1 
HETATM 1320 O O   . HOH C 3 .   ? -2.475  2.245   19.203  1.00 20.00 ? 225 HOH B O   1 
HETATM 1321 O O   . HOH C 3 .   ? 12.335  -28.144 -0.636  1.00 20.00 ? 226 HOH B O   1 
HETATM 1322 O O   . HOH C 3 .   ? 7.908   1.944   -1.342  1.00 20.00 ? 227 HOH B O   1 
HETATM 1323 O O   . HOH C 3 .   ? -0.460  -7.739  -6.555  1.00 20.00 ? 228 HOH B O   1 
HETATM 1324 O O   . HOH C 3 .   ? -2.060  -8.180  -4.595  1.00 20.00 ? 229 HOH B O   1 
HETATM 1325 O O   . HOH C 3 .   ? -12.573 11.652  2.790   1.00 20.00 ? 230 HOH B O   1 
HETATM 1326 O O   . HOH C 3 .   ? -3.005  -5.723  -4.460  1.00 20.00 ? 231 HOH B O   1 
HETATM 1327 O O   . HOH C 3 .   ? -8.023  1.387   13.775  1.00 20.00 ? 232 HOH B O   1 
HETATM 1328 O O   . HOH C 3 .   ? 2.363   -23.686 -1.291  1.00 20.00 ? 233 HOH B O   1 
HETATM 1329 O O   . HOH C 3 .   ? -1.852  -6.797  1.861   1.00 20.00 ? 234 HOH B O   1 
HETATM 1330 O O   . HOH C 3 .   ? 9.973   9.541   -14.451 1.00 20.00 ? 235 HOH B O   1 
HETATM 1331 O O   . HOH C 3 .   ? -14.943 14.164  -8.334  1.00 20.00 ? 236 HOH B O   1 
HETATM 1332 O O   . HOH C 3 .   ? 16.251  -30.329 3.997   1.00 20.00 ? 237 HOH B O   1 
HETATM 1333 O O   . HOH C 3 .   ? 8.250   9.867   2.895   1.00 20.00 ? 238 HOH B O   1 
HETATM 1334 O O   . HOH C 3 .   ? 5.818   -6.815  -10.587 1.00 20.00 ? 239 HOH B O   1 
HETATM 1335 O O   . HOH C 3 .   ? -13.107 -4.021  -5.149  1.00 20.00 ? 240 HOH B O   1 
HETATM 1336 O O   . HOH C 3 .   ? -13.051 0.895   9.172   1.00 20.00 ? 241 HOH B O   1 
HETATM 1337 O O   . HOH C 3 .   ? 10.806  11.842  -0.316  1.00 20.00 ? 242 HOH B O   1 
HETATM 1338 O O   . HOH C 3 .   ? 8.815   -4.595  -8.378  1.00 20.00 ? 243 HOH B O   1 
HETATM 1339 O O   . HOH C 3 .   ? 14.352  -28.350 -7.404  1.00 20.00 ? 244 HOH B O   1 
HETATM 1340 O O   . HOH C 3 .   ? -6.010  -8.384  2.732   1.00 20.00 ? 245 HOH B O   1 
HETATM 1341 O O   . HOH C 3 .   ? -9.584  7.600   -8.825  1.00 20.00 ? 246 HOH B O   1 
HETATM 1342 O O   . HOH C 3 .   ? -2.978  -5.665  4.103   1.00 20.00 ? 247 HOH B O   1 
HETATM 1343 O O   . HOH C 3 .   ? -11.908 -1.531  -6.423  1.00 20.00 ? 248 HOH B O   1 
HETATM 1344 O O   . HOH C 3 .   ? 6.283   1.656   2.839   1.00 20.00 ? 249 HOH B O   1 
HETATM 1345 O O   . HOH C 3 .   ? 15.825  -28.818 -9.555  1.00 20.00 ? 250 HOH B O   1 
HETATM 1346 O O   . HOH C 3 .   ? 13.592  10.241  -7.650  1.00 20.00 ? 251 HOH B O   1 
HETATM 1347 O O   . HOH C 3 .   ? -10.488 -0.456  12.906  1.00 20.00 ? 252 HOH B O   1 
HETATM 1348 O O   . HOH C 3 .   ? 3.746   -24.510 0.972   1.00 20.00 ? 253 HOH B O   1 
HETATM 1349 O O   . HOH C 3 .   ? -7.891  -6.397  8.226   1.00 20.00 ? 254 HOH B O   1 
HETATM 1350 O O   . HOH C 3 .   ? -0.259  14.314  6.690   1.00 20.00 ? 255 HOH B O   1 
HETATM 1351 O O   . HOH C 3 .   ? 14.300  -4.491  -4.557  1.00 20.00 ? 256 HOH B O   1 
HETATM 1352 O O   . HOH C 3 .   ? -7.486  10.445  14.007  1.00 20.00 ? 257 HOH B O   1 
HETATM 1353 O O   . HOH C 3 .   ? 12.395  -15.107 -2.161  1.00 20.00 ? 258 HOH B O   1 
HETATM 1354 O O   . HOH C 3 .   ? -16.988 -5.603  -7.198  1.00 20.00 ? 259 HOH B O   1 
HETATM 1355 O O   . HOH C 3 .   ? 4.768   15.399  4.856   1.00 20.00 ? 260 HOH B O   1 
HETATM 1356 O O   . HOH C 3 .   ? -6.463  -4.376  -8.181  1.00 20.00 ? 261 HOH B O   1 
HETATM 1357 O O   . HOH C 3 .   ? -8.913  14.131  7.421   1.00 20.00 ? 262 HOH B O   1 
HETATM 1358 O O   . HOH C 3 .   ? -5.064  3.744   -18.267 1.00 20.00 ? 263 HOH B O   1 
HETATM 1359 O O   . HOH C 3 .   ? 8.634   -3.442  2.631   1.00 20.00 ? 264 HOH B O   1 
HETATM 1360 O O   . HOH C 3 .   ? -17.847 7.171   -1.648  1.00 20.00 ? 265 HOH B O   1 
HETATM 1361 O O   . HOH C 3 .   ? -17.659 0.694   -2.722  1.00 20.00 ? 266 HOH B O   1 
HETATM 1362 O O   . HOH C 3 .   ? -19.540 7.706   3.872   1.00 20.00 ? 267 HOH B O   1 
HETATM 1363 O O   . HOH C 3 .   ? 4.374   24.875  22.398  1.00 20.00 ? 268 HOH B O   1 
HETATM 1364 O O   . HOH C 3 .   ? 9.831   -6.484  -11.163 1.00 20.00 ? 269 HOH B O   1 
HETATM 1365 O O   . HOH C 3 .   ? 1.883   -2.493  -16.422 1.00 20.00 ? 270 HOH B O   1 
HETATM 1366 O O   . HOH C 3 .   ? -3.537  -9.083  1.555   1.00 20.00 ? 271 HOH B O   1 
HETATM 1367 O O   . HOH C 3 .   ? 10.880  9.667   6.564   1.00 20.00 ? 272 HOH B O   1 
HETATM 1368 O O   . HOH C 3 .   ? -12.367 -0.131  11.532  1.00 20.00 ? 273 HOH B O   1 
HETATM 1369 O O   . HOH C 3 .   ? 7.836   17.517  -6.061  1.00 20.00 ? 274 HOH B O   1 
HETATM 1370 O O   . HOH C 3 .   ? -5.574  -23.111 0.872   1.00 20.00 ? 276 HOH B O   1 
HETATM 1371 O O   . HOH C 3 .   ? 7.474   -4.198  -10.577 1.00 20.00 ? 277 HOH B O   1 
HETATM 1372 O O   . HOH C 3 .   ? 10.779  -2.930  -9.514  1.00 20.00 ? 278 HOH B O   1 
HETATM 1373 O O   . HOH C 3 .   ? 13.229  -24.167 -1.646  1.00 20.00 ? 279 HOH B O   1 
HETATM 1374 O O   . HOH C 3 .   ? -8.133  -1.889  -11.518 1.00 20.00 ? 280 HOH B O   1 
HETATM 1375 O O   . HOH C 3 .   ? -2.266  -10.293 -9.908  1.00 20.00 ? 281 HOH B O   1 
HETATM 1376 O O   . HOH C 3 .   ? -2.972  -22.507 -4.192  1.00 20.00 ? 282 HOH B O   1 
HETATM 1377 O O   . HOH C 3 .   ? 10.239  -0.090  -10.180 1.00 20.00 ? 283 HOH B O   1 
HETATM 1378 O O   . HOH C 3 .   ? -3.053  2.047   -19.509 1.00 20.00 ? 284 HOH B O   1 
HETATM 1379 O O   . HOH C 3 .   ? 13.967  -10.197 -14.076 1.00 20.00 ? 285 HOH B O   1 
HETATM 1380 O O   . HOH C 3 .   ? -4.377  -10.990 -3.321  1.00 20.00 ? 286 HOH B O   1 
HETATM 1381 O O   . HOH C 3 .   ? -14.561 12.089  -4.584  1.00 20.00 ? 287 HOH B O   1 
HETATM 1382 O O   . HOH C 3 .   ? -6.030  18.005  -3.714  1.00 20.00 ? 288 HOH B O   1 
HETATM 1383 O O   . HOH C 3 .   ? 1.039   -7.151  1.992   1.00 20.00 ? 289 HOH B O   1 
HETATM 1384 O O   . HOH C 3 .   ? 14.369  -7.996  -5.603  1.00 20.00 ? 290 HOH B O   1 
HETATM 1385 O O   . HOH C 3 .   ? 12.425  1.032   -6.464  1.00 20.00 ? 291 HOH B O   1 
HETATM 1386 O O   . HOH C 3 .   ? 3.976   -25.426 4.673   1.00 20.00 ? 292 HOH B O   1 
HETATM 1387 O O   . HOH C 3 .   ? -18.213 -2.206  -5.574  1.00 20.00 ? 293 HOH B O   1 
HETATM 1388 O O   . HOH C 3 .   ? -9.185  22.669  21.186  1.00 20.00 ? 295 HOH B O   1 
HETATM 1389 O O   . HOH C 3 .   ? -6.071  22.268  15.298  1.00 20.00 ? 296 HOH B O   1 
HETATM 1390 O O   . HOH C 3 .   ? -3.739  -4.494  11.112  1.00 20.00 ? 297 HOH B O   1 
HETATM 1391 O O   . HOH C 3 .   ? 4.399   -20.279 -7.264  1.00 20.00 ? 298 HOH B O   1 
HETATM 1392 O O   . HOH C 3 .   ? 13.769  -10.212 -3.320  1.00 20.00 ? 299 HOH B O   1 
HETATM 1393 O O   . HOH C 3 .   ? 7.137   -1.822  -16.635 1.00 20.00 ? 300 HOH B O   1 
HETATM 1394 O O   . HOH C 3 .   ? 22.359  -31.114 1.905   1.00 20.00 ? 301 HOH B O   1 
HETATM 1395 O O   . HOH C 3 .   ? -19.117 7.858   -3.607  1.00 20.00 ? 302 HOH B O   1 
HETATM 1396 O O   . HOH C 3 .   ? -6.463  1.014   19.817  1.00 20.00 ? 303 HOH B O   1 
HETATM 1397 O O   . HOH C 3 .   ? -1.821  -4.372  -16.384 1.00 20.00 ? 304 HOH B O   1 
HETATM 1398 O O   . HOH C 3 .   ? -5.839  -18.603 -5.202  1.00 20.00 ? 305 HOH B O   1 
HETATM 1399 O O   . HOH C 3 .   ? 0.211   3.061   -21.040 1.00 20.00 ? 306 HOH B O   1 
HETATM 1400 O O   . HOH C 3 .   ? -3.251  -1.763  -19.730 1.00 20.00 ? 307 HOH B O   1 
HETATM 1401 O O   . HOH C 3 .   ? 12.530  5.529   1.980   1.00 20.00 ? 308 HOH B O   1 
HETATM 1402 O O   . HOH C 3 .   ? 7.440   -15.992 5.418   1.00 20.00 ? 309 HOH B O   1 
HETATM 1403 O O   . HOH C 3 .   ? 11.028  10.349  1.833   1.00 20.00 ? 310 HOH B O   1 
HETATM 1404 O O   . HOH C 3 .   ? 15.951  -9.507  -7.241  1.00 20.00 ? 311 HOH B O   1 
HETATM 1405 O O   . HOH C 3 .   ? -3.777  -6.036  -12.789 1.00 20.00 ? 312 HOH B O   1 
HETATM 1406 O O   . HOH C 3 .   ? 14.568  5.659   -2.041  1.00 20.00 ? 313 HOH B O   1 
HETATM 1407 O O   . HOH C 3 .   ? -2.032  -2.190  13.275  1.00 20.00 ? 314 HOH B O   1 
HETATM 1408 O O   . HOH C 3 .   ? 11.749  -25.529 0.043   1.00 20.00 ? 315 HOH B O   1 
HETATM 1409 O O   . HOH C 3 .   ? -10.430 9.396   -10.834 1.00 20.00 ? 318 HOH B O   1 
HETATM 1410 O O   . HOH C 3 .   ? 9.912   15.532  -12.415 1.00 20.00 ? 320 HOH B O   1 
HETATM 1411 O O   . HOH C 3 .   ? -4.092  -19.212 3.670   1.00 20.00 ? 321 HOH B O   1 
HETATM 1412 O O   . HOH C 3 .   ? -9.978  18.216  4.942   1.00 20.00 ? 322 HOH B O   1 
HETATM 1413 O O   . HOH C 3 .   ? 18.673  -23.995 3.707   1.00 20.00 ? 323 HOH B O   1 
HETATM 1414 O O   . HOH C 3 .   ? -9.979  25.071  16.002  1.00 20.00 ? 325 HOH B O   1 
HETATM 1415 O O   . HOH C 3 .   ? -3.014  21.752  17.769  1.00 20.00 ? 326 HOH B O   1 
HETATM 1416 O O   . HOH C 3 .   ? -6.027  -1.466  -16.900 1.00 20.00 ? 327 HOH B O   1 
HETATM 1417 O O   . HOH C 3 .   ? -6.202  7.065   -15.296 1.00 20.00 ? 328 HOH B O   1 
HETATM 1418 O O   . HOH C 3 .   ? -0.941  -25.095 7.812   1.00 20.00 ? 329 HOH B O   1 
HETATM 1419 O O   . HOH C 3 .   ? -7.817  -3.010  -6.285  1.00 20.00 ? 330 HOH B O   1 
HETATM 1420 O O   . HOH C 3 .   ? -5.392  -20.186 1.364   1.00 20.00 ? 331 HOH B O   1 
HETATM 1421 O O   . HOH C 3 .   ? 2.646   15.343  -14.747 1.00 20.00 ? 332 HOH B O   1 
HETATM 1422 O O   . HOH C 3 .   ? -0.187  17.337  26.327  1.00 20.00 ? 333 HOH B O   1 
HETATM 1423 O O   . HOH C 3 .   ? 13.220  -10.655 -6.624  1.00 20.00 ? 334 HOH B O   1 
HETATM 1424 O O   . HOH C 3 .   ? -0.119  -14.671 -15.800 1.00 20.00 ? 335 HOH B O   1 
HETATM 1425 O O   . HOH C 3 .   ? 2.536   -21.102 -5.805  1.00 20.00 ? 336 HOH B O   1 
HETATM 1426 O O   . HOH C 3 .   ? -1.470  -6.535  -15.139 1.00 20.00 ? 337 HOH B O   1 
HETATM 1427 O O   . HOH C 3 .   ? 0.912   -19.603 -4.034  1.00 20.00 ? 338 HOH B O   1 
HETATM 1428 O O   . HOH C 3 .   ? 4.170   14.377  8.780   1.00 20.00 ? 339 HOH B O   1 
HETATM 1429 O O   . HOH C 3 .   ? 1.471   -10.998 -11.329 1.00 20.00 ? 340 HOH B O   1 
HETATM 1430 O O   . HOH C 3 .   ? -6.751  1.582   -15.041 1.00 20.00 ? 341 HOH B O   1 
HETATM 1431 O O   . HOH C 3 .   ? 20.713  -28.332 2.449   1.00 20.00 ? 342 HOH B O   1 
HETATM 1432 O O   . HOH C 3 .   ? 14.970  -10.348 -9.607  1.00 20.00 ? 343 HOH B O   1 
HETATM 1433 O O   . HOH C 3 .   ? 6.137   7.704   19.258  1.00 20.00 ? 344 HOH B O   1 
HETATM 1434 O O   . HOH C 3 .   ? 11.382  11.679  -15.502 1.00 20.00 ? 345 HOH B O   1 
HETATM 1435 O O   . HOH C 3 .   ? 3.804   -0.925  -17.093 1.00 20.00 ? 347 HOH B O   1 
HETATM 1436 O O   . HOH C 3 .   ? 1.558   5.668   -17.768 1.00 20.00 ? 348 HOH B O   1 
HETATM 1437 O O   . HOH C 3 .   ? -7.577  -11.459 -2.587  1.00 20.00 ? 349 HOH B O   1 
HETATM 1438 O O   . HOH C 3 .   ? 23.912  -22.068 -3.345  1.00 20.00 ? 350 HOH B O   1 
HETATM 1439 O O   . HOH C 3 .   ? 7.481   -0.225  4.484   1.00 20.00 ? 351 HOH B O   1 
HETATM 1440 O O   . HOH D 3 .   ? 9.711   -7.493  5.150   1.00 20.00 ? 275 HOH C O   1 
HETATM 1441 O O   . HOH D 3 .   ? -7.122  -16.653 5.210   1.00 20.00 ? 294 HOH C O   1 
HETATM 1442 O O   . HOH D 3 .   ? -7.705  -10.304 1.853   1.00 20.00 ? 316 HOH C O   1 
HETATM 1443 O O   . HOH D 3 .   ? -7.368  -10.986 4.372   1.00 20.00 ? 317 HOH C O   1 
HETATM 1444 O O   . HOH D 3 .   ? -2.891  -15.474 10.136  1.00 20.00 ? 319 HOH C O   1 
HETATM 1445 O O   . HOH D 3 .   ? 2.674   -14.662 6.355   1.00 20.00 ? 324 HOH C O   1 
HETATM 1446 O O   . HOH D 3 .   ? -4.032  -16.807 4.633   1.00 20.00 ? 346 HOH C O   1 
# 
